data_8BEG
#
_entry.id   8BEG
#
_cell.length_a   76.000
_cell.length_b   87.500
_cell.length_c   224.800
_cell.angle_alpha   90.000
_cell.angle_beta   90.000
_cell.angle_gamma   90.000
#
_symmetry.space_group_name_H-M   'P 21 21 21'
#
loop_
_entity.id
_entity.type
_entity.pdbx_description
1 polymer PrgB
2 non-polymer 'MAGNESIUM ION'
3 water water
#
_entity_poly.entity_id   1
_entity_poly.type   'polypeptide(L)'
_entity_poly.pdbx_seq_one_letter_code
;PVLVPNKEVTDGQKNINDLNVKRGDSLQYIVTGDTTELAKVDPKTVTKQGIRDTFDAEKVTIDLSKVKVYQADASLNEKD
LKAVAAAINSGKAKDVTASYDLNLDQNTVTAMMKTNADGSVVLAMGYKYLLVLPFVVKNVEGDFENTAVQLTNDGETVTN
TVINHVPSSNPSKDVKADKNGTVGSVSLHDKDIPLQTKIYYEVKSSERPANYGGITEEWGMNDVLDTTHDRFTGKWHAIT
NYDLKVGDKTLKAGTDISAYILLENKDNKDLTFTMNQALLAALNEGSNKVGKQAWSVYLEVERIKTGDVENTQTENYNKE
LVRSNTVVTHTPDDPKPTKAVHNKKGEDINHGKVARGDVLSYEMTWDLKGYDKDFAFDTVDLATGVSFFDDYDETKVTPI
KDLLRVKDSKGVDITNQFTISWDDAKGTVTISAKDPQAFILAYGGQELRVTLPTKVKADVSGDVYNSAEQNTFGQRIKTN
TVVNHIPKVNPKKDVVIKVGDKQSQNGATIKLGEKFFYEFTSSDIPAEYAGVVEEWSISDKLDVKHDKFSGQWSVFANSN
FVLADGTKVNKGDDISKLFTMTFDKGVVKITASQAFLDAMNLKENKNVAHSWKAFIGVERIAAGDVYNTIEESFNNEKIK
TNTVVTHTPE
;
_entity_poly.pdbx_strand_id   A,B
#
loop_
_chem_comp.id
_chem_comp.type
_chem_comp.name
_chem_comp.formula
MG non-polymer 'MAGNESIUM ION' 'Mg 2'
#
# COMPACT_ATOMS: atom_id res chain seq x y z
N PRO A 1 6.45 -51.24 -79.22
CA PRO A 1 6.66 -49.83 -78.84
C PRO A 1 7.33 -49.71 -77.47
N VAL A 2 7.22 -48.53 -76.83
CA VAL A 2 7.65 -48.35 -75.45
C VAL A 2 6.69 -47.37 -74.79
N LEU A 3 6.46 -47.56 -73.49
CA LEU A 3 5.46 -46.82 -72.75
C LEU A 3 6.04 -46.33 -71.43
N VAL A 4 5.77 -45.07 -71.10
CA VAL A 4 6.18 -44.51 -69.81
C VAL A 4 4.98 -43.95 -69.07
N PRO A 5 4.42 -44.71 -68.14
CA PRO A 5 3.27 -44.21 -67.36
C PRO A 5 3.76 -43.32 -66.25
N ASN A 6 2.90 -42.40 -65.85
CA ASN A 6 3.22 -41.38 -64.87
C ASN A 6 2.24 -41.44 -63.70
N LYS A 7 2.74 -41.15 -62.50
CA LYS A 7 1.93 -41.13 -61.28
C LYS A 7 2.22 -39.83 -60.55
N GLU A 8 1.16 -39.13 -60.15
CA GLU A 8 1.28 -37.85 -59.46
C GLU A 8 0.40 -37.87 -58.23
N VAL A 9 0.71 -37.01 -57.27
CA VAL A 9 -0.11 -36.79 -56.10
C VAL A 9 -0.43 -35.30 -56.02
N THR A 10 -1.69 -34.98 -55.72
CA THR A 10 -2.18 -33.61 -55.88
C THR A 10 -3.18 -33.30 -54.77
N ASP A 11 -3.24 -32.02 -54.40
CA ASP A 11 -4.34 -31.49 -53.61
C ASP A 11 -5.53 -31.11 -54.48
N GLY A 12 -5.43 -31.29 -55.79
CA GLY A 12 -6.44 -30.90 -56.74
C GLY A 12 -6.01 -29.78 -57.66
N GLN A 13 -5.00 -29.00 -57.26
CA GLN A 13 -4.47 -27.91 -58.05
C GLN A 13 -2.99 -28.02 -58.35
N LYS A 14 -2.22 -28.72 -57.52
CA LYS A 14 -0.77 -28.63 -57.57
C LYS A 14 -0.14 -30.00 -57.33
N ASN A 15 1.08 -30.17 -57.83
CA ASN A 15 1.92 -31.30 -57.47
C ASN A 15 2.37 -31.18 -56.03
N ILE A 16 2.02 -32.17 -55.21
CA ILE A 16 2.37 -32.15 -53.79
C ILE A 16 3.30 -33.31 -53.43
N ASN A 17 4.04 -33.83 -54.41
CA ASN A 17 4.99 -34.90 -54.12
C ASN A 17 6.02 -34.42 -53.12
N ASP A 18 6.35 -35.28 -52.15
CA ASP A 18 7.35 -35.05 -51.10
C ASP A 18 6.93 -34.02 -50.06
N LEU A 19 5.74 -33.43 -50.16
CA LEU A 19 5.33 -32.42 -49.18
C LEU A 19 4.71 -33.09 -47.95
N ASN A 20 4.52 -32.28 -46.91
CA ASN A 20 3.96 -32.72 -45.66
C ASN A 20 2.43 -32.63 -45.72
N VAL A 21 1.77 -33.57 -45.04
CA VAL A 21 0.31 -33.59 -44.97
C VAL A 21 -0.12 -33.77 -43.51
N LYS A 22 -1.44 -33.70 -43.29
CA LYS A 22 -2.02 -33.70 -41.96
C LYS A 22 -3.27 -34.58 -41.94
N ARG A 23 -3.58 -35.08 -40.74
CA ARG A 23 -4.73 -35.95 -40.54
C ARG A 23 -5.98 -35.38 -41.20
N GLY A 24 -6.70 -36.25 -41.92
CA GLY A 24 -7.95 -35.86 -42.55
C GLY A 24 -7.83 -35.08 -43.84
N ASP A 25 -6.62 -34.79 -44.33
CA ASP A 25 -6.47 -34.15 -45.62
C ASP A 25 -7.17 -34.96 -46.71
N SER A 26 -7.73 -34.24 -47.68
CA SER A 26 -8.54 -34.80 -48.75
C SER A 26 -7.77 -34.57 -50.05
N LEU A 27 -7.15 -35.63 -50.59
CA LEU A 27 -6.22 -35.48 -51.70
C LEU A 27 -6.47 -36.52 -52.80
N GLN A 28 -5.64 -36.53 -53.85
CA GLN A 28 -5.84 -37.44 -54.97
C GLN A 28 -4.51 -37.94 -55.51
N TYR A 29 -4.48 -39.22 -55.89
CA TYR A 29 -3.44 -39.76 -56.76
C TYR A 29 -3.97 -39.79 -58.19
N ILE A 30 -3.11 -39.50 -59.15
CA ILE A 30 -3.50 -39.54 -60.56
C ILE A 30 -2.45 -40.35 -61.32
N VAL A 31 -2.89 -41.40 -62.00
CA VAL A 31 -2.01 -42.26 -62.79
C VAL A 31 -2.43 -42.11 -64.25
N THR A 32 -1.49 -41.70 -65.09
CA THR A 32 -1.75 -41.45 -66.50
C THR A 32 -1.15 -42.59 -67.32
N GLY A 33 -2.00 -43.30 -68.06
CA GLY A 33 -1.54 -44.28 -69.03
C GLY A 33 -1.73 -43.75 -70.43
N ASP A 34 -0.64 -43.29 -71.05
CA ASP A 34 -0.74 -42.82 -72.42
C ASP A 34 -0.90 -43.99 -73.37
N THR A 35 -1.82 -43.85 -74.32
CA THR A 35 -2.03 -44.86 -75.35
C THR A 35 -1.80 -44.27 -76.74
N THR A 36 -0.94 -43.24 -76.85
CA THR A 36 -0.72 -42.63 -78.15
C THR A 36 0.08 -43.55 -79.07
N GLU A 37 1.11 -44.21 -78.55
CA GLU A 37 1.86 -45.17 -79.36
C GLU A 37 0.99 -46.35 -79.79
N LEU A 38 0.01 -46.73 -78.97
CA LEU A 38 -0.90 -47.82 -79.31
C LEU A 38 -1.95 -47.43 -80.34
N ALA A 39 -2.10 -46.13 -80.64
CA ALA A 39 -3.05 -45.72 -81.66
C ALA A 39 -2.64 -46.17 -83.06
N LYS A 40 -1.36 -46.49 -83.25
CA LYS A 40 -0.87 -46.84 -84.59
C LYS A 40 -1.20 -48.29 -84.94
N VAL A 41 -1.34 -49.16 -83.95
CA VAL A 41 -1.60 -50.57 -84.20
C VAL A 41 -3.09 -50.78 -84.43
N ASP A 42 -3.42 -51.97 -84.94
CA ASP A 42 -4.80 -52.40 -85.12
C ASP A 42 -5.50 -52.45 -83.76
N PRO A 43 -6.58 -51.69 -83.56
CA PRO A 43 -7.24 -51.68 -82.24
C PRO A 43 -7.73 -53.06 -81.79
N LYS A 44 -7.94 -53.99 -82.72
CA LYS A 44 -8.36 -55.33 -82.35
C LYS A 44 -7.27 -56.10 -81.61
N THR A 45 -6.02 -55.68 -81.76
CA THR A 45 -4.89 -56.35 -81.10
C THR A 45 -4.58 -55.79 -79.72
N VAL A 46 -5.35 -54.81 -79.26
CA VAL A 46 -5.24 -54.30 -77.89
C VAL A 46 -6.34 -54.98 -77.09
N THR A 47 -5.97 -56.01 -76.33
CA THR A 47 -6.97 -56.81 -75.61
C THR A 47 -6.89 -56.67 -74.11
N LYS A 48 -5.95 -55.88 -73.58
CA LYS A 48 -5.88 -55.66 -72.15
C LYS A 48 -5.24 -54.30 -71.93
N GLN A 49 -5.91 -53.46 -71.17
CA GLN A 49 -5.41 -52.11 -70.91
C GLN A 49 -5.88 -51.67 -69.53
N GLY A 50 -4.96 -51.24 -68.67
CA GLY A 50 -5.39 -50.84 -67.34
C GLY A 50 -4.22 -50.45 -66.45
N ILE A 51 -4.55 -50.23 -65.18
CA ILE A 51 -3.57 -49.81 -64.17
C ILE A 51 -3.80 -50.62 -62.89
N ARG A 52 -2.70 -51.08 -62.29
CA ARG A 52 -2.71 -51.67 -60.95
C ARG A 52 -1.95 -50.73 -60.01
N ASP A 53 -2.66 -50.13 -59.04
CA ASP A 53 -2.07 -49.14 -58.15
C ASP A 53 -1.86 -49.74 -56.76
N THR A 54 -0.69 -49.48 -56.17
CA THR A 54 -0.35 -50.01 -54.86
C THR A 54 -0.14 -48.86 -53.88
N PHE A 55 -1.08 -48.70 -52.95
CA PHE A 55 -1.07 -47.58 -51.99
C PHE A 55 -0.90 -48.11 -50.58
N ASP A 56 -0.84 -47.20 -49.61
CA ASP A 56 -0.64 -47.57 -48.21
C ASP A 56 -2.00 -47.49 -47.51
N ALA A 57 -2.69 -48.64 -47.41
CA ALA A 57 -4.01 -48.64 -46.78
C ALA A 57 -3.93 -48.46 -45.27
N GLU A 58 -2.74 -48.62 -44.68
CA GLU A 58 -2.58 -48.38 -43.26
C GLU A 58 -2.54 -46.90 -42.94
N LYS A 59 -2.29 -46.06 -43.95
CA LYS A 59 -2.06 -44.62 -43.78
C LYS A 59 -3.07 -43.73 -44.50
N VAL A 60 -3.65 -44.17 -45.62
CA VAL A 60 -4.69 -43.42 -46.30
C VAL A 60 -5.87 -44.34 -46.55
N THR A 61 -7.03 -43.74 -46.80
CA THR A 61 -8.27 -44.46 -47.07
C THR A 61 -8.75 -44.10 -48.47
N ILE A 62 -9.09 -45.11 -49.27
CA ILE A 62 -9.64 -44.90 -50.60
C ILE A 62 -11.02 -45.54 -50.64
N ASP A 63 -12.00 -44.79 -51.14
CA ASP A 63 -13.37 -45.26 -51.32
C ASP A 63 -13.51 -45.61 -52.79
N LEU A 64 -13.85 -46.86 -53.08
CA LEU A 64 -13.85 -47.29 -54.49
C LEU A 64 -14.91 -46.54 -55.30
N SER A 65 -16.01 -46.14 -54.66
CA SER A 65 -17.06 -45.45 -55.40
C SER A 65 -16.67 -44.04 -55.85
N LYS A 66 -15.52 -43.53 -55.41
CA LYS A 66 -15.05 -42.22 -55.85
C LYS A 66 -13.88 -42.31 -56.84
N VAL A 67 -13.42 -43.53 -57.14
CA VAL A 67 -12.38 -43.74 -58.15
C VAL A 67 -12.97 -43.51 -59.54
N LYS A 68 -12.30 -42.69 -60.35
CA LYS A 68 -12.78 -42.35 -61.68
C LYS A 68 -11.66 -42.53 -62.70
N VAL A 69 -12.05 -42.76 -63.96
CA VAL A 69 -11.12 -42.69 -65.09
C VAL A 69 -11.63 -41.65 -66.08
N TYR A 70 -10.73 -40.78 -66.55
CA TYR A 70 -11.09 -39.77 -67.52
C TYR A 70 -10.33 -39.99 -68.82
N GLN A 71 -10.98 -39.68 -69.93
CA GLN A 71 -10.40 -39.80 -71.27
C GLN A 71 -9.98 -38.40 -71.70
N ALA A 72 -8.67 -38.17 -71.73
CA ALA A 72 -8.13 -36.85 -71.97
C ALA A 72 -7.44 -36.79 -73.31
N ASP A 73 -7.57 -35.63 -73.97
CA ASP A 73 -6.73 -35.31 -75.12
C ASP A 73 -5.27 -35.62 -74.83
N ALA A 74 -4.63 -36.28 -75.79
CA ALA A 74 -3.21 -36.61 -75.64
C ALA A 74 -2.34 -35.38 -75.50
N SER A 75 -2.84 -34.20 -75.87
CA SER A 75 -2.07 -32.97 -75.71
C SER A 75 -2.19 -32.37 -74.30
N LEU A 76 -3.14 -32.84 -73.49
CA LEU A 76 -3.21 -32.39 -72.09
C LEU A 76 -1.92 -32.76 -71.36
N ASN A 77 -1.35 -31.78 -70.66
CA ASN A 77 -0.14 -31.99 -69.88
C ASN A 77 -0.55 -32.42 -68.49
N GLU A 78 -0.46 -33.73 -68.21
CA GLU A 78 -0.94 -34.20 -66.92
C GLU A 78 -0.10 -33.68 -65.76
N LYS A 79 1.04 -33.05 -66.06
CA LYS A 79 1.86 -32.39 -65.03
C LYS A 79 1.33 -31.02 -64.65
N ASP A 80 0.45 -30.44 -65.46
CA ASP A 80 -0.23 -29.18 -65.11
C ASP A 80 -1.53 -29.56 -64.40
N LEU A 81 -1.43 -29.73 -63.08
CA LEU A 81 -2.56 -30.23 -62.31
C LEU A 81 -3.73 -29.25 -62.27
N LYS A 82 -3.48 -27.96 -62.41
CA LYS A 82 -4.57 -27.01 -62.60
C LYS A 82 -5.31 -27.29 -63.90
N ALA A 83 -4.56 -27.59 -64.97
CA ALA A 83 -5.20 -27.90 -66.25
C ALA A 83 -6.00 -29.19 -66.16
N VAL A 84 -5.46 -30.20 -65.47
CA VAL A 84 -6.18 -31.46 -65.27
C VAL A 84 -7.50 -31.20 -64.56
N ALA A 85 -7.48 -30.42 -63.47
CA ALA A 85 -8.70 -30.19 -62.70
C ALA A 85 -9.76 -29.44 -63.50
N ALA A 86 -9.34 -28.50 -64.35
CA ALA A 86 -10.31 -27.80 -65.19
C ALA A 86 -10.94 -28.72 -66.22
N ALA A 87 -10.13 -29.58 -66.86
CA ALA A 87 -10.66 -30.50 -67.85
C ALA A 87 -11.64 -31.49 -67.22
N ILE A 88 -11.38 -31.91 -65.98
CA ILE A 88 -12.29 -32.81 -65.29
C ILE A 88 -13.61 -32.12 -64.96
N ASN A 89 -13.54 -30.85 -64.54
CA ASN A 89 -14.73 -30.15 -64.08
C ASN A 89 -15.64 -29.77 -65.25
N SER A 90 -15.08 -29.44 -66.41
CA SER A 90 -15.90 -29.03 -67.55
C SER A 90 -16.42 -30.22 -68.35
N GLY A 91 -15.83 -31.39 -68.18
CA GLY A 91 -16.12 -32.51 -69.05
C GLY A 91 -15.26 -32.58 -70.28
N LYS A 92 -14.29 -31.66 -70.44
CA LYS A 92 -13.36 -31.74 -71.56
C LYS A 92 -12.53 -33.01 -71.49
N ALA A 93 -12.21 -33.47 -70.29
CA ALA A 93 -11.72 -34.82 -70.07
C ALA A 93 -12.93 -35.66 -69.71
N LYS A 94 -13.30 -36.57 -70.61
CA LYS A 94 -14.57 -37.26 -70.49
C LYS A 94 -14.50 -38.35 -69.43
N ASP A 95 -15.52 -38.40 -68.57
CA ASP A 95 -15.63 -39.46 -67.58
C ASP A 95 -16.02 -40.76 -68.28
N VAL A 96 -15.09 -41.71 -68.33
CA VAL A 96 -15.33 -43.01 -68.95
C VAL A 96 -15.32 -44.14 -67.91
N THR A 97 -15.58 -43.82 -66.64
CA THR A 97 -15.52 -44.84 -65.58
C THR A 97 -16.46 -46.00 -65.88
N ALA A 98 -17.56 -45.74 -66.62
CA ALA A 98 -18.52 -46.80 -66.93
C ALA A 98 -17.94 -47.86 -67.84
N SER A 99 -16.83 -47.57 -68.52
CA SER A 99 -16.18 -48.51 -69.43
C SER A 99 -15.02 -49.25 -68.80
N TYR A 100 -14.89 -49.17 -67.47
CA TYR A 100 -13.82 -49.82 -66.74
C TYR A 100 -14.38 -50.78 -65.70
N ASP A 101 -13.57 -51.78 -65.38
CA ASP A 101 -13.82 -52.72 -64.29
C ASP A 101 -12.87 -52.33 -63.16
N LEU A 102 -13.43 -51.88 -62.03
CA LEU A 102 -12.65 -51.38 -60.90
C LEU A 102 -12.73 -52.36 -59.73
N ASN A 103 -11.64 -52.45 -58.97
CA ASN A 103 -11.58 -53.34 -57.81
C ASN A 103 -10.59 -52.82 -56.78
N LEU A 104 -10.96 -52.90 -55.51
CA LEU A 104 -10.11 -52.53 -54.39
C LEU A 104 -9.88 -53.74 -53.51
N ASP A 105 -8.62 -54.13 -53.34
CA ASP A 105 -8.25 -55.28 -52.50
C ASP A 105 -7.07 -54.85 -51.62
N GLN A 106 -7.36 -54.58 -50.35
CA GLN A 106 -6.36 -54.14 -49.37
C GLN A 106 -5.57 -52.94 -49.88
N ASN A 107 -4.31 -53.16 -50.23
CA ASN A 107 -3.40 -52.09 -50.66
C ASN A 107 -3.43 -51.85 -52.16
N THR A 108 -4.37 -52.46 -52.89
CA THR A 108 -4.29 -52.46 -54.35
C THR A 108 -5.63 -52.02 -54.94
N VAL A 109 -5.56 -51.10 -55.90
CA VAL A 109 -6.69 -50.73 -56.76
C VAL A 109 -6.35 -51.13 -58.18
N THR A 110 -7.26 -51.85 -58.84
CA THR A 110 -7.10 -52.20 -60.24
C THR A 110 -8.23 -51.58 -61.06
N ALA A 111 -7.86 -51.03 -62.22
CA ALA A 111 -8.81 -50.43 -63.17
C ALA A 111 -8.46 -50.98 -64.55
N MET A 112 -9.30 -51.86 -65.08
CA MET A 112 -9.10 -52.48 -66.39
C MET A 112 -10.22 -52.06 -67.35
N MET A 113 -9.86 -51.68 -68.57
CA MET A 113 -10.88 -51.37 -69.57
C MET A 113 -11.71 -52.61 -69.86
N LYS A 114 -13.00 -52.40 -70.07
CA LYS A 114 -13.87 -53.46 -70.56
C LYS A 114 -13.50 -53.82 -71.99
N THR A 115 -13.99 -54.97 -72.45
CA THR A 115 -13.63 -55.51 -73.75
C THR A 115 -14.89 -55.88 -74.54
N ASN A 116 -14.78 -55.79 -75.86
CA ASN A 116 -15.88 -56.17 -76.75
C ASN A 116 -15.96 -57.70 -76.82
N ALA A 117 -16.85 -58.20 -77.67
CA ALA A 117 -17.01 -59.65 -77.81
C ALA A 117 -15.72 -60.31 -78.29
N ASP A 118 -15.02 -59.67 -79.23
CA ASP A 118 -13.77 -60.19 -79.79
C ASP A 118 -12.58 -60.08 -78.85
N GLY A 119 -12.76 -59.54 -77.64
CA GLY A 119 -11.66 -59.40 -76.72
C GLY A 119 -10.97 -58.05 -76.73
N SER A 120 -11.26 -57.18 -77.70
CA SER A 120 -10.58 -55.90 -77.78
C SER A 120 -11.20 -54.89 -76.82
N VAL A 121 -10.34 -54.02 -76.25
CA VAL A 121 -10.80 -53.03 -75.30
C VAL A 121 -11.82 -52.09 -75.94
N VAL A 122 -12.78 -51.63 -75.13
CA VAL A 122 -13.92 -50.86 -75.64
C VAL A 122 -13.60 -49.39 -75.89
N LEU A 123 -12.46 -48.88 -75.43
CA LEU A 123 -12.13 -47.47 -75.52
C LEU A 123 -11.06 -47.21 -76.57
N ALA A 124 -11.18 -46.07 -77.25
CA ALA A 124 -10.26 -45.73 -78.34
C ALA A 124 -8.85 -45.52 -77.83
N MET A 125 -7.89 -46.04 -78.59
CA MET A 125 -6.49 -45.69 -78.33
C MET A 125 -6.19 -44.32 -78.90
N GLY A 126 -5.11 -43.71 -78.42
CA GLY A 126 -4.73 -42.38 -78.83
C GLY A 126 -5.16 -41.28 -77.89
N TYR A 127 -5.63 -41.63 -76.70
CA TYR A 127 -5.96 -40.68 -75.64
C TYR A 127 -5.08 -40.97 -74.43
N LYS A 128 -4.98 -39.99 -73.56
CA LYS A 128 -4.43 -40.20 -72.23
C LYS A 128 -5.58 -40.58 -71.31
N TYR A 129 -5.42 -41.68 -70.56
CA TYR A 129 -6.43 -42.13 -69.62
C TYR A 129 -5.90 -41.85 -68.22
N LEU A 130 -6.60 -40.98 -67.50
CA LEU A 130 -6.20 -40.56 -66.16
C LEU A 130 -7.06 -41.29 -65.15
N LEU A 131 -6.45 -42.15 -64.36
CA LEU A 131 -7.11 -42.80 -63.24
C LEU A 131 -6.95 -41.89 -62.03
N VAL A 132 -8.07 -41.54 -61.39
CA VAL A 132 -8.07 -40.61 -60.26
C VAL A 132 -8.50 -41.39 -59.03
N LEU A 133 -7.61 -41.42 -58.02
CA LEU A 133 -7.81 -42.13 -56.76
C LEU A 133 -7.87 -41.13 -55.62
N PRO A 134 -9.05 -40.62 -55.26
CA PRO A 134 -9.14 -39.73 -54.08
C PRO A 134 -8.89 -40.51 -52.81
N PHE A 135 -8.16 -39.89 -51.88
CA PHE A 135 -7.86 -40.56 -50.62
C PHE A 135 -7.94 -39.56 -49.47
N VAL A 136 -8.12 -40.08 -48.26
CA VAL A 136 -8.14 -39.27 -47.04
C VAL A 136 -7.04 -39.77 -46.13
N VAL A 137 -6.21 -38.85 -45.63
CA VAL A 137 -5.13 -39.20 -44.73
C VAL A 137 -5.70 -39.57 -43.37
N LYS A 138 -5.22 -40.68 -42.81
CA LYS A 138 -5.61 -41.05 -41.46
C LYS A 138 -4.74 -40.33 -40.43
N ASN A 139 -5.07 -40.50 -39.15
CA ASN A 139 -4.29 -39.90 -38.06
C ASN A 139 -3.10 -40.81 -37.76
N VAL A 140 -2.06 -40.68 -38.58
CA VAL A 140 -0.91 -41.56 -38.52
C VAL A 140 0.36 -40.70 -38.46
N GLU A 141 1.51 -41.39 -38.46
CA GLU A 141 2.80 -40.73 -38.43
C GLU A 141 3.67 -41.31 -39.54
N GLY A 142 4.70 -40.56 -39.93
CA GLY A 142 5.67 -41.08 -40.87
C GLY A 142 5.21 -40.94 -42.32
N ASP A 143 5.83 -41.74 -43.18
CA ASP A 143 5.66 -41.59 -44.62
C ASP A 143 4.65 -42.59 -45.18
N PHE A 144 4.08 -42.23 -46.34
CA PHE A 144 3.34 -43.17 -47.15
C PHE A 144 3.63 -42.92 -48.62
N GLU A 145 3.76 -44.01 -49.38
CA GLU A 145 4.17 -43.99 -50.78
C GLU A 145 3.08 -44.58 -51.67
N ASN A 146 3.13 -44.23 -52.95
CA ASN A 146 2.26 -44.80 -53.98
C ASN A 146 3.04 -45.07 -55.25
N THR A 147 2.77 -46.23 -55.87
CA THR A 147 3.31 -46.60 -57.16
C THR A 147 2.25 -47.37 -57.93
N ALA A 148 2.30 -47.28 -59.25
CA ALA A 148 1.34 -47.97 -60.11
C ALA A 148 2.09 -48.66 -61.24
N VAL A 149 1.39 -49.57 -61.90
CA VAL A 149 1.87 -50.29 -63.08
C VAL A 149 0.81 -50.19 -64.16
N GLN A 150 1.23 -49.83 -65.38
CA GLN A 150 0.33 -49.82 -66.54
C GLN A 150 0.40 -51.17 -67.24
N LEU A 151 -0.77 -51.76 -67.49
CA LEU A 151 -0.85 -53.07 -68.12
C LEU A 151 -1.27 -52.89 -69.58
N THR A 152 -0.47 -53.43 -70.50
CA THR A 152 -0.75 -53.41 -71.93
C THR A 152 -0.55 -54.84 -72.45
N ASN A 153 -1.63 -55.48 -72.87
CA ASN A 153 -1.62 -56.93 -73.14
C ASN A 153 -0.84 -57.66 -72.06
N ASP A 154 0.26 -58.33 -72.43
CA ASP A 154 1.05 -59.09 -71.46
C ASP A 154 2.23 -58.30 -70.90
N GLY A 155 2.34 -57.02 -71.22
CA GLY A 155 3.42 -56.19 -70.73
C GLY A 155 3.02 -55.36 -69.52
N GLU A 156 4.01 -55.00 -68.71
CA GLU A 156 3.80 -54.16 -67.53
C GLU A 156 4.93 -53.16 -67.42
N THR A 157 4.58 -51.90 -67.16
CA THR A 157 5.57 -50.84 -66.99
C THR A 157 5.26 -50.12 -65.69
N VAL A 158 6.27 -49.98 -64.84
CA VAL A 158 6.06 -49.36 -63.55
C VAL A 158 6.15 -47.84 -63.68
N THR A 159 5.35 -47.14 -62.88
CA THR A 159 5.44 -45.69 -62.83
C THR A 159 6.48 -45.27 -61.79
N ASN A 160 6.75 -43.97 -61.77
CA ASN A 160 7.49 -43.39 -60.67
C ASN A 160 6.74 -43.63 -59.35
N THR A 161 7.46 -43.46 -58.25
CA THR A 161 6.91 -43.58 -56.90
C THR A 161 6.79 -42.19 -56.30
N VAL A 162 5.66 -41.89 -55.68
CA VAL A 162 5.47 -40.64 -54.98
C VAL A 162 5.34 -40.93 -53.48
N ILE A 163 5.57 -39.89 -52.67
CA ILE A 163 5.69 -40.06 -51.23
C ILE A 163 5.21 -38.79 -50.56
N ASN A 164 4.61 -38.94 -49.38
CA ASN A 164 4.27 -37.81 -48.51
C ASN A 164 4.64 -38.17 -47.08
N HIS A 165 4.70 -37.15 -46.22
CA HIS A 165 5.10 -37.30 -44.83
C HIS A 165 4.00 -36.80 -43.90
N VAL A 166 3.83 -37.44 -42.76
CA VAL A 166 2.85 -36.99 -41.78
C VAL A 166 3.56 -36.57 -40.51
N PRO A 167 4.15 -35.38 -40.45
CA PRO A 167 4.84 -34.96 -39.22
C PRO A 167 3.88 -34.89 -38.04
N SER A 168 4.38 -35.26 -36.86
CA SER A 168 3.57 -35.40 -35.67
C SER A 168 3.45 -34.06 -34.94
N SER A 169 2.24 -33.75 -34.48
CA SER A 169 1.98 -32.53 -33.72
C SER A 169 0.62 -32.65 -33.05
N ASN A 170 0.58 -32.45 -31.72
CA ASN A 170 -0.64 -32.63 -30.94
C ASN A 170 -1.15 -31.31 -30.41
N PRO A 171 -2.47 -31.20 -30.21
CA PRO A 171 -3.02 -30.02 -29.51
C PRO A 171 -2.61 -30.02 -28.05
N SER A 172 -2.85 -28.91 -27.38
CA SER A 172 -2.45 -28.80 -25.98
C SER A 172 -3.37 -27.84 -25.25
N LYS A 173 -3.32 -27.91 -23.92
CA LYS A 173 -4.04 -26.96 -23.08
C LYS A 173 -3.13 -26.47 -21.96
N ASP A 174 -3.33 -25.23 -21.55
CA ASP A 174 -2.60 -24.64 -20.45
C ASP A 174 -3.55 -23.71 -19.71
N VAL A 175 -3.06 -23.12 -18.62
CA VAL A 175 -3.87 -22.22 -17.81
C VAL A 175 -3.00 -21.02 -17.45
N LYS A 176 -3.53 -19.83 -17.69
CA LYS A 176 -2.78 -18.59 -17.58
C LYS A 176 -3.56 -17.62 -16.70
N ALA A 177 -2.84 -16.72 -16.02
CA ALA A 177 -3.48 -15.71 -15.21
C ALA A 177 -4.25 -14.72 -16.08
N ASP A 178 -5.27 -14.12 -15.50
CA ASP A 178 -6.13 -13.14 -16.16
C ASP A 178 -6.08 -11.86 -15.33
N LYS A 179 -5.14 -10.97 -15.66
CA LYS A 179 -4.98 -9.72 -14.89
C LYS A 179 -5.53 -8.57 -15.73
N ASN A 180 -6.72 -8.09 -15.33
CA ASN A 180 -7.38 -6.97 -15.99
C ASN A 180 -7.71 -7.30 -17.44
N GLY A 181 -7.86 -8.59 -17.76
CA GLY A 181 -8.15 -9.03 -19.10
C GLY A 181 -6.93 -9.42 -19.92
N THR A 182 -5.73 -9.04 -19.50
CA THR A 182 -4.53 -9.44 -20.22
C THR A 182 -4.07 -10.82 -19.77
N VAL A 183 -3.39 -11.53 -20.68
CA VAL A 183 -3.00 -12.91 -20.44
C VAL A 183 -1.63 -12.92 -19.77
N GLY A 184 -1.54 -13.64 -18.65
CA GLY A 184 -0.27 -13.86 -18.01
C GLY A 184 0.63 -14.75 -18.85
N SER A 185 1.90 -14.81 -18.44
CA SER A 185 2.89 -15.61 -19.11
C SER A 185 3.36 -16.79 -18.27
N VAL A 186 2.79 -16.98 -17.08
CA VAL A 186 3.19 -18.07 -16.19
C VAL A 186 2.09 -19.11 -16.20
N SER A 187 2.46 -20.36 -16.51
CA SER A 187 1.53 -21.47 -16.47
C SER A 187 1.08 -21.73 -15.04
N LEU A 188 -0.24 -21.76 -14.83
CA LEU A 188 -0.82 -22.02 -13.52
C LEU A 188 -1.10 -23.50 -13.28
N HIS A 189 -0.54 -24.38 -14.11
N HIS A 189 -0.45 -24.37 -14.06
CA HIS A 189 -0.78 -25.82 -13.96
CA HIS A 189 -0.72 -25.82 -13.94
C HIS A 189 -0.37 -26.28 -12.56
C HIS A 189 -0.35 -26.33 -12.54
N ASP A 190 -1.28 -27.00 -11.89
CA ASP A 190 -1.06 -27.58 -10.56
C ASP A 190 -0.88 -26.52 -9.48
N LYS A 191 -1.33 -25.29 -9.72
CA LYS A 191 -1.20 -24.24 -8.72
C LYS A 191 -2.52 -24.04 -7.99
N ASP A 192 -2.47 -23.26 -6.91
CA ASP A 192 -3.61 -22.99 -6.04
C ASP A 192 -4.25 -21.67 -6.47
N ILE A 193 -5.54 -21.71 -6.79
CA ILE A 193 -6.28 -20.59 -7.34
C ILE A 193 -7.44 -20.27 -6.41
N PRO A 194 -7.46 -19.09 -5.79
CA PRO A 194 -8.54 -18.76 -4.85
C PRO A 194 -9.89 -18.68 -5.54
N LEU A 195 -10.94 -18.90 -4.73
CA LEU A 195 -12.31 -18.65 -5.18
C LEU A 195 -12.43 -17.21 -5.70
N GLN A 196 -13.31 -17.03 -6.68
CA GLN A 196 -13.58 -15.77 -7.38
C GLN A 196 -12.42 -15.28 -8.26
N THR A 197 -11.35 -16.03 -8.39
CA THR A 197 -10.30 -15.66 -9.35
C THR A 197 -10.79 -15.91 -10.77
N LYS A 198 -10.53 -14.95 -11.64
CA LYS A 198 -10.72 -15.15 -13.07
C LYS A 198 -9.41 -15.61 -13.69
N ILE A 199 -9.46 -16.73 -14.42
CA ILE A 199 -8.27 -17.26 -15.09
C ILE A 199 -8.60 -17.47 -16.56
N TYR A 200 -7.54 -17.64 -17.36
CA TYR A 200 -7.67 -17.95 -18.77
C TYR A 200 -7.34 -19.43 -18.98
N TYR A 201 -8.26 -20.15 -19.60
CA TYR A 201 -7.88 -21.43 -20.15
C TYR A 201 -7.26 -21.18 -21.52
N GLU A 202 -6.12 -21.80 -21.77
CA GLU A 202 -5.41 -21.63 -23.02
C GLU A 202 -5.52 -22.91 -23.82
N VAL A 203 -6.30 -22.89 -24.89
CA VAL A 203 -6.50 -24.07 -25.73
C VAL A 203 -5.73 -23.84 -27.03
N LYS A 204 -4.68 -24.61 -27.23
CA LYS A 204 -3.77 -24.41 -28.35
C LYS A 204 -3.97 -25.51 -29.39
N SER A 205 -4.07 -25.10 -30.64
CA SER A 205 -4.18 -26.08 -31.70
C SER A 205 -2.87 -26.82 -31.89
N SER A 206 -2.95 -27.96 -32.57
CA SER A 206 -1.75 -28.56 -33.10
C SER A 206 -1.20 -27.70 -34.24
N GLU A 207 -0.03 -28.05 -34.73
CA GLU A 207 0.61 -27.28 -35.78
C GLU A 207 0.30 -27.88 -37.14
N ARG A 208 -0.12 -27.03 -38.07
CA ARG A 208 -0.07 -27.39 -39.47
C ARG A 208 1.38 -27.33 -39.93
N PRO A 209 1.90 -28.37 -40.58
CA PRO A 209 3.33 -28.41 -40.86
C PRO A 209 3.74 -27.41 -41.91
N ALA A 210 5.03 -27.07 -41.90
CA ALA A 210 5.64 -26.34 -43.01
C ALA A 210 5.62 -27.22 -44.26
N ASN A 211 5.81 -26.58 -45.41
CA ASN A 211 5.76 -27.25 -46.71
C ASN A 211 4.51 -28.13 -46.79
N TYR A 212 3.36 -27.49 -46.58
CA TYR A 212 2.08 -28.16 -46.51
C TYR A 212 1.55 -28.44 -47.91
N GLY A 213 1.06 -29.66 -48.12
CA GLY A 213 0.44 -29.97 -49.40
C GLY A 213 -1.04 -30.30 -49.30
N GLY A 214 -1.63 -30.18 -48.10
CA GLY A 214 -3.03 -30.46 -47.88
C GLY A 214 -3.92 -29.27 -48.06
N ILE A 215 -5.15 -29.40 -47.57
CA ILE A 215 -6.14 -28.34 -47.58
C ILE A 215 -6.85 -28.37 -46.24
N THR A 216 -6.79 -27.24 -45.51
CA THR A 216 -7.52 -27.10 -44.25
C THR A 216 -8.97 -26.85 -44.56
N GLU A 217 -9.79 -27.89 -44.37
CA GLU A 217 -11.20 -27.83 -44.71
C GLU A 217 -12.02 -27.32 -43.53
N GLU A 218 -11.63 -27.68 -42.31
CA GLU A 218 -12.21 -27.08 -41.12
C GLU A 218 -11.20 -27.17 -39.99
N TRP A 219 -11.29 -26.23 -39.05
CA TRP A 219 -10.38 -26.23 -37.90
C TRP A 219 -11.11 -25.65 -36.70
N GLY A 220 -11.23 -26.43 -35.64
CA GLY A 220 -11.97 -26.00 -34.46
C GLY A 220 -11.38 -26.57 -33.19
N MET A 221 -11.69 -25.92 -32.07
CA MET A 221 -11.40 -26.51 -30.78
C MET A 221 -12.60 -26.39 -29.85
N ASN A 222 -12.80 -27.45 -29.07
CA ASN A 222 -13.97 -27.62 -28.25
C ASN A 222 -13.54 -27.79 -26.79
N ASP A 223 -14.22 -27.08 -25.89
CA ASP A 223 -13.94 -27.16 -24.46
C ASP A 223 -15.26 -27.32 -23.72
N VAL A 224 -15.41 -28.41 -22.99
CA VAL A 224 -16.61 -28.66 -22.19
C VAL A 224 -16.25 -28.37 -20.74
N LEU A 225 -16.81 -27.28 -20.21
CA LEU A 225 -16.49 -26.82 -18.88
C LEU A 225 -17.32 -27.53 -17.83
N ASP A 226 -16.71 -27.71 -16.66
CA ASP A 226 -17.40 -28.15 -15.45
C ASP A 226 -17.99 -26.90 -14.82
N THR A 227 -19.27 -26.64 -15.10
CA THR A 227 -19.90 -25.39 -14.68
C THR A 227 -20.15 -25.30 -13.17
N THR A 228 -19.90 -26.36 -12.42
CA THR A 228 -19.97 -26.27 -10.97
C THR A 228 -18.73 -25.61 -10.37
N HIS A 229 -17.62 -25.57 -11.12
CA HIS A 229 -16.37 -24.95 -10.70
C HIS A 229 -15.95 -23.78 -11.57
N ASP A 230 -16.17 -23.86 -12.88
CA ASP A 230 -15.74 -22.84 -13.83
C ASP A 230 -16.96 -22.18 -14.46
N ARG A 231 -17.11 -20.88 -14.24
CA ARG A 231 -18.17 -20.08 -14.86
C ARG A 231 -17.58 -19.30 -16.02
N PHE A 232 -17.95 -19.68 -17.25
CA PHE A 232 -17.55 -18.91 -18.42
C PHE A 232 -18.19 -17.54 -18.38
N THR A 233 -17.35 -16.49 -18.46
CA THR A 233 -17.86 -15.12 -18.36
C THR A 233 -18.37 -14.58 -19.68
N GLY A 234 -18.07 -15.24 -20.79
CA GLY A 234 -18.44 -14.76 -22.09
C GLY A 234 -17.33 -14.08 -22.86
N LYS A 235 -16.20 -13.76 -22.23
CA LYS A 235 -15.13 -13.08 -22.95
C LYS A 235 -14.00 -14.04 -23.27
N TRP A 236 -13.41 -13.84 -24.44
CA TRP A 236 -12.43 -14.73 -25.03
C TRP A 236 -11.77 -13.97 -26.16
N HIS A 237 -10.59 -14.43 -26.54
CA HIS A 237 -9.94 -13.92 -27.75
C HIS A 237 -9.05 -15.01 -28.33
N ALA A 238 -8.71 -14.86 -29.61
CA ALA A 238 -7.91 -15.84 -30.32
C ALA A 238 -6.71 -15.16 -30.96
N ILE A 239 -5.59 -15.88 -31.01
CA ILE A 239 -4.37 -15.37 -31.63
C ILE A 239 -3.83 -16.39 -32.63
N THR A 240 -3.13 -15.89 -33.65
CA THR A 240 -2.32 -16.74 -34.52
C THR A 240 -0.89 -16.85 -34.00
N ASN A 241 -0.35 -18.06 -34.06
CA ASN A 241 0.98 -18.31 -33.53
C ASN A 241 2.07 -18.23 -34.60
N TYR A 242 1.70 -18.06 -35.86
CA TYR A 242 2.66 -17.89 -36.94
C TYR A 242 2.11 -16.82 -37.86
N ASP A 243 2.99 -16.28 -38.71
CA ASP A 243 2.56 -15.37 -39.76
C ASP A 243 1.50 -16.02 -40.64
N LEU A 244 0.38 -15.31 -40.81
CA LEU A 244 -0.75 -15.74 -41.61
C LEU A 244 -1.18 -14.55 -42.46
N LYS A 245 -1.00 -14.66 -43.77
CA LYS A 245 -1.37 -13.59 -44.69
C LYS A 245 -2.84 -13.73 -45.06
N VAL A 246 -3.60 -12.66 -44.86
CA VAL A 246 -5.01 -12.61 -45.25
C VAL A 246 -5.18 -11.45 -46.22
N GLY A 247 -5.63 -11.76 -47.43
CA GLY A 247 -5.76 -10.72 -48.44
C GLY A 247 -4.39 -10.20 -48.81
N ASP A 248 -4.21 -8.88 -48.67
CA ASP A 248 -2.90 -8.26 -48.83
C ASP A 248 -2.43 -7.65 -47.52
N LYS A 249 -2.74 -8.33 -46.41
CA LYS A 249 -2.28 -7.96 -45.08
C LYS A 249 -1.67 -9.20 -44.43
N THR A 250 -0.60 -9.01 -43.66
CA THR A 250 0.05 -10.11 -42.96
C THR A 250 -0.21 -9.98 -41.46
N LEU A 251 -0.93 -10.95 -40.91
CA LEU A 251 -1.15 -11.04 -39.47
C LEU A 251 0.06 -11.73 -38.86
N LYS A 252 0.88 -10.96 -38.17
CA LYS A 252 2.15 -11.49 -37.69
C LYS A 252 1.90 -12.41 -36.51
N ALA A 253 2.87 -13.29 -36.26
CA ALA A 253 2.75 -14.20 -35.12
C ALA A 253 2.43 -13.42 -33.85
N GLY A 254 1.45 -13.91 -33.10
CA GLY A 254 1.04 -13.29 -31.86
C GLY A 254 -0.14 -12.34 -31.96
N THR A 255 -0.55 -11.95 -33.16
CA THR A 255 -1.64 -10.98 -33.23
C THR A 255 -3.01 -11.65 -33.13
N ASP A 256 -4.00 -10.82 -32.76
CA ASP A 256 -5.34 -11.26 -32.44
C ASP A 256 -6.14 -11.56 -33.71
N ILE A 257 -6.74 -12.75 -33.77
CA ILE A 257 -7.55 -13.15 -34.93
C ILE A 257 -8.97 -13.46 -34.49
N SER A 258 -9.40 -12.85 -33.38
CA SER A 258 -10.73 -13.12 -32.82
C SER A 258 -11.85 -12.85 -33.84
N ALA A 259 -11.69 -11.84 -34.70
CA ALA A 259 -12.72 -11.50 -35.67
C ALA A 259 -12.97 -12.62 -36.67
N TYR A 260 -12.05 -13.56 -36.79
CA TYR A 260 -12.16 -14.66 -37.74
C TYR A 260 -12.62 -15.96 -37.07
N ILE A 261 -12.88 -15.93 -35.76
CA ILE A 261 -13.22 -17.12 -35.00
C ILE A 261 -14.68 -17.02 -34.56
N LEU A 262 -15.40 -18.13 -34.68
CA LEU A 262 -16.81 -18.18 -34.29
C LEU A 262 -16.94 -19.01 -33.02
N LEU A 263 -17.85 -18.61 -32.15
CA LEU A 263 -18.08 -19.29 -30.88
C LEU A 263 -19.52 -19.76 -30.88
N GLU A 264 -19.70 -21.08 -30.80
CA GLU A 264 -21.01 -21.66 -30.56
C GLU A 264 -21.05 -22.04 -29.09
N ASN A 265 -21.88 -21.34 -28.32
CA ASN A 265 -21.89 -21.46 -26.87
C ASN A 265 -23.20 -22.10 -26.45
N LYS A 266 -23.13 -23.35 -25.99
CA LYS A 266 -24.27 -24.10 -25.45
C LYS A 266 -24.26 -23.98 -23.93
N ASP A 267 -25.16 -23.14 -23.41
CA ASP A 267 -25.45 -23.03 -21.96
C ASP A 267 -24.18 -22.78 -21.13
N ASN A 268 -23.24 -22.02 -21.69
CA ASN A 268 -21.99 -21.68 -20.99
C ASN A 268 -21.21 -22.93 -20.57
N LYS A 269 -21.50 -24.08 -21.17
CA LYS A 269 -20.83 -25.32 -20.79
C LYS A 269 -20.03 -25.93 -21.92
N ASP A 270 -20.59 -25.98 -23.12
CA ASP A 270 -20.00 -26.61 -24.30
C ASP A 270 -19.59 -25.49 -25.24
N LEU A 271 -18.29 -25.19 -25.29
CA LEU A 271 -17.77 -24.08 -26.10
C LEU A 271 -16.99 -24.63 -27.28
N THR A 272 -17.36 -24.19 -28.49
CA THR A 272 -16.67 -24.59 -29.70
C THR A 272 -16.26 -23.35 -30.48
N PHE A 273 -14.97 -23.25 -30.78
CA PHE A 273 -14.40 -22.14 -31.52
C PHE A 273 -13.93 -22.66 -32.87
N THR A 274 -14.40 -22.04 -33.95
CA THR A 274 -14.12 -22.52 -35.31
C THR A 274 -13.66 -21.38 -36.20
N MET A 275 -12.76 -21.70 -37.14
CA MET A 275 -12.26 -20.73 -38.10
C MET A 275 -13.37 -20.39 -39.09
N ASN A 276 -13.60 -19.10 -39.35
CA ASN A 276 -14.66 -18.76 -40.31
C ASN A 276 -14.18 -19.01 -41.74
N GLN A 277 -15.10 -18.81 -42.70
CA GLN A 277 -14.80 -19.13 -44.09
C GLN A 277 -13.71 -18.23 -44.67
N ALA A 278 -13.67 -16.97 -44.25
CA ALA A 278 -12.63 -16.05 -44.73
C ALA A 278 -11.24 -16.51 -44.32
N LEU A 279 -11.09 -16.98 -43.08
CA LEU A 279 -9.77 -17.42 -42.63
C LEU A 279 -9.36 -18.73 -43.27
N LEU A 280 -10.30 -19.69 -43.37
CA LEU A 280 -10.01 -20.93 -44.07
C LEU A 280 -9.51 -20.66 -45.48
N ALA A 281 -10.16 -19.73 -46.19
CA ALA A 281 -9.74 -19.39 -47.54
C ALA A 281 -8.34 -18.80 -47.56
N ALA A 282 -8.01 -17.95 -46.57
CA ALA A 282 -6.67 -17.39 -46.51
C ALA A 282 -5.63 -18.47 -46.22
N LEU A 283 -5.98 -19.45 -45.38
CA LEU A 283 -5.05 -20.52 -45.06
C LEU A 283 -4.71 -21.39 -46.27
N ASN A 284 -5.54 -21.39 -47.32
CA ASN A 284 -5.25 -22.18 -48.50
C ASN A 284 -4.38 -21.44 -49.52
N GLU A 285 -4.07 -20.17 -49.28
CA GLU A 285 -3.16 -19.45 -50.15
C GLU A 285 -1.76 -20.04 -50.05
N GLY A 286 -1.04 -20.05 -51.18
CA GLY A 286 0.23 -20.77 -51.24
C GLY A 286 1.25 -20.27 -50.24
N SER A 287 1.35 -18.96 -50.05
CA SER A 287 2.38 -18.46 -49.15
C SER A 287 2.16 -18.96 -47.72
N ASN A 288 0.92 -19.21 -47.34
CA ASN A 288 0.63 -19.67 -45.98
C ASN A 288 0.92 -21.13 -45.76
N LYS A 289 1.28 -21.88 -46.81
CA LYS A 289 1.66 -23.28 -46.67
C LYS A 289 3.17 -23.49 -46.63
N VAL A 290 3.96 -22.44 -46.86
CA VAL A 290 5.42 -22.56 -46.77
C VAL A 290 5.84 -22.85 -45.33
N GLY A 291 5.36 -22.03 -44.39
CA GLY A 291 5.67 -22.21 -42.98
C GLY A 291 4.51 -22.79 -42.19
N LYS A 292 4.76 -22.98 -40.90
CA LYS A 292 3.76 -23.57 -40.01
C LYS A 292 2.58 -22.62 -39.80
N GLN A 293 1.45 -23.19 -39.41
CA GLN A 293 0.29 -22.42 -39.00
C GLN A 293 -0.28 -23.06 -37.75
N ALA A 294 -0.73 -22.22 -36.82
CA ALA A 294 -1.31 -22.68 -35.57
C ALA A 294 -1.99 -21.52 -34.88
N TRP A 295 -2.93 -21.83 -34.00
CA TRP A 295 -3.68 -20.79 -33.31
C TRP A 295 -4.02 -21.24 -31.90
N SER A 296 -4.41 -20.25 -31.08
CA SER A 296 -4.78 -20.49 -29.70
C SER A 296 -6.03 -19.68 -29.37
N VAL A 297 -6.83 -20.18 -28.44
CA VAL A 297 -7.93 -19.40 -27.87
C VAL A 297 -7.69 -19.25 -26.37
N TYR A 298 -7.95 -18.05 -25.86
CA TYR A 298 -7.94 -17.76 -24.43
C TYR A 298 -9.37 -17.50 -24.00
N LEU A 299 -9.88 -18.33 -23.10
CA LEU A 299 -11.25 -18.18 -22.63
C LEU A 299 -11.24 -17.98 -21.11
N GLU A 300 -12.03 -17.02 -20.67
CA GLU A 300 -12.00 -16.56 -19.29
C GLU A 300 -13.09 -17.25 -18.47
N VAL A 301 -12.69 -17.82 -17.33
CA VAL A 301 -13.62 -18.48 -16.42
C VAL A 301 -13.36 -17.96 -15.01
N GLU A 302 -14.44 -17.82 -14.24
CA GLU A 302 -14.35 -17.52 -12.82
C GLU A 302 -14.45 -18.83 -12.04
N ARG A 303 -13.49 -19.05 -11.14
CA ARG A 303 -13.48 -20.22 -10.27
C ARG A 303 -14.47 -19.96 -9.13
N ILE A 304 -15.53 -20.77 -9.05
CA ILE A 304 -16.63 -20.51 -8.14
C ILE A 304 -16.83 -21.62 -7.11
N LYS A 305 -15.94 -22.63 -7.07
CA LYS A 305 -16.09 -23.67 -6.07
C LYS A 305 -14.72 -24.28 -5.79
N THR A 306 -14.56 -24.82 -4.59
CA THR A 306 -13.31 -25.46 -4.18
C THR A 306 -13.16 -26.84 -4.78
N GLY A 307 -11.94 -27.35 -4.71
CA GLY A 307 -11.61 -28.70 -5.13
C GLY A 307 -10.58 -28.72 -6.24
N ASP A 308 -10.37 -29.92 -6.79
CA ASP A 308 -9.42 -30.12 -7.88
C ASP A 308 -10.18 -30.04 -9.20
N VAL A 309 -9.78 -29.10 -10.05
CA VAL A 309 -10.51 -28.79 -11.28
C VAL A 309 -9.64 -29.16 -12.48
N GLU A 310 -10.12 -30.07 -13.32
CA GLU A 310 -9.46 -30.47 -14.55
C GLU A 310 -10.10 -29.82 -15.76
N ASN A 311 -9.27 -29.58 -16.79
CA ASN A 311 -9.71 -29.11 -18.10
C ASN A 311 -8.92 -29.81 -19.20
N THR A 312 -9.65 -30.14 -20.26
CA THR A 312 -9.12 -30.72 -21.47
C THR A 312 -9.84 -30.07 -22.65
N GLN A 313 -9.21 -30.06 -23.82
CA GLN A 313 -9.85 -29.59 -25.04
C GLN A 313 -9.72 -30.65 -26.12
N THR A 314 -10.62 -30.59 -27.10
CA THR A 314 -10.59 -31.49 -28.25
C THR A 314 -10.48 -30.67 -29.52
N GLU A 315 -9.42 -30.91 -30.29
CA GLU A 315 -9.19 -30.23 -31.54
C GLU A 315 -9.79 -31.02 -32.70
N ASN A 316 -10.53 -30.33 -33.55
CA ASN A 316 -11.07 -30.89 -34.78
C ASN A 316 -10.28 -30.31 -35.94
N TYR A 317 -9.44 -31.14 -36.56
CA TYR A 317 -8.79 -30.80 -37.82
C TYR A 317 -9.27 -31.74 -38.92
N ASN A 318 -9.91 -31.15 -39.95
CA ASN A 318 -10.45 -31.90 -41.08
C ASN A 318 -11.21 -33.14 -40.62
N LYS A 319 -12.09 -32.93 -39.62
CA LYS A 319 -12.99 -33.92 -39.03
C LYS A 319 -12.32 -34.92 -38.11
N GLU A 320 -10.99 -34.91 -37.96
CA GLU A 320 -10.30 -35.86 -37.10
C GLU A 320 -10.06 -35.24 -35.72
N LEU A 321 -10.61 -35.87 -34.68
CA LEU A 321 -10.57 -35.31 -33.33
C LEU A 321 -9.39 -35.84 -32.53
N VAL A 322 -8.66 -34.95 -31.88
CA VAL A 322 -7.56 -35.31 -30.99
C VAL A 322 -7.72 -34.53 -29.70
N ARG A 323 -7.71 -35.23 -28.56
CA ARG A 323 -7.83 -34.57 -27.27
C ARG A 323 -6.46 -34.06 -26.79
N SER A 324 -6.46 -32.88 -26.17
CA SER A 324 -5.24 -32.35 -25.60
C SER A 324 -4.90 -33.06 -24.31
N ASN A 325 -3.77 -32.67 -23.73
CA ASN A 325 -3.44 -33.00 -22.36
C ASN A 325 -4.50 -32.44 -21.42
N THR A 326 -4.50 -32.93 -20.18
CA THR A 326 -5.40 -32.43 -19.16
C THR A 326 -4.61 -31.64 -18.13
N VAL A 327 -5.00 -30.39 -17.94
CA VAL A 327 -4.39 -29.54 -16.91
C VAL A 327 -5.28 -29.60 -15.67
N VAL A 328 -4.71 -29.23 -14.53
CA VAL A 328 -5.43 -29.23 -13.26
C VAL A 328 -5.04 -27.99 -12.46
N THR A 329 -6.01 -27.43 -11.76
CA THR A 329 -5.73 -26.44 -10.74
C THR A 329 -6.45 -26.85 -9.46
N HIS A 330 -6.04 -26.23 -8.35
CA HIS A 330 -6.63 -26.51 -7.05
C HIS A 330 -7.18 -25.23 -6.46
N THR A 331 -8.33 -25.32 -5.81
CA THR A 331 -8.95 -24.19 -5.14
C THR A 331 -9.26 -24.55 -3.69
N PRO A 332 -8.59 -23.94 -2.72
CA PRO A 332 -8.86 -24.24 -1.32
C PRO A 332 -10.00 -23.37 -0.78
N ASP A 333 -10.48 -23.73 0.40
CA ASP A 333 -11.46 -22.88 1.07
C ASP A 333 -10.87 -21.50 1.28
N ASP A 334 -11.72 -20.49 1.29
CA ASP A 334 -11.28 -19.16 1.68
C ASP A 334 -10.70 -19.21 3.10
N PRO A 335 -9.87 -18.24 3.46
CA PRO A 335 -9.43 -18.14 4.87
C PRO A 335 -10.60 -17.92 5.80
N LYS A 336 -10.53 -18.54 6.98
CA LYS A 336 -11.55 -18.38 8.02
C LYS A 336 -10.90 -17.78 9.27
N PRO A 337 -10.56 -16.49 9.23
CA PRO A 337 -9.98 -15.86 10.43
C PRO A 337 -11.03 -15.65 11.51
N THR A 338 -10.59 -15.76 12.76
CA THR A 338 -11.48 -15.62 13.90
C THR A 338 -10.98 -14.53 14.85
N LYS A 339 -11.88 -14.07 15.71
CA LYS A 339 -11.59 -13.09 16.74
C LYS A 339 -12.19 -13.57 18.06
N ALA A 340 -11.41 -13.43 19.13
CA ALA A 340 -11.84 -13.76 20.48
C ALA A 340 -11.32 -12.68 21.41
N VAL A 341 -11.95 -12.53 22.57
CA VAL A 341 -11.49 -11.58 23.57
C VAL A 341 -11.31 -12.32 24.89
N HIS A 342 -10.11 -12.22 25.46
CA HIS A 342 -9.75 -12.87 26.71
C HIS A 342 -9.44 -11.82 27.77
N ASN A 343 -9.75 -12.14 29.03
CA ASN A 343 -9.31 -11.27 30.11
C ASN A 343 -7.87 -11.63 30.48
N LYS A 344 -7.33 -10.95 31.49
CA LYS A 344 -5.93 -11.12 31.83
C LYS A 344 -5.62 -12.53 32.33
N LYS A 345 -6.62 -13.27 32.82
CA LYS A 345 -6.38 -14.65 33.22
C LYS A 345 -6.46 -15.63 32.06
N GLY A 346 -6.85 -15.19 30.86
CA GLY A 346 -6.93 -16.07 29.72
C GLY A 346 -8.31 -16.59 29.41
N GLU A 347 -9.31 -16.25 30.22
CA GLU A 347 -10.68 -16.70 30.00
C GLU A 347 -11.33 -15.91 28.88
N ASP A 348 -12.08 -16.61 28.03
CA ASP A 348 -12.88 -15.93 27.02
C ASP A 348 -13.99 -15.16 27.71
N ILE A 349 -14.14 -13.89 27.35
CA ILE A 349 -15.13 -13.03 28.01
C ILE A 349 -15.97 -12.27 27.00
N ASN A 350 -16.29 -12.90 25.86
CA ASN A 350 -17.23 -12.26 24.95
C ASN A 350 -18.51 -11.95 25.71
N HIS A 351 -19.05 -10.74 25.48
CA HIS A 351 -20.22 -10.20 26.15
C HIS A 351 -19.97 -9.82 27.61
N GLY A 352 -18.72 -9.90 28.07
CA GLY A 352 -18.46 -9.71 29.50
C GLY A 352 -18.47 -8.23 29.91
N LYS A 353 -18.91 -8.01 31.15
CA LYS A 353 -18.90 -6.69 31.75
C LYS A 353 -17.55 -6.44 32.40
N VAL A 354 -16.98 -5.27 32.13
CA VAL A 354 -15.58 -4.99 32.45
C VAL A 354 -15.49 -3.58 33.05
N ALA A 355 -14.29 -3.22 33.52
CA ALA A 355 -14.11 -2.00 34.31
C ALA A 355 -12.81 -1.31 33.93
N ARG A 356 -12.68 -0.04 34.33
CA ARG A 356 -11.52 0.74 33.94
C ARG A 356 -10.23 0.03 34.32
N GLY A 357 -9.24 0.11 33.43
CA GLY A 357 -7.94 -0.49 33.65
C GLY A 357 -7.85 -1.98 33.34
N ASP A 358 -8.95 -2.60 32.96
CA ASP A 358 -8.94 -4.04 32.70
C ASP A 358 -8.31 -4.33 31.35
N VAL A 359 -7.62 -5.46 31.26
CA VAL A 359 -6.99 -5.87 30.01
C VAL A 359 -8.00 -6.64 29.16
N LEU A 360 -8.29 -6.12 27.98
CA LEU A 360 -9.03 -6.86 26.95
C LEU A 360 -7.99 -7.32 25.94
N SER A 361 -7.66 -8.59 25.97
CA SER A 361 -6.63 -9.17 25.12
C SER A 361 -7.33 -9.80 23.91
N TYR A 362 -7.23 -9.13 22.77
CA TYR A 362 -7.86 -9.63 21.55
C TYR A 362 -6.95 -10.68 20.91
N GLU A 363 -7.46 -11.90 20.76
CA GLU A 363 -6.75 -13.02 20.15
C GLU A 363 -7.44 -13.35 18.82
N MET A 364 -6.66 -13.33 17.74
CA MET A 364 -7.16 -13.54 16.39
C MET A 364 -6.38 -14.66 15.71
N THR A 365 -7.06 -15.42 14.86
CA THR A 365 -6.38 -16.35 13.98
C THR A 365 -6.22 -15.74 12.60
N TRP A 366 -5.03 -15.89 12.04
CA TRP A 366 -4.65 -15.42 10.72
C TRP A 366 -4.46 -16.66 9.85
N ASP A 367 -5.45 -16.94 9.02
CA ASP A 367 -5.56 -18.24 8.33
C ASP A 367 -4.88 -18.17 6.97
N LEU A 368 -3.68 -18.73 6.88
CA LEU A 368 -2.94 -18.82 5.62
C LEU A 368 -2.81 -20.27 5.15
N LYS A 369 -3.72 -21.14 5.60
CA LYS A 369 -3.63 -22.56 5.25
C LYS A 369 -3.67 -22.79 3.74
N GLY A 370 -4.35 -21.93 2.98
CA GLY A 370 -4.39 -22.10 1.54
C GLY A 370 -3.37 -21.32 0.74
N TYR A 371 -2.34 -20.76 1.37
CA TYR A 371 -1.35 -19.92 0.69
C TYR A 371 0.05 -20.48 0.98
N ASP A 372 0.61 -21.23 0.04
CA ASP A 372 1.94 -21.82 0.23
C ASP A 372 2.71 -21.68 -1.07
N LYS A 373 3.77 -22.50 -1.23
CA LYS A 373 4.65 -22.35 -2.39
C LYS A 373 3.91 -22.61 -3.71
N ASP A 374 2.85 -23.43 -3.67
CA ASP A 374 2.07 -23.73 -4.88
C ASP A 374 1.05 -22.65 -5.23
N PHE A 375 1.02 -21.53 -4.51
CA PHE A 375 0.05 -20.47 -4.77
C PHE A 375 0.31 -19.82 -6.13
N ALA A 376 -0.77 -19.48 -6.83
CA ALA A 376 -0.68 -18.85 -8.15
C ALA A 376 -0.46 -17.35 -7.99
N PHE A 377 0.78 -16.98 -7.68
CA PHE A 377 1.11 -15.58 -7.43
C PHE A 377 0.82 -14.71 -8.65
N ASP A 378 0.86 -15.28 -9.85
CA ASP A 378 0.64 -14.48 -11.05
C ASP A 378 -0.79 -13.98 -11.18
N THR A 379 -1.74 -14.52 -10.40
CA THR A 379 -3.13 -14.07 -10.45
C THR A 379 -3.43 -12.84 -9.60
N VAL A 380 -2.50 -12.40 -8.75
CA VAL A 380 -2.78 -11.26 -7.89
C VAL A 380 -1.79 -10.13 -8.18
N ASP A 381 -2.14 -8.95 -7.69
CA ASP A 381 -1.24 -7.81 -7.63
C ASP A 381 -0.43 -7.93 -6.34
N LEU A 382 0.86 -8.25 -6.46
CA LEU A 382 1.68 -8.45 -5.26
C LEU A 382 1.81 -7.18 -4.42
N ALA A 383 1.58 -6.00 -5.01
CA ALA A 383 1.71 -4.75 -4.27
C ALA A 383 0.62 -4.58 -3.22
N THR A 384 -0.49 -5.30 -3.35
CA THR A 384 -1.57 -5.24 -2.37
C THR A 384 -1.16 -5.87 -1.04
N GLY A 385 -0.11 -6.67 -1.01
CA GLY A 385 0.48 -7.13 0.23
C GLY A 385 -0.22 -8.32 0.88
N VAL A 386 0.31 -8.70 2.04
CA VAL A 386 -0.28 -9.74 2.90
C VAL A 386 -0.40 -9.11 4.28
N SER A 387 -1.64 -8.90 4.74
CA SER A 387 -1.81 -8.12 5.96
C SER A 387 -3.04 -8.57 6.73
N PHE A 388 -3.10 -8.07 7.97
CA PHE A 388 -4.15 -8.34 8.94
C PHE A 388 -4.49 -7.02 9.62
N PHE A 389 -5.78 -6.71 9.71
CA PHE A 389 -6.26 -5.39 10.13
C PHE A 389 -7.19 -5.57 11.32
N ASP A 390 -7.07 -4.68 12.31
CA ASP A 390 -7.97 -4.71 13.46
C ASP A 390 -8.50 -3.33 13.74
N ASP A 391 -9.82 -3.22 13.84
CA ASP A 391 -10.51 -1.97 14.11
C ASP A 391 -11.07 -2.06 15.53
N TYR A 392 -10.36 -1.47 16.49
CA TYR A 392 -10.78 -1.44 17.89
C TYR A 392 -11.46 -0.10 18.20
N ASP A 393 -12.11 -0.04 19.36
CA ASP A 393 -12.86 1.17 19.73
C ASP A 393 -11.93 2.09 20.52
N GLU A 394 -11.26 3.00 19.80
CA GLU A 394 -10.26 3.86 20.40
C GLU A 394 -10.83 4.83 21.42
N THR A 395 -12.16 5.00 21.46
CA THR A 395 -12.79 5.88 22.44
C THR A 395 -13.00 5.20 23.79
N LYS A 396 -12.79 3.88 23.89
CA LYS A 396 -13.04 3.15 25.12
C LYS A 396 -11.88 2.27 25.57
N VAL A 397 -10.98 1.86 24.68
CA VAL A 397 -9.79 1.10 25.05
C VAL A 397 -8.58 1.74 24.39
N THR A 398 -7.40 1.43 24.92
CA THR A 398 -6.15 1.87 24.33
C THR A 398 -5.20 0.68 24.24
N PRO A 399 -4.62 0.41 23.07
CA PRO A 399 -3.78 -0.78 22.92
C PRO A 399 -2.43 -0.61 23.60
N ILE A 400 -1.91 -1.73 24.10
CA ILE A 400 -0.54 -1.78 24.62
C ILE A 400 0.33 -2.15 23.43
N LYS A 401 0.78 -1.13 22.69
CA LYS A 401 1.40 -1.37 21.39
C LYS A 401 2.61 -2.29 21.49
N ASP A 402 3.40 -2.15 22.57
CA ASP A 402 4.61 -2.95 22.72
C ASP A 402 4.32 -4.44 22.84
N LEU A 403 3.10 -4.83 23.15
CA LEU A 403 2.80 -6.24 23.37
C LEU A 403 2.11 -6.91 22.20
N LEU A 404 1.91 -6.20 21.08
CA LEU A 404 1.37 -6.85 19.90
C LEU A 404 2.32 -7.97 19.43
N ARG A 405 1.77 -9.16 19.22
CA ARG A 405 2.57 -10.31 18.81
C ARG A 405 1.88 -11.07 17.67
N VAL A 406 2.71 -11.72 16.85
CA VAL A 406 2.26 -12.68 15.85
C VAL A 406 3.13 -13.93 16.04
N LYS A 407 2.48 -15.09 16.17
CA LYS A 407 3.19 -16.35 16.29
C LYS A 407 2.70 -17.31 15.23
N ASP A 408 3.55 -18.28 14.87
CA ASP A 408 3.15 -19.31 13.93
C ASP A 408 2.49 -20.47 14.66
N SER A 409 2.16 -21.52 13.91
CA SER A 409 1.47 -22.69 14.46
C SER A 409 2.36 -23.55 15.35
N LYS A 410 3.67 -23.28 15.39
CA LYS A 410 4.60 -23.98 16.26
C LYS A 410 5.02 -23.13 17.45
N GLY A 411 4.34 -22.01 17.70
CA GLY A 411 4.62 -21.17 18.84
C GLY A 411 5.79 -20.23 18.67
N VAL A 412 6.36 -20.13 17.48
CA VAL A 412 7.54 -19.29 17.26
C VAL A 412 7.07 -17.86 17.05
N ASP A 413 7.69 -16.91 17.74
CA ASP A 413 7.40 -15.52 17.50
C ASP A 413 7.94 -15.11 16.14
N ILE A 414 7.07 -14.59 15.27
CA ILE A 414 7.48 -14.13 13.95
C ILE A 414 7.10 -12.65 13.75
N THR A 415 6.96 -11.91 14.85
CA THR A 415 6.48 -10.53 14.75
C THR A 415 7.38 -9.67 13.89
N ASN A 416 8.68 -9.97 13.83
CA ASN A 416 9.57 -9.12 13.07
C ASN A 416 9.52 -9.38 11.57
N GLN A 417 8.64 -10.28 11.12
CA GLN A 417 8.40 -10.37 9.68
C GLN A 417 7.47 -9.28 9.18
N PHE A 418 6.89 -8.50 10.07
CA PHE A 418 5.81 -7.58 9.73
C PHE A 418 6.13 -6.14 10.11
N THR A 419 5.52 -5.23 9.37
CA THR A 419 5.45 -3.82 9.69
C THR A 419 4.13 -3.56 10.41
N ILE A 420 4.19 -2.87 11.56
CA ILE A 420 3.00 -2.65 12.40
C ILE A 420 2.63 -1.17 12.31
N SER A 421 1.47 -0.88 11.70
CA SER A 421 1.03 0.48 11.42
C SER A 421 -0.15 0.83 12.31
N TRP A 422 0.02 1.80 13.20
CA TRP A 422 -1.02 2.27 14.11
C TRP A 422 -1.67 3.51 13.54
N ASP A 423 -3.01 3.51 13.48
CA ASP A 423 -3.80 4.69 13.15
C ASP A 423 -4.62 5.07 14.38
N ASP A 424 -4.09 6.01 15.18
CA ASP A 424 -4.76 6.36 16.43
C ASP A 424 -6.08 7.09 16.18
N ALA A 425 -6.21 7.78 15.04
CA ALA A 425 -7.42 8.56 14.79
C ALA A 425 -8.61 7.65 14.48
N LYS A 426 -8.42 6.69 13.58
CA LYS A 426 -9.49 5.74 13.28
C LYS A 426 -9.53 4.58 14.26
N GLY A 427 -8.52 4.46 15.13
CA GLY A 427 -8.38 3.35 16.05
C GLY A 427 -8.22 2.02 15.34
N THR A 428 -7.15 1.86 14.57
CA THR A 428 -6.88 0.64 13.84
C THR A 428 -5.40 0.32 13.90
N VAL A 429 -5.08 -0.95 13.72
CA VAL A 429 -3.71 -1.43 13.54
C VAL A 429 -3.69 -2.31 12.30
N THR A 430 -2.68 -2.13 11.46
CA THR A 430 -2.51 -2.93 10.25
C THR A 430 -1.15 -3.61 10.32
N ILE A 431 -1.15 -4.93 10.18
CA ILE A 431 0.03 -5.77 10.30
C ILE A 431 0.33 -6.31 8.91
N SER A 432 1.39 -5.82 8.27
CA SER A 432 1.68 -6.23 6.90
C SER A 432 3.08 -6.82 6.77
N ALA A 433 3.17 -7.92 6.03
CA ALA A 433 4.44 -8.57 5.77
C ALA A 433 5.39 -7.63 5.03
N LYS A 434 6.66 -7.63 5.46
CA LYS A 434 7.65 -6.75 4.84
C LYS A 434 7.98 -7.20 3.41
N ASP A 435 8.04 -8.51 3.19
CA ASP A 435 8.26 -9.10 1.87
C ASP A 435 7.15 -10.12 1.61
N PRO A 436 6.04 -9.70 1.00
CA PRO A 436 4.85 -10.59 0.95
C PRO A 436 5.07 -11.93 0.23
N GLN A 437 5.65 -11.94 -0.96
CA GLN A 437 5.82 -13.22 -1.64
C GLN A 437 6.74 -14.13 -0.85
N ALA A 438 7.90 -13.61 -0.44
CA ALA A 438 8.82 -14.42 0.36
C ALA A 438 8.16 -14.88 1.65
N PHE A 439 7.34 -14.03 2.26
CA PHE A 439 6.68 -14.40 3.51
C PHE A 439 5.78 -15.62 3.32
N ILE A 440 5.08 -15.70 2.18
CA ILE A 440 4.19 -16.83 1.92
C ILE A 440 5.00 -18.11 1.73
N LEU A 441 6.13 -18.03 1.04
CA LEU A 441 6.97 -19.21 0.85
C LEU A 441 7.54 -19.70 2.18
N ALA A 442 7.90 -18.77 3.06
CA ALA A 442 8.58 -19.14 4.31
C ALA A 442 7.60 -19.54 5.40
N TYR A 443 6.46 -18.85 5.49
CA TYR A 443 5.54 -19.04 6.61
C TYR A 443 4.12 -19.37 6.19
N GLY A 444 3.83 -19.42 4.90
CA GLY A 444 2.49 -19.76 4.48
C GLY A 444 2.18 -21.23 4.71
N GLY A 445 0.89 -21.56 4.61
CA GLY A 445 0.44 -22.93 4.79
C GLY A 445 0.08 -23.29 6.21
N GLN A 446 -0.09 -22.31 7.08
CA GLN A 446 -0.41 -22.54 8.48
C GLN A 446 -1.32 -21.43 8.97
N GLU A 447 -1.76 -21.57 10.22
CA GLU A 447 -2.58 -20.57 10.89
C GLU A 447 -1.68 -19.79 11.84
N LEU A 448 -1.68 -18.47 11.72
CA LEU A 448 -0.93 -17.59 12.60
C LEU A 448 -1.84 -17.08 13.71
N ARG A 449 -1.24 -16.66 14.82
CA ARG A 449 -1.98 -16.17 15.97
C ARG A 449 -1.53 -14.76 16.29
N VAL A 450 -2.49 -13.83 16.32
CA VAL A 450 -2.24 -12.41 16.52
C VAL A 450 -2.78 -12.01 17.90
N THR A 451 -1.94 -11.37 18.71
CA THR A 451 -2.33 -10.95 20.05
C THR A 451 -2.29 -9.43 20.12
N LEU A 452 -3.41 -8.83 20.48
CA LEU A 452 -3.56 -7.38 20.53
C LEU A 452 -4.11 -7.00 21.90
N PRO A 453 -3.24 -6.82 22.89
CA PRO A 453 -3.72 -6.49 24.24
C PRO A 453 -4.10 -5.03 24.31
N THR A 454 -5.20 -4.76 24.99
CA THR A 454 -5.70 -3.40 25.20
C THR A 454 -6.14 -3.25 26.64
N LYS A 455 -6.25 -1.99 27.09
CA LYS A 455 -6.73 -1.66 28.42
C LYS A 455 -7.94 -0.75 28.32
N VAL A 456 -8.91 -0.96 29.21
CA VAL A 456 -10.10 -0.12 29.27
C VAL A 456 -9.75 1.25 29.85
N LYS A 457 -10.29 2.31 29.25
CA LYS A 457 -9.97 3.66 29.67
C LYS A 457 -10.76 4.05 30.91
N ALA A 458 -10.19 5.00 31.67
CA ALA A 458 -10.94 5.57 32.78
C ALA A 458 -12.06 6.46 32.24
N ASP A 459 -13.15 6.55 33.00
CA ASP A 459 -14.22 7.50 32.75
C ASP A 459 -14.87 7.33 31.38
N VAL A 460 -15.11 6.07 30.98
CA VAL A 460 -15.86 5.75 29.76
C VAL A 460 -16.83 4.62 30.09
N SER A 461 -17.92 4.54 29.32
CA SER A 461 -18.92 3.50 29.57
C SER A 461 -19.62 3.10 28.27
N GLY A 462 -20.22 1.90 28.29
CA GLY A 462 -21.00 1.43 27.16
C GLY A 462 -20.44 0.19 26.49
N ASP A 463 -20.86 -0.06 25.25
CA ASP A 463 -20.42 -1.25 24.52
C ASP A 463 -19.08 -1.02 23.85
N VAL A 464 -18.24 -2.05 23.84
CA VAL A 464 -16.91 -2.01 23.22
C VAL A 464 -16.88 -3.12 22.17
N TYR A 465 -17.10 -2.77 20.92
CA TYR A 465 -16.99 -3.73 19.82
C TYR A 465 -15.55 -3.81 19.32
N ASN A 466 -15.17 -5.01 18.87
CA ASN A 466 -13.93 -5.26 18.15
C ASN A 466 -14.20 -6.13 16.93
N SER A 467 -13.63 -5.74 15.78
CA SER A 467 -13.64 -6.61 14.61
C SER A 467 -12.27 -6.54 13.94
N ALA A 468 -12.02 -7.52 13.07
CA ALA A 468 -10.75 -7.65 12.39
C ALA A 468 -10.99 -8.12 10.95
N GLU A 469 -9.92 -8.16 10.15
CA GLU A 469 -10.02 -8.47 8.73
C GLU A 469 -8.67 -8.92 8.20
N GLN A 470 -8.70 -9.97 7.40
CA GLN A 470 -7.52 -10.55 6.77
C GLN A 470 -7.51 -10.13 5.31
N ASN A 471 -6.42 -9.51 4.87
CA ASN A 471 -6.27 -9.05 3.48
C ASN A 471 -5.09 -9.81 2.89
N THR A 472 -5.38 -10.86 2.11
CA THR A 472 -4.35 -11.66 1.45
C THR A 472 -4.38 -11.31 -0.04
N PHE A 473 -3.50 -10.39 -0.44
CA PHE A 473 -3.36 -9.96 -1.83
C PHE A 473 -4.68 -9.43 -2.40
N GLY A 474 -5.40 -8.63 -1.60
CA GLY A 474 -6.66 -8.06 -2.01
C GLY A 474 -7.88 -8.90 -1.71
N GLN A 475 -7.71 -10.14 -1.25
CA GLN A 475 -8.82 -10.96 -0.78
C GLN A 475 -9.11 -10.59 0.68
N ARG A 476 -10.22 -9.89 0.91
CA ARG A 476 -10.55 -9.33 2.22
C ARG A 476 -11.63 -10.18 2.87
N ILE A 477 -11.32 -10.74 4.05
CA ILE A 477 -12.25 -11.57 4.79
C ILE A 477 -12.30 -11.09 6.24
N LYS A 478 -13.50 -10.78 6.72
CA LYS A 478 -13.68 -10.28 8.07
C LYS A 478 -13.79 -11.42 9.08
N THR A 479 -13.33 -11.14 10.29
CA THR A 479 -13.57 -12.03 11.41
C THR A 479 -14.95 -11.76 12.01
N ASN A 480 -15.37 -12.61 12.92
CA ASN A 480 -16.53 -12.28 13.75
C ASN A 480 -16.22 -11.03 14.56
N THR A 481 -17.28 -10.39 15.05
CA THR A 481 -17.19 -9.26 15.96
C THR A 481 -17.42 -9.77 17.38
N VAL A 482 -16.58 -9.30 18.32
CA VAL A 482 -16.81 -9.55 19.74
C VAL A 482 -17.21 -8.23 20.40
N VAL A 483 -17.82 -8.32 21.58
CA VAL A 483 -18.29 -7.14 22.28
C VAL A 483 -18.05 -7.32 23.78
N ASN A 484 -17.70 -6.23 24.45
CA ASN A 484 -17.68 -6.18 25.90
C ASN A 484 -18.51 -4.99 26.35
N HIS A 485 -18.78 -4.91 27.64
CA HIS A 485 -19.61 -3.83 28.19
C HIS A 485 -18.90 -3.19 29.38
N ILE A 486 -18.98 -1.87 29.46
CA ILE A 486 -18.36 -1.11 30.54
C ILE A 486 -19.45 -0.38 31.31
N PRO A 487 -20.02 -0.99 32.35
CA PRO A 487 -21.04 -0.30 33.13
C PRO A 487 -20.49 0.96 33.78
N LYS A 488 -21.30 2.02 33.72
CA LYS A 488 -20.95 3.27 34.39
C LYS A 488 -20.79 3.05 35.88
N VAL A 489 -19.83 3.78 36.48
CA VAL A 489 -19.61 3.77 37.93
C VAL A 489 -19.70 5.21 38.42
N ASN A 490 -20.08 5.36 39.69
CA ASN A 490 -20.25 6.68 40.29
C ASN A 490 -19.83 6.63 41.75
N PRO A 491 -18.53 6.54 42.03
CA PRO A 491 -18.09 6.66 43.42
C PRO A 491 -18.38 8.06 43.93
N LYS A 492 -18.82 8.14 45.17
CA LYS A 492 -19.29 9.40 45.74
C LYS A 492 -18.63 9.66 47.08
N LYS A 493 -18.53 10.95 47.42
CA LYS A 493 -18.03 11.43 48.69
C LYS A 493 -19.18 12.09 49.42
N ASP A 494 -19.23 11.94 50.75
CA ASP A 494 -20.30 12.56 51.53
C ASP A 494 -19.75 12.94 52.91
N VAL A 495 -20.60 13.62 53.68
CA VAL A 495 -20.25 14.10 55.01
C VAL A 495 -21.34 13.67 55.99
N VAL A 496 -20.93 13.07 57.11
CA VAL A 496 -21.84 12.68 58.19
C VAL A 496 -21.16 12.96 59.53
N ILE A 497 -21.95 12.96 60.60
CA ILE A 497 -21.37 13.17 61.94
C ILE A 497 -20.81 11.88 62.50
N LYS A 498 -21.60 10.80 62.49
CA LYS A 498 -21.15 9.49 62.93
C LYS A 498 -21.28 8.48 61.79
N VAL A 499 -20.51 7.39 61.93
CA VAL A 499 -20.31 6.44 60.83
C VAL A 499 -21.66 5.93 60.31
N GLY A 500 -22.54 5.51 61.21
CA GLY A 500 -23.77 4.91 60.72
C GLY A 500 -24.75 5.88 60.09
N ASP A 501 -24.57 7.19 60.27
CA ASP A 501 -25.62 8.16 59.98
C ASP A 501 -26.06 8.12 58.52
N LYS A 502 -27.30 8.58 58.31
CA LYS A 502 -27.86 8.70 56.98
C LYS A 502 -28.16 10.14 56.58
N GLN A 503 -28.19 11.08 57.52
CA GLN A 503 -28.44 12.48 57.21
C GLN A 503 -27.18 13.10 56.63
N SER A 504 -27.21 13.40 55.33
CA SER A 504 -26.05 13.99 54.67
C SER A 504 -25.82 15.42 55.16
N GLN A 505 -24.58 15.69 55.59
CA GLN A 505 -24.17 17.02 55.99
C GLN A 505 -23.39 17.74 54.90
N ASN A 506 -23.57 17.34 53.65
CA ASN A 506 -22.93 18.06 52.55
C ASN A 506 -23.59 19.43 52.42
N GLY A 507 -22.77 20.47 52.37
CA GLY A 507 -23.29 21.82 52.27
C GLY A 507 -23.84 22.39 53.55
N ALA A 508 -23.71 21.67 54.67
CA ALA A 508 -24.22 22.09 55.96
C ALA A 508 -23.11 22.73 56.79
N THR A 509 -23.52 23.38 57.88
CA THR A 509 -22.58 23.99 58.81
C THR A 509 -22.08 22.96 59.79
N ILE A 510 -20.75 22.88 59.96
CA ILE A 510 -20.14 22.06 60.99
C ILE A 510 -19.37 23.03 61.89
N LYS A 511 -19.68 23.04 63.18
CA LYS A 511 -19.12 24.05 64.06
C LYS A 511 -17.63 23.80 64.32
N LEU A 512 -16.95 24.86 64.79
CA LEU A 512 -15.53 24.74 65.12
C LEU A 512 -15.33 23.69 66.21
N GLY A 513 -14.30 22.86 66.04
CA GLY A 513 -13.99 21.81 66.99
C GLY A 513 -14.83 20.55 66.85
N GLU A 514 -15.94 20.60 66.12
CA GLU A 514 -16.80 19.44 65.94
C GLU A 514 -16.08 18.34 65.17
N LYS A 515 -16.27 17.10 65.60
CA LYS A 515 -15.71 15.93 64.94
C LYS A 515 -16.77 15.34 64.00
N PHE A 516 -16.33 14.83 62.87
CA PHE A 516 -17.24 14.25 61.89
C PHE A 516 -16.46 13.27 61.01
N PHE A 517 -17.12 12.75 59.97
CA PHE A 517 -16.54 11.75 59.10
C PHE A 517 -16.81 12.11 57.66
N TYR A 518 -15.77 12.00 56.83
CA TYR A 518 -15.96 11.98 55.39
C TYR A 518 -16.34 10.56 54.98
N GLU A 519 -17.40 10.43 54.18
CA GLU A 519 -17.93 9.14 53.75
C GLU A 519 -17.64 8.90 52.28
N PHE A 520 -17.13 7.71 51.95
CA PHE A 520 -16.84 7.33 50.58
C PHE A 520 -17.57 6.03 50.23
N THR A 521 -18.29 6.03 49.11
CA THR A 521 -18.88 4.82 48.55
C THR A 521 -18.17 4.49 47.25
N SER A 522 -17.63 3.28 47.15
CA SER A 522 -16.77 2.92 46.04
C SER A 522 -17.58 2.77 44.76
N SER A 523 -16.84 2.61 43.66
CA SER A 523 -17.44 2.16 42.41
C SER A 523 -18.00 0.76 42.60
N ASP A 524 -18.97 0.43 41.75
CA ASP A 524 -19.52 -0.91 41.69
C ASP A 524 -18.64 -1.83 40.85
N ILE A 525 -18.42 -3.03 41.34
CA ILE A 525 -17.94 -4.15 40.53
C ILE A 525 -19.17 -4.94 40.12
N PRO A 526 -19.47 -5.06 38.83
CA PRO A 526 -20.76 -5.61 38.41
C PRO A 526 -20.91 -7.07 38.81
N ALA A 527 -22.17 -7.49 38.93
CA ALA A 527 -22.45 -8.92 38.96
C ALA A 527 -21.92 -9.55 37.67
N GLU A 528 -21.34 -10.75 37.80
CA GLU A 528 -20.75 -11.47 36.67
C GLU A 528 -19.56 -10.70 36.08
N TYR A 529 -18.84 -9.96 36.92
CA TYR A 529 -17.66 -9.23 36.49
C TYR A 529 -16.69 -10.16 35.77
N ALA A 530 -16.25 -9.73 34.57
CA ALA A 530 -15.41 -10.54 33.70
C ALA A 530 -13.95 -10.08 33.68
N GLY A 531 -13.66 -8.90 34.24
CA GLY A 531 -12.29 -8.46 34.38
C GLY A 531 -11.65 -9.03 35.63
N VAL A 532 -10.55 -8.38 36.05
CA VAL A 532 -9.75 -8.82 37.19
C VAL A 532 -9.27 -7.57 37.91
N VAL A 533 -9.68 -7.39 39.17
CA VAL A 533 -9.19 -6.25 39.94
C VAL A 533 -7.87 -6.64 40.58
N GLU A 534 -6.83 -5.84 40.33
CA GLU A 534 -5.50 -6.07 40.88
C GLU A 534 -5.01 -4.90 41.72
N GLU A 535 -5.80 -3.84 41.84
CA GLU A 535 -5.47 -2.65 42.61
C GLU A 535 -6.76 -1.89 42.88
N TRP A 536 -6.96 -1.48 44.13
CA TRP A 536 -8.17 -0.73 44.49
C TRP A 536 -7.86 0.07 45.74
N SER A 537 -7.98 1.39 45.64
CA SER A 537 -7.55 2.28 46.73
C SER A 537 -8.17 3.66 46.53
N ILE A 538 -8.21 4.43 47.64
CA ILE A 538 -8.68 5.80 47.59
C ILE A 538 -7.63 6.69 48.22
N SER A 539 -7.50 7.91 47.68
CA SER A 539 -6.61 8.93 48.20
C SER A 539 -7.43 10.19 48.46
N ASP A 540 -7.31 10.73 49.67
CA ASP A 540 -8.03 11.94 50.05
C ASP A 540 -7.03 12.98 50.55
N LYS A 541 -6.80 14.01 49.73
CA LYS A 541 -5.90 15.11 50.08
C LYS A 541 -6.65 16.08 50.99
N LEU A 542 -6.38 16.01 52.29
CA LEU A 542 -7.12 16.81 53.25
C LEU A 542 -6.61 18.25 53.29
N ASP A 543 -7.53 19.20 53.42
CA ASP A 543 -7.18 20.59 53.74
C ASP A 543 -6.70 20.63 55.18
N VAL A 544 -5.39 20.46 55.38
CA VAL A 544 -4.83 20.29 56.71
C VAL A 544 -5.04 21.55 57.57
N LYS A 545 -5.14 22.72 56.93
CA LYS A 545 -5.46 23.92 57.70
C LYS A 545 -6.84 23.87 58.33
N HIS A 546 -7.74 23.01 57.84
CA HIS A 546 -9.10 22.98 58.34
C HIS A 546 -9.56 21.62 58.86
N ASP A 547 -9.09 20.51 58.28
CA ASP A 547 -9.50 19.18 58.70
C ASP A 547 -8.34 18.48 59.37
N LYS A 548 -8.54 18.08 60.63
CA LYS A 548 -7.53 17.38 61.43
C LYS A 548 -7.87 15.89 61.49
N PHE A 549 -7.01 15.07 60.90
CA PHE A 549 -7.15 13.62 60.86
C PHE A 549 -6.15 13.00 61.83
N SER A 550 -6.63 12.14 62.72
CA SER A 550 -5.77 11.52 63.73
C SER A 550 -5.97 10.01 63.77
N GLY A 551 -5.97 9.40 62.59
CA GLY A 551 -5.87 7.95 62.47
C GLY A 551 -7.16 7.17 62.58
N GLN A 552 -8.31 7.83 62.67
CA GLN A 552 -9.59 7.16 62.74
C GLN A 552 -10.15 6.92 61.34
N TRP A 553 -10.28 5.64 60.98
CA TRP A 553 -10.84 5.28 59.68
C TRP A 553 -11.46 3.89 59.78
N SER A 554 -12.48 3.67 58.95
CA SER A 554 -13.20 2.40 58.90
C SER A 554 -13.57 2.08 57.45
N VAL A 555 -13.56 0.80 57.12
CA VAL A 555 -14.06 0.32 55.83
C VAL A 555 -15.13 -0.74 56.10
N PHE A 556 -16.33 -0.53 55.56
CA PHE A 556 -17.46 -1.41 55.79
C PHE A 556 -17.78 -2.17 54.50
N ALA A 557 -18.03 -3.47 54.61
CA ALA A 557 -18.50 -4.21 53.46
C ALA A 557 -19.86 -3.69 53.04
N ASN A 558 -20.04 -3.54 51.73
CA ASN A 558 -21.30 -3.08 51.15
C ASN A 558 -22.02 -4.20 50.41
N SER A 559 -21.60 -5.45 50.62
CA SER A 559 -22.10 -6.64 49.93
C SER A 559 -21.59 -7.88 50.66
N ASN A 560 -22.16 -9.03 50.35
CA ASN A 560 -21.75 -10.29 50.97
C ASN A 560 -20.76 -11.03 50.08
N PHE A 561 -19.71 -11.58 50.69
CA PHE A 561 -18.70 -12.30 49.93
C PHE A 561 -17.92 -13.22 50.88
N VAL A 562 -17.07 -14.06 50.28
CA VAL A 562 -16.25 -15.03 51.02
C VAL A 562 -14.81 -14.90 50.55
N LEU A 563 -13.89 -15.34 51.41
CA LEU A 563 -12.44 -15.20 51.20
C LEU A 563 -11.85 -16.50 50.65
N ALA A 564 -10.54 -16.46 50.39
CA ALA A 564 -9.85 -17.64 49.86
C ALA A 564 -9.84 -18.79 50.87
N ASP A 565 -9.61 -18.47 52.15
CA ASP A 565 -9.51 -19.49 53.19
C ASP A 565 -10.86 -19.93 53.75
N GLY A 566 -11.97 -19.37 53.28
CA GLY A 566 -13.28 -19.81 53.68
C GLY A 566 -14.10 -18.79 54.43
N THR A 567 -13.44 -17.81 55.08
CA THR A 567 -14.13 -16.85 55.92
C THR A 567 -15.25 -16.15 55.17
N LYS A 568 -16.44 -16.11 55.77
CA LYS A 568 -17.59 -15.43 55.20
C LYS A 568 -17.69 -14.01 55.75
N VAL A 569 -17.98 -13.06 54.86
CA VAL A 569 -18.15 -11.65 55.21
C VAL A 569 -19.54 -11.22 54.76
N ASN A 570 -20.24 -10.51 55.64
CA ASN A 570 -21.61 -10.07 55.36
C ASN A 570 -21.62 -8.57 55.13
N LYS A 571 -22.73 -8.10 54.55
CA LYS A 571 -22.93 -6.68 54.33
C LYS A 571 -22.92 -5.96 55.68
N GLY A 572 -22.38 -4.74 55.69
CA GLY A 572 -22.28 -3.96 56.91
C GLY A 572 -21.15 -4.34 57.84
N ASP A 573 -20.49 -5.47 57.62
CA ASP A 573 -19.37 -5.85 58.47
C ASP A 573 -18.21 -4.87 58.32
N ASP A 574 -17.50 -4.66 59.42
CA ASP A 574 -16.27 -3.89 59.43
C ASP A 574 -15.14 -4.75 58.85
N ILE A 575 -14.58 -4.34 57.72
CA ILE A 575 -13.58 -5.14 57.03
C ILE A 575 -12.26 -4.39 56.97
N SER A 576 -12.06 -3.45 57.90
CA SER A 576 -10.84 -2.63 57.90
C SER A 576 -9.58 -3.49 57.99
N LYS A 577 -9.69 -4.69 58.56
CA LYS A 577 -8.55 -5.60 58.63
C LYS A 577 -8.11 -6.07 57.25
N LEU A 578 -8.95 -5.94 56.23
CA LEU A 578 -8.59 -6.31 54.86
C LEU A 578 -8.13 -5.11 54.06
N PHE A 579 -7.91 -3.97 54.71
CA PHE A 579 -7.39 -2.76 54.08
C PHE A 579 -6.23 -2.23 54.90
N THR A 580 -5.44 -1.34 54.28
CA THR A 580 -4.36 -0.65 54.98
C THR A 580 -4.52 0.85 54.78
N MET A 581 -3.85 1.60 55.66
CA MET A 581 -3.89 3.06 55.67
C MET A 581 -2.49 3.66 55.78
N THR A 582 -2.28 4.73 55.00
CA THR A 582 -1.11 5.60 55.13
C THR A 582 -1.59 7.05 55.12
N PHE A 583 -0.80 7.89 55.78
CA PHE A 583 -1.06 9.32 55.94
C PHE A 583 0.26 10.02 55.66
N ASP A 584 0.52 10.31 54.39
CA ASP A 584 1.75 10.94 53.95
C ASP A 584 1.40 12.26 53.28
N LYS A 585 2.01 13.34 53.77
CA LYS A 585 1.89 14.66 53.14
C LYS A 585 0.44 15.14 53.12
N GLY A 586 -0.30 14.85 54.19
CA GLY A 586 -1.69 15.28 54.28
C GLY A 586 -2.67 14.47 53.47
N VAL A 587 -2.22 13.39 52.85
CA VAL A 587 -3.07 12.54 52.01
C VAL A 587 -3.28 11.20 52.71
N VAL A 588 -4.53 10.92 53.08
CA VAL A 588 -4.88 9.59 53.58
C VAL A 588 -5.09 8.67 52.38
N LYS A 589 -4.38 7.54 52.37
CA LYS A 589 -4.53 6.55 51.31
C LYS A 589 -4.97 5.23 51.95
N ILE A 590 -6.14 4.75 51.56
CA ILE A 590 -6.70 3.49 52.04
C ILE A 590 -6.68 2.53 50.85
N THR A 591 -6.03 1.39 51.03
CA THR A 591 -5.72 0.46 49.96
C THR A 591 -6.24 -0.94 50.29
N ALA A 592 -6.84 -1.58 49.29
CA ALA A 592 -7.33 -2.94 49.46
C ALA A 592 -6.15 -3.91 49.49
N SER A 593 -6.13 -4.78 50.49
CA SER A 593 -5.11 -5.80 50.58
C SER A 593 -5.31 -6.84 49.49
N GLN A 594 -4.26 -7.61 49.21
CA GLN A 594 -4.35 -8.64 48.19
C GLN A 594 -5.44 -9.67 48.53
N ALA A 595 -5.73 -9.87 49.81
CA ALA A 595 -6.73 -10.86 50.20
C ALA A 595 -8.14 -10.40 49.87
N PHE A 596 -8.39 -9.09 49.94
CA PHE A 596 -9.68 -8.55 49.51
C PHE A 596 -9.80 -8.57 47.99
N LEU A 597 -8.71 -8.22 47.29
CA LEU A 597 -8.70 -8.37 45.84
C LEU A 597 -8.90 -9.82 45.43
N ASP A 598 -8.18 -10.74 46.07
CA ASP A 598 -8.36 -12.16 45.80
C ASP A 598 -9.82 -12.56 45.99
N ALA A 599 -10.48 -12.00 47.01
CA ALA A 599 -11.88 -12.28 47.23
C ALA A 599 -12.74 -11.75 46.10
N MET A 600 -12.48 -10.52 45.64
CA MET A 600 -13.37 -9.96 44.63
C MET A 600 -13.22 -10.65 43.26
N ASN A 601 -12.18 -11.44 43.06
CA ASN A 601 -11.99 -12.15 41.80
C ASN A 601 -12.37 -13.63 41.89
N LEU A 602 -12.91 -14.08 43.03
CA LEU A 602 -13.33 -15.47 43.18
C LEU A 602 -14.63 -15.73 42.44
N LYS A 603 -14.68 -16.83 41.67
CA LYS A 603 -15.89 -17.17 40.92
C LYS A 603 -17.11 -17.23 41.84
N GLU A 604 -16.92 -17.74 43.07
CA GLU A 604 -18.04 -17.90 44.00
C GLU A 604 -18.74 -16.57 44.29
N ASN A 605 -18.01 -15.46 44.23
CA ASN A 605 -18.58 -14.16 44.55
C ASN A 605 -19.19 -13.45 43.35
N LYS A 606 -19.18 -14.07 42.16
CA LYS A 606 -19.57 -13.38 40.94
C LYS A 606 -21.08 -13.22 40.81
N ASN A 607 -21.88 -13.77 41.73
CA ASN A 607 -23.33 -13.69 41.60
C ASN A 607 -23.90 -12.31 41.89
N VAL A 608 -23.16 -11.49 42.62
CA VAL A 608 -23.68 -10.22 43.13
C VAL A 608 -22.68 -9.11 42.83
N ALA A 609 -23.20 -7.89 42.74
CA ALA A 609 -22.34 -6.72 42.63
C ALA A 609 -21.64 -6.43 43.96
N HIS A 610 -20.50 -5.75 43.90
CA HIS A 610 -19.65 -5.55 45.06
C HIS A 610 -19.14 -4.13 45.12
N SER A 611 -19.17 -3.55 46.33
CA SER A 611 -18.56 -2.25 46.57
C SER A 611 -18.22 -2.17 48.06
N TRP A 612 -17.61 -1.07 48.46
CA TRP A 612 -17.34 -0.89 49.88
C TRP A 612 -17.49 0.57 50.25
N LYS A 613 -17.72 0.82 51.53
CA LYS A 613 -17.82 2.16 52.08
C LYS A 613 -16.64 2.41 53.00
N ALA A 614 -16.09 3.62 52.95
CA ALA A 614 -15.00 4.00 53.84
C ALA A 614 -15.40 5.26 54.60
N PHE A 615 -14.85 5.39 55.79
CA PHE A 615 -15.10 6.52 56.68
C PHE A 615 -13.77 7.03 57.17
N ILE A 616 -13.57 8.34 57.07
CA ILE A 616 -12.35 9.01 57.51
C ILE A 616 -12.76 10.04 58.55
N GLY A 617 -12.28 9.86 59.78
CA GLY A 617 -12.65 10.76 60.87
C GLY A 617 -11.79 12.02 60.86
N VAL A 618 -12.44 13.15 61.08
CA VAL A 618 -11.77 14.44 60.98
C VAL A 618 -12.37 15.40 62.01
N GLU A 619 -11.51 16.23 62.61
CA GLU A 619 -11.94 17.32 63.49
C GLU A 619 -11.67 18.65 62.80
N ARG A 620 -12.72 19.47 62.67
CA ARG A 620 -12.57 20.77 62.05
C ARG A 620 -11.76 21.69 62.96
N ILE A 621 -10.81 22.43 62.37
CA ILE A 621 -9.86 23.23 63.12
C ILE A 621 -10.04 24.73 62.90
N ALA A 622 -10.33 25.15 61.66
CA ALA A 622 -10.46 26.57 61.36
C ALA A 622 -11.81 26.85 60.70
N ALA A 623 -12.13 28.12 60.60
CA ALA A 623 -13.38 28.56 60.01
C ALA A 623 -13.23 28.76 58.51
N GLY A 624 -14.36 28.90 57.83
CA GLY A 624 -14.41 29.10 56.39
C GLY A 624 -14.92 27.87 55.66
N ASP A 625 -14.98 27.99 54.34
CA ASP A 625 -15.46 26.90 53.51
C ASP A 625 -14.37 25.87 53.29
N VAL A 626 -14.74 24.59 53.36
CA VAL A 626 -13.78 23.49 53.29
C VAL A 626 -14.25 22.50 52.24
N TYR A 627 -13.39 22.24 51.26
CA TYR A 627 -13.73 21.34 50.17
C TYR A 627 -13.03 20.00 50.37
N ASN A 628 -13.67 18.95 49.86
CA ASN A 628 -13.09 17.62 49.87
C ASN A 628 -13.49 16.89 48.60
N THR A 629 -12.53 16.22 48.00
CA THR A 629 -12.69 15.36 46.83
C THR A 629 -11.81 14.14 47.03
N ILE A 630 -12.30 12.98 46.65
CA ILE A 630 -11.55 11.73 46.74
C ILE A 630 -11.23 11.23 45.34
N GLU A 631 -10.01 10.73 45.15
CA GLU A 631 -9.62 10.04 43.93
C GLU A 631 -9.60 8.53 44.18
N GLU A 632 -10.45 7.81 43.48
CA GLU A 632 -10.52 6.36 43.58
C GLU A 632 -9.70 5.74 42.46
N SER A 633 -8.79 4.86 42.83
CA SER A 633 -7.96 4.14 41.88
C SER A 633 -8.48 2.72 41.76
N PHE A 634 -8.79 2.29 40.54
CA PHE A 634 -9.21 0.92 40.24
C PHE A 634 -8.36 0.44 39.08
N ASN A 635 -7.59 -0.64 39.32
CA ASN A 635 -6.59 -1.11 38.37
C ASN A 635 -5.68 0.05 37.92
N ASN A 636 -5.26 0.85 38.91
CA ASN A 636 -4.34 1.98 38.72
C ASN A 636 -4.92 3.07 37.81
N GLU A 637 -6.24 3.13 37.68
CA GLU A 637 -6.92 4.16 36.90
C GLU A 637 -7.70 5.04 37.85
N LYS A 638 -7.40 6.34 37.86
CA LYS A 638 -7.96 7.27 38.82
C LYS A 638 -9.18 7.97 38.24
N ILE A 639 -10.25 8.07 39.04
CA ILE A 639 -11.32 9.02 38.76
C ILE A 639 -11.69 9.65 40.10
N LYS A 640 -12.34 10.80 40.05
CA LYS A 640 -12.62 11.57 41.24
C LYS A 640 -14.12 11.58 41.54
N THR A 641 -14.43 11.67 42.84
CA THR A 641 -15.79 11.75 43.32
C THR A 641 -16.33 13.17 43.11
N ASN A 642 -17.60 13.35 43.42
CA ASN A 642 -18.14 14.68 43.60
C ASN A 642 -17.34 15.44 44.67
N THR A 643 -17.41 16.77 44.61
CA THR A 643 -16.78 17.63 45.61
C THR A 643 -17.82 18.06 46.63
N VAL A 644 -17.56 17.75 47.90
CA VAL A 644 -18.43 18.20 48.99
C VAL A 644 -17.89 19.50 49.56
N VAL A 645 -18.71 20.20 50.34
CA VAL A 645 -18.26 21.41 51.03
C VAL A 645 -18.99 21.51 52.37
N THR A 646 -18.29 22.04 53.37
CA THR A 646 -18.86 22.37 54.67
C THR A 646 -18.44 23.78 55.05
N HIS A 647 -19.19 24.38 55.98
CA HIS A 647 -18.99 25.77 56.38
C HIS A 647 -18.79 25.87 57.87
N THR A 648 -17.76 26.62 58.29
CA THR A 648 -17.49 26.88 59.69
C THR A 648 -17.40 28.39 59.89
N PRO A 649 -18.17 28.97 60.83
CA PRO A 649 -18.19 30.43 60.96
C PRO A 649 -17.16 30.99 61.93
N GLU A 650 -17.23 32.31 62.15
CA GLU A 650 -16.47 33.09 63.15
C GLU A 650 -15.07 33.49 62.68
N VAL B 2 0.28 41.25 78.46
CA VAL B 2 0.64 42.00 77.26
C VAL B 2 -0.60 42.46 76.48
N LEU B 3 -0.38 42.98 75.27
CA LEU B 3 -1.45 43.54 74.47
C LEU B 3 -1.92 42.62 73.35
N VAL B 4 -1.15 41.59 73.02
CA VAL B 4 -1.45 40.56 72.02
C VAL B 4 -1.80 41.21 70.67
N PRO B 5 -0.89 41.91 70.02
CA PRO B 5 -1.16 42.37 68.65
C PRO B 5 -1.20 41.20 67.69
N ASN B 6 -1.98 41.36 66.63
CA ASN B 6 -2.28 40.26 65.72
C ASN B 6 -1.83 40.64 64.31
N LYS B 7 -1.44 39.62 63.54
CA LYS B 7 -0.93 39.82 62.19
C LYS B 7 -1.56 38.77 61.28
N GLU B 8 -2.13 39.21 60.16
CA GLU B 8 -2.68 38.28 59.19
C GLU B 8 -2.24 38.67 57.78
N VAL B 9 -2.33 37.69 56.89
CA VAL B 9 -2.10 37.88 55.47
C VAL B 9 -3.36 37.42 54.75
N THR B 10 -3.75 38.17 53.72
CA THR B 10 -5.10 38.02 53.19
C THR B 10 -5.12 38.38 51.71
N ASP B 11 -6.00 37.73 50.97
CA ASP B 11 -6.35 38.14 49.61
C ASP B 11 -7.42 39.21 49.59
N GLY B 12 -7.90 39.67 50.76
CA GLY B 12 -8.96 40.65 50.85
C GLY B 12 -10.29 40.07 51.28
N GLN B 13 -10.40 38.74 51.36
CA GLN B 13 -11.64 38.08 51.77
C GLN B 13 -11.41 36.99 52.82
N LYS B 14 -10.25 36.33 52.81
CA LYS B 14 -10.00 35.19 53.68
C LYS B 14 -8.57 35.20 54.19
N ASN B 15 -8.34 34.40 55.24
CA ASN B 15 -7.00 34.20 55.78
C ASN B 15 -6.21 33.29 54.84
N ILE B 16 -5.09 33.79 54.30
CA ILE B 16 -4.30 32.99 53.37
C ILE B 16 -2.94 32.63 53.97
N ASN B 17 -2.84 32.58 55.29
CA ASN B 17 -1.59 32.15 55.92
C ASN B 17 -1.22 30.72 55.50
N ASP B 18 0.04 30.54 55.14
CA ASP B 18 0.70 29.29 54.75
C ASP B 18 0.27 28.79 53.37
N LEU B 19 -0.44 29.62 52.58
CA LEU B 19 -0.91 29.23 51.26
C LEU B 19 0.10 29.61 50.18
N ASN B 20 -0.03 28.96 49.02
CA ASN B 20 0.82 29.25 47.88
C ASN B 20 0.31 30.46 47.10
N VAL B 21 1.24 31.27 46.61
CA VAL B 21 0.95 32.45 45.82
C VAL B 21 1.80 32.41 44.56
N LYS B 22 1.60 33.39 43.69
CA LYS B 22 2.24 33.38 42.37
C LYS B 22 2.62 34.79 42.00
N ARG B 23 3.61 34.90 41.10
CA ARG B 23 4.13 36.20 40.66
C ARG B 23 3.00 37.17 40.33
N GLY B 24 3.14 38.40 40.80
CA GLY B 24 2.20 39.45 40.49
C GLY B 24 0.95 39.49 41.36
N ASP B 25 0.75 38.52 42.25
CA ASP B 25 -0.40 38.52 43.15
C ASP B 25 -0.46 39.81 43.96
N SER B 26 -1.65 40.40 44.05
CA SER B 26 -1.87 41.62 44.85
C SER B 26 -2.65 41.23 46.10
N LEU B 27 -1.97 41.31 47.25
CA LEU B 27 -2.49 40.80 48.51
C LEU B 27 -2.35 41.85 49.61
N GLN B 28 -2.66 41.50 50.86
CA GLN B 28 -2.48 42.45 51.95
C GLN B 28 -1.99 41.78 53.21
N TYR B 29 -1.19 42.52 53.98
CA TYR B 29 -0.97 42.21 55.38
C TYR B 29 -1.85 43.13 56.20
N ILE B 30 -2.42 42.62 57.30
CA ILE B 30 -3.16 43.46 58.22
C ILE B 30 -2.63 43.21 59.63
N VAL B 31 -2.12 44.27 60.27
CA VAL B 31 -1.60 44.20 61.63
C VAL B 31 -2.50 45.03 62.52
N THR B 32 -3.11 44.38 63.51
CA THR B 32 -4.01 45.06 64.43
C THR B 32 -3.31 45.29 65.75
N GLY B 33 -3.37 46.52 66.23
CA GLY B 33 -2.84 46.89 67.53
C GLY B 33 -3.97 47.43 68.37
N ASP B 34 -4.39 46.65 69.36
CA ASP B 34 -5.53 47.01 70.20
C ASP B 34 -5.12 48.07 71.22
N THR B 35 -5.97 49.08 71.39
CA THR B 35 -5.77 50.10 72.41
C THR B 35 -6.89 50.09 73.43
N THR B 36 -7.66 49.00 73.50
CA THR B 36 -8.69 48.86 74.53
C THR B 36 -8.11 49.01 75.92
N GLU B 37 -7.05 48.27 76.24
CA GLU B 37 -6.47 48.36 77.58
C GLU B 37 -5.95 49.75 77.88
N LEU B 38 -5.51 50.49 76.86
CA LEU B 38 -4.98 51.82 77.07
C LEU B 38 -6.07 52.88 77.25
N ALA B 39 -7.34 52.50 77.05
CA ALA B 39 -8.44 53.44 77.29
C ALA B 39 -8.68 53.67 78.77
N LYS B 40 -8.05 52.89 79.65
CA LYS B 40 -8.28 52.96 81.09
C LYS B 40 -7.35 53.93 81.80
N VAL B 41 -6.31 54.44 81.14
CA VAL B 41 -5.41 55.39 81.75
C VAL B 41 -5.71 56.79 81.22
N ASP B 42 -5.05 57.79 81.80
CA ASP B 42 -5.15 59.15 81.30
C ASP B 42 -4.59 59.18 79.88
N PRO B 43 -5.38 59.61 78.89
CA PRO B 43 -4.88 59.64 77.50
C PRO B 43 -3.60 60.44 77.33
N LYS B 44 -3.32 61.41 78.19
CA LYS B 44 -2.11 62.21 78.04
C LYS B 44 -0.85 61.43 78.38
N THR B 45 -0.96 60.27 79.00
CA THR B 45 0.21 59.45 79.27
C THR B 45 0.60 58.55 78.11
N VAL B 46 -0.22 58.48 77.06
CA VAL B 46 0.10 57.71 75.87
C VAL B 46 0.82 58.64 74.90
N THR B 47 2.15 58.57 74.88
CA THR B 47 2.98 59.46 74.09
C THR B 47 3.66 58.76 72.92
N LYS B 48 3.46 57.45 72.76
CA LYS B 48 3.99 56.74 71.61
C LYS B 48 3.10 55.54 71.35
N GLN B 49 2.69 55.37 70.09
CA GLN B 49 1.81 54.26 69.73
C GLN B 49 1.95 54.02 68.23
N GLY B 50 2.26 52.79 67.86
CA GLY B 50 2.46 52.49 66.46
C GLY B 50 2.86 51.04 66.24
N ILE B 51 3.23 50.75 64.98
CA ILE B 51 3.59 49.40 64.56
C ILE B 51 4.86 49.47 63.73
N ARG B 52 5.82 48.60 64.03
CA ARG B 52 7.00 48.40 63.17
C ARG B 52 6.85 47.02 62.52
N ASP B 53 6.71 47.00 61.20
CA ASP B 53 6.46 45.76 60.47
C ASP B 53 7.70 45.37 59.67
N THR B 54 8.13 44.11 59.80
CA THR B 54 9.30 43.58 59.10
C THR B 54 8.82 42.57 58.04
N PHE B 55 8.95 42.95 56.77
CA PHE B 55 8.54 42.11 55.64
C PHE B 55 9.77 41.73 54.82
N ASP B 56 9.54 40.95 53.75
CA ASP B 56 10.64 40.42 52.93
C ASP B 56 10.66 41.16 51.60
N ALA B 57 11.42 42.27 51.55
CA ALA B 57 11.48 43.10 50.34
C ALA B 57 12.17 42.39 49.19
N GLU B 58 12.86 41.28 49.44
CA GLU B 58 13.42 40.47 48.37
C GLU B 58 12.34 39.79 47.55
N LYS B 59 11.18 39.53 48.17
CA LYS B 59 10.14 38.72 47.55
C LYS B 59 8.84 39.45 47.32
N VAL B 60 8.56 40.53 48.05
CA VAL B 60 7.35 41.31 47.82
C VAL B 60 7.71 42.79 47.75
N THR B 61 6.84 43.56 47.11
CA THR B 61 7.00 45.00 46.99
C THR B 61 5.80 45.68 47.65
N ILE B 62 6.09 46.68 48.49
CA ILE B 62 5.04 47.44 49.16
C ILE B 62 5.15 48.90 48.71
N ASP B 63 4.05 49.44 48.21
CA ASP B 63 3.95 50.85 47.83
C ASP B 63 3.47 51.64 49.05
N LEU B 64 4.35 52.48 49.62
CA LEU B 64 3.99 53.17 50.86
C LEU B 64 2.75 54.05 50.67
N SER B 65 2.50 54.55 49.46
CA SER B 65 1.34 55.42 49.24
C SER B 65 0.02 54.67 49.31
N LYS B 66 0.04 53.33 49.24
CA LYS B 66 -1.16 52.51 49.38
C LYS B 66 -1.38 51.99 50.80
N VAL B 67 -0.42 52.22 51.71
CA VAL B 67 -0.57 51.76 53.08
C VAL B 67 -1.61 52.62 53.80
N LYS B 68 -2.48 51.97 54.57
CA LYS B 68 -3.55 52.67 55.28
C LYS B 68 -3.57 52.21 56.73
N VAL B 69 -4.11 53.07 57.60
CA VAL B 69 -4.49 52.68 58.97
C VAL B 69 -5.97 52.95 59.14
N TYR B 70 -6.67 52.03 59.79
CA TYR B 70 -8.11 52.14 60.03
C TYR B 70 -8.39 52.05 61.52
N GLN B 71 -9.37 52.84 61.98
CA GLN B 71 -9.82 52.80 63.36
C GLN B 71 -11.08 51.94 63.43
N ALA B 72 -10.97 50.79 64.06
CA ALA B 72 -12.06 49.83 64.08
C ALA B 72 -12.63 49.76 65.49
N ASP B 73 -13.93 49.45 65.57
CA ASP B 73 -14.50 49.17 66.87
C ASP B 73 -13.79 47.96 67.47
N ALA B 74 -13.51 48.04 68.77
CA ALA B 74 -12.76 46.97 69.43
C ALA B 74 -13.52 45.64 69.41
N SER B 75 -14.83 45.67 69.18
CA SER B 75 -15.60 44.45 69.03
C SER B 75 -15.36 43.75 67.70
N LEU B 76 -14.81 44.45 66.70
CA LEU B 76 -14.56 43.81 65.42
C LEU B 76 -13.60 42.65 65.58
N ASN B 77 -13.97 41.51 65.00
CA ASN B 77 -13.09 40.34 64.99
C ASN B 77 -12.14 40.47 63.82
N GLU B 78 -10.91 40.91 64.10
CA GLU B 78 -9.93 41.08 63.03
C GLU B 78 -9.59 39.76 62.38
N LYS B 79 -9.79 38.63 63.09
CA LYS B 79 -9.56 37.31 62.50
C LYS B 79 -10.56 37.01 61.39
N ASP B 80 -11.72 37.66 61.39
CA ASP B 80 -12.72 37.46 60.36
C ASP B 80 -12.43 38.45 59.24
N LEU B 81 -11.67 37.99 58.23
CA LEU B 81 -11.18 38.90 57.22
C LEU B 81 -12.27 39.39 56.28
N LYS B 82 -13.40 38.68 56.18
CA LYS B 82 -14.53 39.23 55.43
C LYS B 82 -15.16 40.39 56.18
N ALA B 83 -15.33 40.26 57.49
CA ALA B 83 -15.91 41.32 58.29
C ALA B 83 -15.02 42.57 58.26
N VAL B 84 -13.70 42.37 58.27
CA VAL B 84 -12.76 43.48 58.18
C VAL B 84 -12.96 44.24 56.88
N ALA B 85 -13.06 43.50 55.76
CA ALA B 85 -13.19 44.16 54.47
C ALA B 85 -14.51 44.91 54.36
N ALA B 86 -15.58 44.35 54.92
CA ALA B 86 -16.86 45.05 54.96
C ALA B 86 -16.77 46.31 55.82
N ALA B 87 -16.10 46.20 56.97
CA ALA B 87 -15.91 47.36 57.83
C ALA B 87 -15.12 48.45 57.14
N ILE B 88 -14.05 48.06 56.44
CA ILE B 88 -13.27 49.05 55.69
C ILE B 88 -14.10 49.64 54.56
N ASN B 89 -14.98 48.84 53.95
CA ASN B 89 -15.77 49.33 52.83
C ASN B 89 -16.95 50.19 53.30
N SER B 90 -17.58 49.82 54.42
CA SER B 90 -18.73 50.56 54.92
C SER B 90 -18.34 51.85 55.64
N GLY B 91 -17.07 52.00 56.03
CA GLY B 91 -16.65 53.14 56.81
C GLY B 91 -16.73 52.92 58.31
N LYS B 92 -17.26 51.78 58.75
CA LYS B 92 -17.27 51.46 60.16
C LYS B 92 -15.86 51.22 60.70
N ALA B 93 -14.92 50.87 59.82
CA ALA B 93 -13.49 50.97 60.12
C ALA B 93 -13.01 52.24 59.43
N LYS B 94 -12.67 53.25 60.23
CA LYS B 94 -12.44 54.60 59.75
C LYS B 94 -11.00 54.80 59.30
N ASP B 95 -10.83 55.38 58.11
CA ASP B 95 -9.50 55.75 57.61
C ASP B 95 -8.93 56.88 58.47
N VAL B 96 -7.82 56.61 59.16
CA VAL B 96 -7.16 57.59 60.00
C VAL B 96 -5.70 57.69 59.57
N THR B 97 -5.40 57.33 58.32
CA THR B 97 -4.01 57.22 57.88
C THR B 97 -3.26 58.55 58.03
N ALA B 98 -3.89 59.66 57.68
CA ALA B 98 -3.18 60.94 57.72
C ALA B 98 -2.83 61.39 59.14
N SER B 99 -3.37 60.73 60.17
CA SER B 99 -2.97 61.01 61.55
C SER B 99 -1.82 60.13 62.01
N TYR B 100 -1.17 59.43 61.08
CA TYR B 100 0.01 58.61 61.35
C TYR B 100 1.21 59.16 60.57
N ASP B 101 2.41 58.86 61.06
CA ASP B 101 3.65 59.03 60.31
C ASP B 101 4.07 57.68 59.74
N LEU B 102 4.05 57.56 58.41
CA LEU B 102 4.47 56.33 57.74
C LEU B 102 5.87 56.48 57.16
N ASN B 103 6.69 55.43 57.30
CA ASN B 103 8.00 55.40 56.68
C ASN B 103 8.29 54.00 56.15
N LEU B 104 8.98 53.93 55.02
CA LEU B 104 9.43 52.67 54.45
C LEU B 104 10.94 52.73 54.29
N ASP B 105 11.64 51.72 54.81
CA ASP B 105 13.09 51.59 54.63
C ASP B 105 13.42 50.10 54.48
N GLN B 106 13.63 49.67 53.23
CA GLN B 106 14.05 48.31 52.93
C GLN B 106 13.01 47.29 53.39
N ASN B 107 13.36 46.48 54.39
CA ASN B 107 12.47 45.44 54.91
C ASN B 107 11.48 45.95 55.96
N THR B 108 11.38 47.27 56.14
CA THR B 108 10.79 47.84 57.35
C THR B 108 9.76 48.90 57.00
N VAL B 109 8.53 48.74 57.49
CA VAL B 109 7.48 49.75 57.39
C VAL B 109 7.06 50.14 58.81
N THR B 110 7.15 51.42 59.14
CA THR B 110 6.76 51.91 60.46
C THR B 110 5.59 52.88 60.33
N ALA B 111 4.63 52.72 61.23
CA ALA B 111 3.46 53.59 61.31
C ALA B 111 3.31 54.03 62.76
N MET B 112 3.56 55.29 63.03
CA MET B 112 3.43 55.82 64.39
C MET B 112 2.37 56.92 64.40
N MET B 113 1.53 56.90 65.42
CA MET B 113 0.55 57.96 65.60
C MET B 113 1.26 59.30 65.75
N LYS B 114 0.73 60.30 65.08
CA LYS B 114 1.15 61.68 65.31
C LYS B 114 0.80 62.09 66.75
N THR B 115 1.50 63.10 67.25
CA THR B 115 1.35 63.54 68.63
C THR B 115 0.98 65.02 68.70
N ASN B 116 0.19 65.36 69.72
CA ASN B 116 -0.12 66.75 70.03
C ASN B 116 1.14 67.45 70.57
N ALA B 117 1.02 68.77 70.79
CA ALA B 117 2.14 69.52 71.36
C ALA B 117 2.52 68.99 72.73
N ASP B 118 1.54 68.57 73.52
CA ASP B 118 1.83 67.99 74.84
C ASP B 118 2.46 66.61 74.79
N GLY B 119 2.67 66.03 73.60
CA GLY B 119 3.35 64.76 73.47
C GLY B 119 2.43 63.57 73.37
N SER B 120 1.14 63.75 73.68
CA SER B 120 0.21 62.63 73.64
C SER B 120 -0.27 62.37 72.22
N VAL B 121 -0.53 61.10 71.92
CA VAL B 121 -0.95 60.73 70.58
C VAL B 121 -2.33 61.33 70.29
N VAL B 122 -2.56 61.69 69.03
CA VAL B 122 -3.76 62.44 68.65
C VAL B 122 -5.01 61.56 68.51
N LEU B 123 -4.88 60.24 68.40
CA LEU B 123 -6.02 59.37 68.17
C LEU B 123 -6.51 58.75 69.47
N ALA B 124 -7.83 58.57 69.57
CA ALA B 124 -8.41 58.07 70.81
C ALA B 124 -8.03 56.62 71.05
N MET B 125 -7.78 56.30 72.32
CA MET B 125 -7.66 54.90 72.74
C MET B 125 -9.04 54.27 72.87
N GLY B 126 -9.04 52.96 73.06
CA GLY B 126 -10.27 52.20 73.12
C GLY B 126 -10.66 51.56 71.81
N TYR B 127 -9.80 51.61 70.81
CA TYR B 127 -10.11 51.12 69.48
C TYR B 127 -9.02 50.17 69.01
N LYS B 128 -9.38 49.34 68.04
CA LYS B 128 -8.41 48.54 67.31
C LYS B 128 -7.96 49.34 66.11
N TYR B 129 -6.64 49.52 65.97
CA TYR B 129 -6.06 50.20 64.82
C TYR B 129 -5.43 49.17 63.89
N LEU B 130 -5.92 49.10 62.67
CA LEU B 130 -5.50 48.09 61.69
C LEU B 130 -4.58 48.75 60.69
N LEU B 131 -3.32 48.34 60.69
CA LEU B 131 -2.37 48.74 59.65
C LEU B 131 -2.52 47.78 58.47
N VAL B 132 -2.84 48.32 57.29
CA VAL B 132 -3.07 47.50 56.10
C VAL B 132 -1.93 47.78 55.13
N LEU B 133 -1.16 46.73 54.79
CA LEU B 133 -0.04 46.83 53.87
C LEU B 133 -0.35 46.05 52.60
N PRO B 134 -0.84 46.70 51.54
CA PRO B 134 -1.00 46.01 50.25
C PRO B 134 0.37 45.70 49.67
N PHE B 135 0.56 44.45 49.21
CA PHE B 135 1.83 44.09 48.59
C PHE B 135 1.60 43.33 47.29
N VAL B 136 2.65 43.29 46.47
CA VAL B 136 2.66 42.56 45.22
C VAL B 136 3.82 41.57 45.24
N VAL B 137 3.53 40.31 44.93
CA VAL B 137 4.54 39.25 44.91
C VAL B 137 5.44 39.43 43.70
N LYS B 138 6.75 39.36 43.91
CA LYS B 138 7.69 39.46 42.79
C LYS B 138 7.82 38.11 42.09
N ASN B 139 8.53 38.08 40.96
CA ASN B 139 8.81 36.83 40.25
C ASN B 139 10.02 36.16 40.89
N VAL B 140 9.76 35.47 42.01
CA VAL B 140 10.79 34.87 42.86
C VAL B 140 10.35 33.46 43.25
N GLU B 141 11.20 32.79 44.02
CA GLU B 141 10.95 31.42 44.45
C GLU B 141 11.07 31.34 45.97
N GLY B 142 10.38 30.37 46.57
CA GLY B 142 10.57 30.09 47.99
C GLY B 142 9.59 30.81 48.90
N ASP B 143 9.97 30.92 50.18
CA ASP B 143 9.12 31.46 51.23
C ASP B 143 9.34 32.95 51.44
N PHE B 144 8.32 33.61 51.99
CA PHE B 144 8.50 34.93 52.56
C PHE B 144 7.61 35.08 53.80
N GLU B 145 8.21 35.51 54.89
CA GLU B 145 7.51 35.69 56.15
C GLU B 145 7.23 37.17 56.40
N ASN B 146 6.32 37.44 57.33
CA ASN B 146 6.07 38.80 57.81
C ASN B 146 5.77 38.77 59.29
N THR B 147 6.37 39.70 60.04
CA THR B 147 6.15 39.83 61.47
C THR B 147 6.10 41.31 61.81
N ALA B 148 5.43 41.63 62.91
CA ALA B 148 5.30 43.03 63.31
C ALA B 148 5.43 43.16 64.82
N VAL B 149 5.59 44.40 65.26
CA VAL B 149 5.75 44.75 66.67
C VAL B 149 4.84 45.95 66.94
N GLN B 150 4.08 45.88 68.04
CA GLN B 150 3.30 47.02 68.48
C GLN B 150 4.15 47.80 69.47
N LEU B 151 4.24 49.11 69.26
CA LEU B 151 5.01 50.01 70.12
C LEU B 151 4.06 50.81 71.00
N THR B 152 4.23 50.69 72.32
CA THR B 152 3.41 51.43 73.27
C THR B 152 4.36 52.13 74.25
N ASN B 153 4.37 53.47 74.23
CA ASN B 153 5.37 54.24 74.97
C ASN B 153 6.75 53.60 74.84
N ASP B 154 7.31 53.08 75.92
CA ASP B 154 8.65 52.50 75.86
C ASP B 154 8.64 50.98 75.83
N GLY B 155 7.55 50.35 75.37
CA GLY B 155 7.47 48.90 75.32
C GLY B 155 7.12 48.35 73.95
N GLU B 156 7.46 47.08 73.70
CA GLU B 156 7.25 46.45 72.41
C GLU B 156 6.71 45.03 72.58
N THR B 157 5.73 44.68 71.76
CA THR B 157 5.15 43.33 71.79
C THR B 157 5.10 42.80 70.37
N VAL B 158 5.56 41.59 70.17
CA VAL B 158 5.66 41.00 68.84
C VAL B 158 4.34 40.34 68.48
N THR B 159 4.00 40.37 67.19
CA THR B 159 2.87 39.63 66.67
C THR B 159 3.27 38.19 66.33
N ASN B 160 2.27 37.40 65.99
CA ASN B 160 2.48 36.11 65.33
C ASN B 160 3.13 36.36 63.96
N THR B 161 3.76 35.32 63.43
CA THR B 161 4.41 35.41 62.11
C THR B 161 3.56 34.66 61.10
N VAL B 162 3.39 35.27 59.93
CA VAL B 162 2.71 34.64 58.82
C VAL B 162 3.75 34.29 57.77
N ILE B 163 3.36 33.43 56.82
CA ILE B 163 4.27 32.99 55.77
C ILE B 163 3.45 32.59 54.56
N ASN B 164 4.04 32.76 53.38
CA ASN B 164 3.49 32.28 52.13
C ASN B 164 4.63 31.67 51.32
N HIS B 165 4.27 30.86 50.32
CA HIS B 165 5.23 30.18 49.48
C HIS B 165 5.02 30.55 48.02
N VAL B 166 6.09 30.55 47.24
CA VAL B 166 6.01 30.84 45.81
C VAL B 166 6.62 29.67 45.05
N PRO B 167 5.88 28.60 44.80
CA PRO B 167 6.48 27.44 44.13
C PRO B 167 6.86 27.74 42.69
N SER B 168 7.83 26.97 42.20
CA SER B 168 8.40 27.19 40.88
C SER B 168 7.50 26.61 39.80
N SER B 169 7.20 27.41 38.79
CA SER B 169 6.60 26.89 37.57
C SER B 169 6.77 27.91 36.46
N ASN B 170 7.26 27.45 35.30
CA ASN B 170 7.59 28.26 34.15
C ASN B 170 6.73 27.89 32.95
N PRO B 171 6.48 28.84 32.04
CA PRO B 171 5.80 28.52 30.79
C PRO B 171 6.72 27.71 29.89
N SER B 172 6.12 27.05 28.90
CA SER B 172 6.93 26.26 27.99
C SER B 172 6.30 26.27 26.61
N LYS B 173 7.04 25.76 25.63
CA LYS B 173 6.56 25.71 24.26
C LYS B 173 7.03 24.41 23.64
N ASP B 174 6.15 23.80 22.85
CA ASP B 174 6.50 22.59 22.13
C ASP B 174 5.93 22.69 20.73
N VAL B 175 6.26 21.70 19.90
CA VAL B 175 5.77 21.59 18.53
C VAL B 175 5.15 20.21 18.40
N LYS B 176 3.93 20.16 17.87
CA LYS B 176 3.22 18.89 17.72
C LYS B 176 2.71 18.72 16.30
N ALA B 177 2.59 17.47 15.86
CA ALA B 177 2.02 17.20 14.55
C ALA B 177 0.53 17.57 14.52
N ASP B 178 0.03 17.76 13.30
CA ASP B 178 -1.34 18.21 13.04
C ASP B 178 -1.94 17.30 11.98
N LYS B 179 -2.61 16.24 12.42
CA LYS B 179 -3.24 15.25 11.54
C LYS B 179 -4.70 15.61 11.38
N ASN B 180 -4.99 16.36 10.32
CA ASN B 180 -6.33 16.84 10.00
C ASN B 180 -6.98 17.58 11.17
N GLY B 181 -6.17 18.32 11.92
CA GLY B 181 -6.66 19.13 13.02
C GLY B 181 -6.42 18.54 14.39
N THR B 182 -6.22 17.23 14.49
CA THR B 182 -6.01 16.62 15.79
C THR B 182 -4.53 16.71 16.18
N VAL B 183 -4.28 16.97 17.46
CA VAL B 183 -2.93 17.24 17.92
C VAL B 183 -2.20 15.94 18.13
N GLY B 184 -0.98 15.85 17.62
CA GLY B 184 -0.15 14.68 17.86
C GLY B 184 0.44 14.70 19.26
N SER B 185 1.03 13.57 19.64
CA SER B 185 1.54 13.39 21.00
C SER B 185 3.05 13.21 21.07
N VAL B 186 3.80 13.46 19.99
CA VAL B 186 5.26 13.40 20.07
C VAL B 186 5.83 14.76 19.71
N SER B 187 6.82 15.21 20.50
CA SER B 187 7.44 16.50 20.25
C SER B 187 8.20 16.49 18.94
N LEU B 188 8.04 17.56 18.16
CA LEU B 188 8.75 17.74 16.91
C LEU B 188 9.92 18.71 17.03
N HIS B 189 10.37 19.01 18.25
CA HIS B 189 11.50 19.91 18.42
C HIS B 189 12.76 19.31 17.81
N ASP B 190 13.47 20.14 17.03
CA ASP B 190 14.71 19.79 16.35
C ASP B 190 14.51 18.82 15.20
N LYS B 191 13.30 18.70 14.68
CA LYS B 191 13.03 17.75 13.60
C LYS B 191 12.75 18.50 12.30
N ASP B 192 12.54 17.73 11.23
CA ASP B 192 12.45 18.27 9.87
C ASP B 192 11.01 18.23 9.39
N ILE B 193 10.50 19.38 8.98
CA ILE B 193 9.12 19.58 8.58
C ILE B 193 9.12 19.87 7.07
N PRO B 194 8.40 19.10 6.26
CA PRO B 194 8.34 19.43 4.83
C PRO B 194 7.56 20.69 4.57
N LEU B 195 7.96 21.40 3.51
CA LEU B 195 7.20 22.53 3.02
C LEU B 195 5.72 22.17 2.89
N GLN B 196 4.87 23.14 3.23
CA GLN B 196 3.40 23.07 3.20
C GLN B 196 2.81 22.15 4.26
N THR B 197 3.62 21.48 5.08
CA THR B 197 3.06 20.77 6.23
C THR B 197 2.46 21.77 7.21
N LYS B 198 1.31 21.41 7.77
CA LYS B 198 0.72 22.16 8.86
C LYS B 198 1.11 21.51 10.18
N ILE B 199 1.57 22.31 11.14
CA ILE B 199 1.96 21.79 12.45
C ILE B 199 1.30 22.65 13.53
N TYR B 200 1.30 22.12 14.74
CA TYR B 200 0.79 22.87 15.89
C TYR B 200 1.96 23.40 16.69
N TYR B 201 1.86 24.67 17.07
CA TYR B 201 2.68 25.22 18.12
C TYR B 201 1.91 25.05 19.43
N GLU B 202 2.55 24.44 20.41
CA GLU B 202 1.93 24.20 21.71
C GLU B 202 2.49 25.24 22.69
N VAL B 203 1.65 26.19 23.10
CA VAL B 203 2.09 27.22 24.03
C VAL B 203 1.44 26.89 25.38
N LYS B 204 2.27 26.49 26.35
CA LYS B 204 1.80 25.95 27.63
C LYS B 204 2.02 26.97 28.73
N SER B 205 0.96 27.29 29.46
CA SER B 205 1.09 28.23 30.57
C SER B 205 1.91 27.60 31.70
N SER B 206 2.42 28.46 32.59
CA SER B 206 2.93 27.94 33.83
C SER B 206 1.77 27.41 34.67
N GLU B 207 2.09 26.72 35.75
CA GLU B 207 1.05 26.19 36.61
C GLU B 207 0.74 27.18 37.74
N ARG B 208 -0.56 27.40 37.96
CA ARG B 208 -1.02 28.02 39.21
C ARG B 208 -0.98 26.96 40.31
N PRO B 209 -0.31 27.21 41.42
CA PRO B 209 -0.08 26.15 42.40
C PRO B 209 -1.37 25.71 43.07
N ALA B 210 -1.32 24.50 43.64
CA ALA B 210 -2.39 24.04 44.50
C ALA B 210 -2.41 24.84 45.80
N ASN B 211 -3.55 24.78 46.51
CA ASN B 211 -3.74 25.58 47.73
C ASN B 211 -3.39 27.04 47.48
N TYR B 212 -4.01 27.61 46.45
CA TYR B 212 -3.70 28.96 46.01
C TYR B 212 -4.36 29.98 46.93
N GLY B 213 -3.57 30.94 47.40
CA GLY B 213 -4.10 32.07 48.14
C GLY B 213 -4.07 33.37 47.39
N GLY B 214 -3.62 33.38 46.13
CA GLY B 214 -3.62 34.58 45.33
C GLY B 214 -4.95 34.84 44.65
N ILE B 215 -4.92 35.77 43.71
CA ILE B 215 -6.06 36.06 42.84
C ILE B 215 -5.53 36.18 41.42
N THR B 216 -6.09 35.40 40.49
CA THR B 216 -5.73 35.53 39.08
C THR B 216 -6.47 36.70 38.48
N GLU B 217 -5.75 37.82 38.31
CA GLU B 217 -6.35 39.03 37.75
C GLU B 217 -6.25 39.07 36.23
N GLU B 218 -5.17 38.53 35.64
CA GLU B 218 -5.16 38.31 34.21
C GLU B 218 -4.20 37.18 33.87
N TRP B 219 -4.45 36.50 32.75
CA TRP B 219 -3.64 35.36 32.35
C TRP B 219 -3.67 35.28 30.83
N GLY B 220 -2.50 35.43 30.21
CA GLY B 220 -2.41 35.56 28.77
C GLY B 220 -1.10 34.97 28.28
N MET B 221 -1.10 34.60 27.00
CA MET B 221 0.08 34.05 26.33
C MET B 221 0.22 34.67 24.95
N ASN B 222 1.42 35.13 24.63
CA ASN B 222 1.72 35.86 23.42
C ASN B 222 2.72 35.09 22.58
N ASP B 223 2.48 35.04 21.27
CA ASP B 223 3.39 34.36 20.35
C ASP B 223 3.55 35.25 19.13
N VAL B 224 4.79 35.63 18.84
CA VAL B 224 5.12 36.44 17.67
C VAL B 224 5.76 35.51 16.64
N LEU B 225 5.09 35.35 15.49
CA LEU B 225 5.50 34.38 14.48
C LEU B 225 6.42 35.01 13.45
N ASP B 226 7.40 34.23 13.00
CA ASP B 226 8.17 34.52 11.79
C ASP B 226 7.28 34.25 10.59
N THR B 227 6.63 35.31 10.11
CA THR B 227 5.61 35.16 9.07
C THR B 227 6.19 34.81 7.70
N THR B 228 7.51 34.87 7.51
CA THR B 228 8.06 34.41 6.24
C THR B 228 8.23 32.90 6.21
N HIS B 229 8.20 32.25 7.37
CA HIS B 229 8.31 30.79 7.45
C HIS B 229 7.05 30.10 7.94
N ASP B 230 6.26 30.75 8.82
CA ASP B 230 5.08 30.16 9.43
C ASP B 230 3.87 31.00 9.09
N ARG B 231 2.87 30.37 8.48
CA ARG B 231 1.63 31.04 8.08
C ARG B 231 0.53 30.60 9.05
N PHE B 232 0.12 31.50 9.94
CA PHE B 232 -0.97 31.18 10.86
C PHE B 232 -2.26 31.02 10.07
N THR B 233 -2.88 29.83 10.18
CA THR B 233 -4.08 29.52 9.40
C THR B 233 -5.34 30.10 10.02
N GLY B 234 -5.26 30.69 11.22
CA GLY B 234 -6.43 31.13 11.93
C GLY B 234 -7.07 30.09 12.83
N LYS B 235 -6.66 28.82 12.72
CA LYS B 235 -7.27 27.74 13.49
C LYS B 235 -6.47 27.55 14.78
N TRP B 236 -7.16 27.50 15.91
CA TRP B 236 -6.52 27.35 17.20
C TRP B 236 -7.55 26.79 18.18
N HIS B 237 -7.06 26.17 19.25
CA HIS B 237 -7.91 25.78 20.37
C HIS B 237 -7.10 25.80 21.66
N ALA B 238 -7.82 25.81 22.79
CA ALA B 238 -7.20 25.83 24.10
C ALA B 238 -7.87 24.81 25.00
N ILE B 239 -7.08 24.15 25.85
CA ILE B 239 -7.64 23.19 26.79
C ILE B 239 -7.16 23.54 28.20
N THR B 240 -7.97 23.11 29.19
CA THR B 240 -7.59 23.20 30.59
C THR B 240 -6.85 21.91 30.95
N ASN B 241 -5.70 22.05 31.61
CA ASN B 241 -4.86 20.91 31.96
C ASN B 241 -5.21 20.29 33.31
N TYR B 242 -6.11 20.92 34.08
CA TYR B 242 -6.58 20.39 35.34
C TYR B 242 -8.09 20.57 35.42
N ASP B 243 -8.72 19.84 36.34
CA ASP B 243 -10.14 20.02 36.60
C ASP B 243 -10.46 21.47 36.96
N LEU B 244 -11.46 22.04 36.26
CA LEU B 244 -11.83 23.44 36.41
C LEU B 244 -13.35 23.53 36.47
N LYS B 245 -13.88 24.03 37.58
CA LYS B 245 -15.31 24.15 37.77
C LYS B 245 -15.79 25.51 37.31
N VAL B 246 -16.85 25.52 36.50
CA VAL B 246 -17.43 26.73 35.92
C VAL B 246 -18.94 26.68 36.15
N GLY B 247 -19.47 27.62 36.90
CA GLY B 247 -20.88 27.55 37.25
C GLY B 247 -21.18 26.24 37.95
N ASP B 248 -22.13 25.47 37.40
CA ASP B 248 -22.57 24.23 37.99
C ASP B 248 -21.92 23.00 37.37
N LYS B 249 -20.95 23.18 36.47
CA LYS B 249 -20.31 22.07 35.79
C LYS B 249 -18.82 22.05 36.06
N THR B 250 -18.25 20.84 36.08
CA THR B 250 -16.81 20.62 36.18
C THR B 250 -16.25 20.35 34.80
N LEU B 251 -15.37 21.23 34.32
CA LEU B 251 -14.66 21.01 33.05
C LEU B 251 -13.44 20.15 33.36
N LYS B 252 -13.52 18.86 33.05
CA LYS B 252 -12.47 17.93 33.43
C LYS B 252 -11.16 18.25 32.72
N ALA B 253 -10.07 17.78 33.31
CA ALA B 253 -8.75 18.00 32.73
C ALA B 253 -8.71 17.45 31.30
N GLY B 254 -8.25 18.29 30.37
CA GLY B 254 -8.22 17.95 28.96
C GLY B 254 -9.31 18.60 28.13
N THR B 255 -10.38 19.07 28.76
CA THR B 255 -11.53 19.63 28.07
C THR B 255 -11.14 20.91 27.32
N ASP B 256 -11.84 21.17 26.22
CA ASP B 256 -11.63 22.37 25.43
C ASP B 256 -12.24 23.58 26.14
N ILE B 257 -11.46 24.67 26.24
CA ILE B 257 -11.98 25.90 26.83
C ILE B 257 -11.79 27.06 25.85
N SER B 258 -11.83 26.78 24.55
CA SER B 258 -11.51 27.81 23.57
C SER B 258 -12.47 28.99 23.66
N ALA B 259 -13.74 28.73 23.98
CA ALA B 259 -14.74 29.79 24.04
C ALA B 259 -14.43 30.83 25.10
N TYR B 260 -13.66 30.47 26.12
CA TYR B 260 -13.30 31.37 27.20
C TYR B 260 -12.01 32.13 26.93
N ILE B 261 -11.35 31.87 25.79
CA ILE B 261 -10.07 32.48 25.46
C ILE B 261 -10.32 33.49 24.35
N LEU B 262 -9.79 34.71 24.54
CA LEU B 262 -9.89 35.77 23.55
C LEU B 262 -8.60 35.80 22.74
N LEU B 263 -8.74 35.89 21.42
CA LEU B 263 -7.60 36.01 20.53
C LEU B 263 -7.52 37.42 19.99
N GLU B 264 -6.37 38.07 20.22
CA GLU B 264 -6.04 39.35 19.60
C GLU B 264 -4.99 39.03 18.54
N ASN B 265 -5.38 39.14 17.28
CA ASN B 265 -4.56 38.74 16.14
C ASN B 265 -4.17 40.01 15.38
N LYS B 266 -2.88 40.35 15.42
CA LYS B 266 -2.34 41.50 14.69
C LYS B 266 -1.60 40.98 13.45
N ASP B 267 -2.28 41.09 12.29
CA ASP B 267 -1.71 40.77 10.98
C ASP B 267 -1.12 39.37 10.92
N ASN B 268 -1.80 38.41 11.56
CA ASN B 268 -1.39 37.00 11.56
C ASN B 268 0.06 36.81 12.01
N LYS B 269 0.62 37.79 12.70
CA LYS B 269 2.01 37.73 13.16
C LYS B 269 2.11 37.74 14.68
N ASP B 270 1.45 38.68 15.33
CA ASP B 270 1.53 38.89 16.77
C ASP B 270 0.21 38.42 17.37
N LEU B 271 0.23 37.24 18.01
CA LEU B 271 -0.99 36.60 18.50
C LEU B 271 -1.00 36.59 20.01
N THR B 272 -2.10 37.04 20.61
CA THR B 272 -2.24 37.05 22.06
C THR B 272 -3.52 36.34 22.49
N PHE B 273 -3.39 35.37 23.38
CA PHE B 273 -4.51 34.61 23.92
C PHE B 273 -4.67 34.96 25.40
N THR B 274 -5.84 35.49 25.77
CA THR B 274 -6.10 35.90 27.15
C THR B 274 -7.40 35.27 27.66
N MET B 275 -7.42 34.94 28.96
CA MET B 275 -8.65 34.42 29.56
C MET B 275 -9.70 35.53 29.68
N ASN B 276 -10.96 35.19 29.39
CA ASN B 276 -12.02 36.18 29.48
C ASN B 276 -12.50 36.30 30.93
N GLN B 277 -13.53 37.15 31.13
CA GLN B 277 -13.93 37.51 32.49
C GLN B 277 -14.61 36.34 33.21
N ALA B 278 -15.48 35.61 32.50
CA ALA B 278 -16.17 34.48 33.13
C ALA B 278 -15.16 33.44 33.63
N LEU B 279 -14.13 33.17 32.83
CA LEU B 279 -13.14 32.17 33.21
C LEU B 279 -12.31 32.64 34.40
N LEU B 280 -11.86 33.90 34.38
CA LEU B 280 -11.16 34.45 35.53
C LEU B 280 -12.02 34.37 36.79
N ALA B 281 -13.31 34.67 36.66
CA ALA B 281 -14.20 34.60 37.81
C ALA B 281 -14.25 33.17 38.36
N ALA B 282 -14.37 32.18 37.48
CA ALA B 282 -14.40 30.79 37.92
C ALA B 282 -13.10 30.41 38.62
N LEU B 283 -11.96 30.79 38.04
CA LEU B 283 -10.67 30.50 38.68
C LEU B 283 -10.57 31.07 40.08
N ASN B 284 -11.29 32.16 40.38
CA ASN B 284 -11.20 32.74 41.71
C ASN B 284 -12.16 32.10 42.70
N GLU B 285 -13.01 31.18 42.24
CA GLU B 285 -13.89 30.50 43.17
C GLU B 285 -13.07 29.51 44.00
N GLY B 286 -13.53 29.26 45.23
CA GLY B 286 -12.72 28.52 46.17
C GLY B 286 -12.34 27.12 45.70
N SER B 287 -13.28 26.38 45.12
CA SER B 287 -12.95 24.98 44.84
C SER B 287 -11.89 24.87 43.76
N ASN B 288 -11.74 25.88 42.89
CA ASN B 288 -10.71 25.90 41.85
C ASN B 288 -9.33 26.30 42.37
N LYS B 289 -9.22 26.73 43.63
CA LYS B 289 -7.93 27.07 44.22
C LYS B 289 -7.34 25.93 45.03
N VAL B 290 -8.10 24.85 45.25
CA VAL B 290 -7.58 23.69 45.98
C VAL B 290 -6.46 23.01 45.19
N GLY B 291 -6.74 22.70 43.93
CA GLY B 291 -5.76 22.07 43.08
C GLY B 291 -5.11 23.06 42.11
N LYS B 292 -4.10 22.56 41.39
CA LYS B 292 -3.42 23.38 40.40
C LYS B 292 -4.38 23.76 39.28
N GLN B 293 -4.02 24.83 38.56
CA GLN B 293 -4.67 25.19 37.32
C GLN B 293 -3.60 25.53 36.29
N ALA B 294 -3.84 25.13 35.04
CA ALA B 294 -2.96 25.45 33.93
C ALA B 294 -3.75 25.29 32.63
N TRP B 295 -3.25 25.92 31.57
CA TRP B 295 -3.90 25.81 30.28
C TRP B 295 -2.85 25.82 29.18
N SER B 296 -3.27 25.40 27.99
CA SER B 296 -2.37 25.41 26.86
C SER B 296 -3.17 25.75 25.60
N VAL B 297 -2.50 26.41 24.67
CA VAL B 297 -3.09 26.80 23.39
C VAL B 297 -2.37 26.05 22.29
N TYR B 298 -3.12 25.53 21.34
CA TYR B 298 -2.58 24.94 20.12
C TYR B 298 -2.93 25.87 18.98
N LEU B 299 -1.92 26.40 18.31
CA LEU B 299 -2.13 27.25 17.14
C LEU B 299 -1.49 26.58 15.94
N GLU B 300 -2.20 26.62 14.82
CA GLU B 300 -1.82 25.89 13.61
C GLU B 300 -1.12 26.83 12.63
N VAL B 301 0.09 26.46 12.21
CA VAL B 301 0.79 27.20 11.16
C VAL B 301 1.11 26.25 10.01
N GLU B 302 1.12 26.81 8.80
CA GLU B 302 1.67 26.12 7.64
C GLU B 302 3.11 26.57 7.45
N ARG B 303 4.00 25.60 7.27
CA ARG B 303 5.40 25.91 6.96
C ARG B 303 5.50 26.25 5.48
N ILE B 304 6.03 27.44 5.16
CA ILE B 304 6.00 27.94 3.79
C ILE B 304 7.37 28.25 3.22
N LYS B 305 8.44 27.99 3.97
CA LYS B 305 9.77 28.38 3.50
C LYS B 305 10.81 27.50 4.17
N THR B 306 11.89 27.24 3.46
CA THR B 306 12.96 26.42 3.99
C THR B 306 13.76 27.18 5.04
N GLY B 307 14.52 26.43 5.82
CA GLY B 307 15.46 26.95 6.78
C GLY B 307 15.19 26.40 8.16
N ASP B 308 15.79 27.06 9.14
CA ASP B 308 15.58 26.74 10.55
C ASP B 308 14.63 27.75 11.16
N VAL B 309 13.58 27.28 11.81
CA VAL B 309 12.48 28.12 12.26
C VAL B 309 12.36 28.02 13.77
N GLU B 310 12.53 29.14 14.46
CA GLU B 310 12.41 29.18 15.91
C GLU B 310 11.07 29.76 16.34
N ASN B 311 10.61 29.31 17.51
CA ASN B 311 9.39 29.80 18.14
C ASN B 311 9.56 29.91 19.65
N THR B 312 9.01 30.99 20.20
CA THR B 312 8.98 31.26 21.63
C THR B 312 7.64 31.92 21.97
N GLN B 313 7.22 31.78 23.22
CA GLN B 313 6.03 32.47 23.71
C GLN B 313 6.34 33.18 25.02
N THR B 314 5.55 34.22 25.30
CA THR B 314 5.70 35.00 26.53
C THR B 314 4.38 34.96 27.27
N GLU B 315 4.42 34.44 28.49
CA GLU B 315 3.24 34.29 29.33
C GLU B 315 3.07 35.53 30.21
N ASN B 316 1.85 36.08 30.24
CA ASN B 316 1.47 37.15 31.16
C ASN B 316 0.64 36.54 32.28
N TYR B 317 1.19 36.56 33.49
CA TYR B 317 0.44 36.22 34.71
C TYR B 317 0.46 37.43 35.63
N ASN B 318 -0.69 38.08 35.82
CA ASN B 318 -0.79 39.23 36.73
C ASN B 318 0.23 40.31 36.36
N LYS B 319 0.37 40.58 35.05
CA LYS B 319 1.24 41.58 34.46
C LYS B 319 2.72 41.22 34.55
N GLU B 320 3.08 40.01 34.99
CA GLU B 320 4.48 39.60 35.11
C GLU B 320 4.83 38.67 33.95
N LEU B 321 5.68 39.15 33.03
CA LEU B 321 5.97 38.45 31.78
C LEU B 321 7.17 37.53 31.95
N VAL B 322 7.03 36.29 31.46
CA VAL B 322 8.13 35.32 31.46
C VAL B 322 8.12 34.60 30.11
N ARG B 323 9.28 34.53 29.46
CA ARG B 323 9.40 33.83 28.19
C ARG B 323 9.63 32.33 28.43
N SER B 324 9.09 31.53 27.51
CA SER B 324 9.27 30.09 27.54
C SER B 324 10.62 29.71 26.93
N ASN B 325 10.87 28.41 26.86
CA ASN B 325 11.95 27.87 26.07
C ASN B 325 11.72 28.21 24.59
N THR B 326 12.78 28.07 23.80
CA THR B 326 12.69 28.27 22.35
C THR B 326 12.79 26.92 21.67
N VAL B 327 11.85 26.64 20.79
CA VAL B 327 11.85 25.40 20.03
C VAL B 327 12.29 25.71 18.61
N VAL B 328 12.87 24.72 17.93
CA VAL B 328 13.31 24.92 16.56
C VAL B 328 12.92 23.69 15.75
N THR B 329 12.51 23.94 14.50
CA THR B 329 12.35 22.90 13.49
C THR B 329 13.07 23.35 12.23
N HIS B 330 13.33 22.39 11.34
CA HIS B 330 14.09 22.64 10.11
C HIS B 330 13.27 22.20 8.92
N THR B 331 13.37 22.93 7.82
CA THR B 331 12.56 22.64 6.63
C THR B 331 13.46 22.53 5.40
N PRO B 332 13.58 21.35 4.79
CA PRO B 332 14.43 21.19 3.60
C PRO B 332 13.72 21.57 2.31
N ASP B 333 14.53 21.79 1.27
CA ASP B 333 14.01 21.83 -0.09
C ASP B 333 13.23 20.55 -0.37
N ASP B 334 12.16 20.68 -1.15
CA ASP B 334 11.44 19.51 -1.66
C ASP B 334 12.38 18.64 -2.48
N PRO B 335 12.11 17.33 -2.58
CA PRO B 335 12.91 16.48 -3.46
C PRO B 335 12.81 16.95 -4.91
N LYS B 336 13.90 16.73 -5.66
CA LYS B 336 13.97 17.06 -7.07
C LYS B 336 14.40 15.82 -7.84
N PRO B 337 13.52 14.83 -7.97
CA PRO B 337 13.87 13.64 -8.74
C PRO B 337 13.95 13.96 -10.22
N THR B 338 14.86 13.25 -10.91
CA THR B 338 15.12 13.47 -12.33
C THR B 338 15.14 12.14 -13.08
N LYS B 339 15.02 12.22 -14.40
CA LYS B 339 15.07 11.01 -15.22
C LYS B 339 15.91 11.27 -16.47
N ALA B 340 16.74 10.26 -16.81
CA ALA B 340 17.57 10.27 -18.01
C ALA B 340 17.47 8.91 -18.69
N VAL B 341 17.89 8.84 -19.95
CA VAL B 341 17.98 7.60 -20.70
C VAL B 341 19.37 7.47 -21.29
N HIS B 342 20.04 6.36 -21.03
CA HIS B 342 21.37 6.08 -21.55
C HIS B 342 21.31 4.89 -22.50
N ASN B 343 22.35 4.74 -23.30
CA ASN B 343 22.48 3.52 -24.11
C ASN B 343 23.42 2.57 -23.39
N LYS B 344 23.75 1.47 -24.07
CA LYS B 344 24.56 0.42 -23.47
C LYS B 344 25.99 0.85 -23.22
N LYS B 345 26.47 1.90 -23.90
CA LYS B 345 27.80 2.42 -23.67
C LYS B 345 27.85 3.41 -22.52
N GLY B 346 26.69 3.75 -21.93
CA GLY B 346 26.61 4.71 -20.86
C GLY B 346 26.36 6.13 -21.31
N GLU B 347 26.14 6.36 -22.60
CA GLU B 347 26.04 7.70 -23.15
C GLU B 347 24.59 8.16 -23.07
N ASP B 348 24.41 9.46 -22.81
CA ASP B 348 23.06 10.03 -22.71
C ASP B 348 22.45 10.14 -24.10
N ILE B 349 21.23 9.63 -24.26
CA ILE B 349 20.64 9.56 -25.59
C ILE B 349 19.18 10.02 -25.60
N ASN B 350 18.84 10.97 -24.72
CA ASN B 350 17.52 11.56 -24.79
C ASN B 350 17.32 12.18 -26.17
N HIS B 351 16.11 12.05 -26.70
CA HIS B 351 15.72 12.45 -28.05
C HIS B 351 16.38 11.60 -29.14
N GLY B 352 17.17 10.58 -28.79
CA GLY B 352 17.94 9.83 -29.78
C GLY B 352 17.16 8.73 -30.47
N LYS B 353 17.60 8.40 -31.70
CA LYS B 353 16.95 7.36 -32.49
C LYS B 353 17.61 5.99 -32.26
N VAL B 354 16.78 4.97 -32.05
CA VAL B 354 17.26 3.65 -31.67
C VAL B 354 16.54 2.60 -32.54
N ALA B 355 16.98 1.35 -32.41
CA ALA B 355 16.48 0.26 -33.25
C ALA B 355 16.08 -0.92 -32.38
N ARG B 356 15.40 -1.90 -32.98
CA ARG B 356 14.94 -3.07 -32.24
C ARG B 356 16.09 -3.74 -31.49
N GLY B 357 15.79 -4.24 -30.30
CA GLY B 357 16.78 -4.90 -29.48
C GLY B 357 17.73 -3.97 -28.75
N ASP B 358 17.74 -2.68 -29.08
CA ASP B 358 18.60 -1.73 -28.38
C ASP B 358 18.20 -1.64 -26.91
N VAL B 359 19.20 -1.42 -26.06
CA VAL B 359 18.98 -1.22 -24.62
C VAL B 359 18.75 0.27 -24.40
N LEU B 360 17.58 0.61 -23.86
CA LEU B 360 17.30 1.95 -23.34
C LEU B 360 17.39 1.86 -21.82
N SER B 361 18.47 2.38 -21.25
CA SER B 361 18.75 2.25 -19.82
C SER B 361 18.25 3.52 -19.13
N TYR B 362 17.11 3.42 -18.46
CA TYR B 362 16.56 4.57 -17.78
C TYR B 362 17.26 4.76 -16.43
N GLU B 363 17.78 5.96 -16.20
CA GLU B 363 18.52 6.29 -14.98
C GLU B 363 17.80 7.43 -14.27
N MET B 364 17.33 7.16 -13.07
CA MET B 364 16.56 8.13 -12.30
C MET B 364 17.29 8.47 -11.00
N THR B 365 17.17 9.73 -10.59
CA THR B 365 17.58 10.13 -9.24
C THR B 365 16.39 10.13 -8.30
N TRP B 366 16.58 9.48 -7.16
CA TRP B 366 15.59 9.36 -6.09
C TRP B 366 16.11 10.23 -4.95
N ASP B 367 15.45 11.35 -4.71
CA ASP B 367 16.02 12.45 -3.91
C ASP B 367 15.48 12.39 -2.49
N LEU B 368 16.26 11.81 -1.59
CA LEU B 368 15.88 11.67 -0.19
C LEU B 368 16.77 12.53 0.72
N LYS B 369 17.36 13.60 0.17
CA LYS B 369 18.23 14.45 0.97
C LYS B 369 17.50 15.10 2.14
N GLY B 370 16.21 15.41 1.97
CA GLY B 370 15.44 16.01 3.03
C GLY B 370 14.76 15.04 4.00
N TYR B 371 15.03 13.75 3.89
CA TYR B 371 14.40 12.71 4.73
C TYR B 371 15.51 11.90 5.40
N ASP B 372 15.77 12.13 6.67
CA ASP B 372 16.78 11.34 7.38
C ASP B 372 16.31 11.10 8.82
N LYS B 373 17.25 10.74 9.69
CA LYS B 373 16.87 10.29 11.04
C LYS B 373 16.14 11.37 11.83
N ASP B 374 16.28 12.63 11.46
CA ASP B 374 15.61 13.74 12.14
C ASP B 374 14.25 14.07 11.53
N PHE B 375 13.75 13.25 10.61
CA PHE B 375 12.47 13.55 9.98
C PHE B 375 11.35 13.45 11.00
N ALA B 376 10.34 14.31 10.84
CA ALA B 376 9.18 14.34 11.73
C ALA B 376 8.19 13.27 11.24
N PHE B 377 8.49 12.03 11.63
CA PHE B 377 7.68 10.89 11.19
C PHE B 377 6.24 11.00 11.67
N ASP B 378 6.02 11.64 12.81
CA ASP B 378 4.67 11.76 13.35
C ASP B 378 3.77 12.63 12.50
N THR B 379 4.32 13.42 11.58
CA THR B 379 3.48 14.24 10.70
C THR B 379 2.89 13.46 9.53
N VAL B 380 3.29 12.20 9.32
CA VAL B 380 2.87 11.48 8.13
C VAL B 380 2.26 10.15 8.53
N ASP B 381 1.50 9.57 7.59
CA ASP B 381 1.00 8.22 7.73
C ASP B 381 2.10 7.30 7.21
N LEU B 382 2.79 6.60 8.13
CA LEU B 382 3.93 5.80 7.72
C LEU B 382 3.54 4.69 6.73
N ALA B 383 2.29 4.21 6.82
CA ALA B 383 1.81 3.13 5.96
C ALA B 383 1.76 3.51 4.49
N THR B 384 1.86 4.80 4.15
CA THR B 384 1.90 5.20 2.76
C THR B 384 3.24 4.89 2.10
N GLY B 385 4.24 4.47 2.87
CA GLY B 385 5.49 3.96 2.35
C GLY B 385 6.44 4.98 1.74
N VAL B 386 7.65 4.53 1.43
CA VAL B 386 8.65 5.30 0.70
C VAL B 386 8.88 4.57 -0.62
N SER B 387 8.43 5.16 -1.72
CA SER B 387 8.49 4.42 -2.98
C SER B 387 8.84 5.32 -4.17
N PHE B 388 9.21 4.65 -5.26
CA PHE B 388 9.55 5.25 -6.55
C PHE B 388 8.80 4.48 -7.63
N PHE B 389 8.21 5.21 -8.58
CA PHE B 389 7.30 4.63 -9.57
C PHE B 389 7.77 5.05 -10.96
N ASP B 390 7.68 4.12 -11.91
CA ASP B 390 8.07 4.40 -13.28
C ASP B 390 7.00 3.88 -14.24
N ASP B 391 6.57 4.74 -15.15
CA ASP B 391 5.55 4.43 -16.15
C ASP B 391 6.25 4.42 -17.52
N TYR B 392 6.58 3.22 -18.00
CA TYR B 392 7.24 3.05 -19.29
C TYR B 392 6.22 2.61 -20.34
N ASP B 393 6.62 2.63 -21.61
CA ASP B 393 5.72 2.29 -22.72
C ASP B 393 5.86 0.81 -23.04
N GLU B 394 5.02 -0.01 -22.40
CA GLU B 394 5.09 -1.46 -22.56
C GLU B 394 4.74 -1.92 -23.96
N THR B 395 4.15 -1.07 -24.81
CA THR B 395 3.89 -1.42 -26.20
C THR B 395 5.13 -1.33 -27.07
N LYS B 396 6.21 -0.71 -26.58
CA LYS B 396 7.41 -0.52 -27.40
C LYS B 396 8.70 -0.99 -26.75
N VAL B 397 8.78 -1.12 -25.43
CA VAL B 397 9.98 -1.63 -24.78
C VAL B 397 9.61 -2.70 -23.77
N THR B 398 10.60 -3.54 -23.46
CA THR B 398 10.45 -4.63 -22.49
C THR B 398 11.52 -4.50 -21.41
N PRO B 399 11.14 -4.36 -20.14
CA PRO B 399 12.16 -4.21 -19.10
C PRO B 399 12.96 -5.50 -18.92
N ILE B 400 14.25 -5.36 -18.65
CA ILE B 400 15.09 -6.49 -18.25
C ILE B 400 14.97 -6.57 -16.73
N LYS B 401 13.94 -7.29 -16.27
CA LYS B 401 13.52 -7.15 -14.88
C LYS B 401 14.64 -7.49 -13.91
N ASP B 402 15.47 -8.48 -14.26
CA ASP B 402 16.55 -8.87 -13.36
C ASP B 402 17.58 -7.76 -13.12
N LEU B 403 17.70 -6.80 -14.04
CA LEU B 403 18.74 -5.78 -13.96
C LEU B 403 18.26 -4.46 -13.35
N LEU B 404 17.02 -4.39 -12.87
CA LEU B 404 16.59 -3.20 -12.13
C LEU B 404 17.41 -3.11 -10.84
N ARG B 405 18.11 -2.00 -10.64
CA ARG B 405 18.93 -1.81 -9.46
C ARG B 405 18.63 -0.45 -8.83
N VAL B 406 18.80 -0.38 -7.52
CA VAL B 406 18.86 0.88 -6.79
C VAL B 406 20.22 0.95 -6.14
N LYS B 407 20.94 2.05 -6.37
CA LYS B 407 22.22 2.29 -5.74
C LYS B 407 22.12 3.54 -4.87
N ASP B 408 22.97 3.60 -3.86
CA ASP B 408 23.06 4.78 -3.02
C ASP B 408 24.11 5.74 -3.60
N SER B 409 24.29 6.89 -2.95
CA SER B 409 25.18 7.91 -3.50
C SER B 409 26.65 7.49 -3.51
N LYS B 410 27.00 6.39 -2.84
CA LYS B 410 28.35 5.85 -2.85
C LYS B 410 28.53 4.72 -3.86
N GLY B 411 27.53 4.49 -4.71
CA GLY B 411 27.63 3.46 -5.72
C GLY B 411 27.40 2.05 -5.22
N VAL B 412 26.81 1.88 -4.04
CA VAL B 412 26.57 0.56 -3.47
C VAL B 412 25.17 0.09 -3.84
N ASP B 413 25.08 -1.13 -4.33
CA ASP B 413 23.78 -1.72 -4.65
C ASP B 413 22.99 -1.92 -3.35
N ILE B 414 21.81 -1.31 -3.27
CA ILE B 414 20.95 -1.50 -2.10
C ILE B 414 19.57 -1.95 -2.56
N THR B 415 19.51 -2.65 -3.69
CA THR B 415 18.22 -3.07 -4.24
C THR B 415 17.46 -3.96 -3.27
N ASN B 416 18.18 -4.79 -2.51
CA ASN B 416 17.55 -5.73 -1.57
C ASN B 416 16.76 -5.04 -0.47
N GLN B 417 16.82 -3.71 -0.35
CA GLN B 417 16.03 -3.00 0.64
C GLN B 417 14.60 -2.72 0.19
N PHE B 418 14.24 -3.08 -1.04
CA PHE B 418 12.95 -2.73 -1.62
C PHE B 418 12.25 -3.98 -2.14
N THR B 419 10.92 -3.93 -2.17
CA THR B 419 10.13 -4.84 -2.98
C THR B 419 9.85 -4.16 -4.31
N ILE B 420 9.91 -4.94 -5.38
CA ILE B 420 9.74 -4.45 -6.75
C ILE B 420 8.47 -5.08 -7.32
N SER B 421 7.46 -4.26 -7.61
CA SER B 421 6.17 -4.72 -8.09
C SER B 421 6.02 -4.33 -9.56
N TRP B 422 5.82 -5.32 -10.43
CA TRP B 422 5.67 -5.07 -11.85
C TRP B 422 4.19 -5.17 -12.22
N ASP B 423 3.71 -4.19 -12.99
CA ASP B 423 2.37 -4.20 -13.55
C ASP B 423 2.52 -4.25 -15.08
N ASP B 424 2.55 -5.46 -15.63
CA ASP B 424 2.87 -5.61 -17.04
C ASP B 424 1.79 -5.02 -17.94
N ALA B 425 0.52 -5.15 -17.54
CA ALA B 425 -0.58 -4.62 -18.34
C ALA B 425 -0.46 -3.12 -18.53
N LYS B 426 -0.29 -2.38 -17.43
CA LYS B 426 -0.16 -0.95 -17.53
C LYS B 426 1.27 -0.51 -17.81
N GLY B 427 2.23 -1.42 -17.79
CA GLY B 427 3.61 -1.05 -18.02
C GLY B 427 4.12 -0.05 -16.99
N THR B 428 4.09 -0.44 -15.71
CA THR B 428 4.62 0.36 -14.64
C THR B 428 5.42 -0.54 -13.69
N VAL B 429 6.33 0.07 -12.93
CA VAL B 429 7.06 -0.64 -11.89
C VAL B 429 7.13 0.25 -10.65
N THR B 430 6.83 -0.33 -9.49
CA THR B 430 6.86 0.39 -8.22
C THR B 430 7.90 -0.23 -7.31
N ILE B 431 8.81 0.58 -6.82
CA ILE B 431 9.92 0.15 -5.95
C ILE B 431 9.61 0.70 -4.58
N SER B 432 9.34 -0.17 -3.59
CA SER B 432 8.87 0.25 -2.27
C SER B 432 9.80 -0.25 -1.17
N ALA B 433 10.21 0.65 -0.28
CA ALA B 433 10.99 0.24 0.88
C ALA B 433 10.23 -0.82 1.68
N LYS B 434 10.92 -1.90 2.03
CA LYS B 434 10.29 -2.96 2.82
C LYS B 434 9.95 -2.46 4.22
N ASP B 435 10.81 -1.63 4.81
CA ASP B 435 10.65 -1.13 6.17
C ASP B 435 10.89 0.38 6.12
N PRO B 436 9.84 1.17 5.90
CA PRO B 436 10.07 2.57 5.48
C PRO B 436 10.80 3.43 6.51
N GLN B 437 10.32 3.45 7.76
CA GLN B 437 10.99 4.26 8.78
C GLN B 437 12.42 3.78 9.00
N ALA B 438 12.62 2.47 9.11
CA ALA B 438 13.97 1.94 9.24
C ALA B 438 14.81 2.31 8.03
N PHE B 439 14.21 2.25 6.83
CA PHE B 439 14.94 2.61 5.63
C PHE B 439 15.38 4.08 5.64
N ILE B 440 14.49 4.99 6.04
CA ILE B 440 14.87 6.40 6.07
C ILE B 440 16.03 6.63 7.04
N LEU B 441 16.06 5.88 8.15
CA LEU B 441 17.12 6.08 9.14
C LEU B 441 18.48 5.60 8.62
N ALA B 442 18.52 4.47 7.92
CA ALA B 442 19.80 3.93 7.50
C ALA B 442 20.27 4.42 6.14
N TYR B 443 19.34 4.83 5.26
CA TYR B 443 19.72 5.24 3.91
C TYR B 443 19.23 6.63 3.52
N GLY B 444 18.41 7.29 4.34
CA GLY B 444 17.95 8.62 4.02
C GLY B 444 19.08 9.64 4.03
N GLY B 445 18.76 10.83 3.54
CA GLY B 445 19.71 11.94 3.57
C GLY B 445 20.59 12.06 2.35
N GLN B 446 20.29 11.35 1.28
CA GLN B 446 21.14 11.31 0.10
C GLN B 446 20.25 11.11 -1.12
N GLU B 447 20.89 11.22 -2.28
CA GLU B 447 20.17 10.93 -3.54
C GLU B 447 20.47 9.49 -3.93
N LEU B 448 19.44 8.73 -4.26
CA LEU B 448 19.62 7.37 -4.74
C LEU B 448 19.51 7.36 -6.27
N ARG B 449 20.12 6.34 -6.88
CA ARG B 449 20.07 6.19 -8.33
C ARG B 449 19.37 4.88 -8.69
N VAL B 450 18.31 4.98 -9.47
CA VAL B 450 17.54 3.84 -9.93
C VAL B 450 17.92 3.58 -11.38
N THR B 451 18.21 2.32 -11.69
CA THR B 451 18.50 1.91 -13.07
C THR B 451 17.41 0.94 -13.49
N LEU B 452 16.74 1.25 -14.62
CA LEU B 452 15.67 0.43 -15.17
C LEU B 452 16.01 0.11 -16.63
N PRO B 453 16.80 -0.94 -16.88
CA PRO B 453 17.12 -1.29 -18.27
C PRO B 453 15.91 -1.85 -18.99
N THR B 454 15.69 -1.39 -20.22
CA THR B 454 14.67 -1.97 -21.10
C THR B 454 15.25 -2.25 -22.48
N LYS B 455 14.51 -3.02 -23.27
CA LYS B 455 14.91 -3.35 -24.64
C LYS B 455 13.78 -3.02 -25.60
N VAL B 456 14.15 -2.40 -26.72
CA VAL B 456 13.19 -2.02 -27.75
C VAL B 456 12.66 -3.29 -28.40
N LYS B 457 11.34 -3.37 -28.54
CA LYS B 457 10.70 -4.53 -29.14
C LYS B 457 10.94 -4.59 -30.64
N ALA B 458 10.74 -5.77 -31.21
CA ALA B 458 10.75 -5.89 -32.66
C ALA B 458 9.44 -5.34 -33.22
N ASP B 459 9.52 -4.79 -34.43
CA ASP B 459 8.32 -4.47 -35.23
C ASP B 459 7.43 -3.42 -34.56
N VAL B 460 8.06 -2.43 -33.91
CA VAL B 460 7.36 -1.26 -33.40
C VAL B 460 8.11 -0.03 -33.87
N SER B 461 7.41 1.11 -33.88
CA SER B 461 8.01 2.36 -34.33
C SER B 461 7.40 3.53 -33.56
N GLY B 462 7.97 4.71 -33.78
CA GLY B 462 7.43 5.93 -33.22
C GLY B 462 8.11 6.34 -31.93
N ASP B 463 7.45 7.25 -31.22
CA ASP B 463 7.99 7.83 -30.00
C ASP B 463 7.85 6.87 -28.81
N VAL B 464 8.85 6.90 -27.93
CA VAL B 464 8.91 6.07 -26.72
C VAL B 464 9.12 6.99 -25.53
N TYR B 465 8.08 7.23 -24.76
CA TYR B 465 8.16 8.08 -23.58
C TYR B 465 8.43 7.25 -22.32
N ASN B 466 9.13 7.87 -21.37
CA ASN B 466 9.23 7.37 -20.01
C ASN B 466 9.00 8.52 -19.05
N SER B 467 8.24 8.28 -17.99
CA SER B 467 8.21 9.21 -16.87
C SER B 467 8.21 8.44 -15.56
N ALA B 468 8.45 9.17 -14.47
CA ALA B 468 8.64 8.56 -13.17
C ALA B 468 8.06 9.48 -12.11
N GLU B 469 7.93 8.95 -10.89
CA GLU B 469 7.36 9.71 -9.80
C GLU B 469 7.93 9.19 -8.49
N GLN B 470 8.26 10.11 -7.59
CA GLN B 470 8.73 9.79 -6.26
C GLN B 470 7.58 9.97 -5.28
N ASN B 471 7.39 9.01 -4.37
CA ASN B 471 6.34 9.08 -3.36
C ASN B 471 6.95 8.85 -1.99
N THR B 472 7.04 9.92 -1.20
CA THR B 472 7.62 9.84 0.14
C THR B 472 6.49 10.13 1.13
N PHE B 473 5.95 9.06 1.73
CA PHE B 473 4.86 9.17 2.71
C PHE B 473 3.72 10.03 2.19
N GLY B 474 3.41 9.89 0.90
CA GLY B 474 2.31 10.62 0.30
C GLY B 474 2.68 11.91 -0.41
N GLN B 475 3.93 12.36 -0.31
CA GLN B 475 4.41 13.52 -1.06
C GLN B 475 4.85 13.04 -2.44
N ARG B 476 4.06 13.35 -3.46
CA ARG B 476 4.24 12.80 -4.81
C ARG B 476 4.84 13.87 -5.71
N ILE B 477 6.10 13.65 -6.13
CA ILE B 477 6.85 14.56 -6.99
C ILE B 477 7.21 13.82 -8.28
N LYS B 478 6.79 14.35 -9.42
CA LYS B 478 7.03 13.71 -10.71
C LYS B 478 8.39 14.11 -11.28
N THR B 479 9.00 13.19 -12.03
CA THR B 479 10.18 13.56 -12.79
C THR B 479 9.76 14.12 -14.15
N ASN B 480 10.75 14.63 -14.88
CA ASN B 480 10.58 15.00 -16.27
C ASN B 480 10.28 13.75 -17.10
N THR B 481 9.83 13.98 -18.33
CA THR B 481 9.62 12.92 -19.31
C THR B 481 10.77 12.93 -20.32
N VAL B 482 11.25 11.74 -20.68
CA VAL B 482 12.24 11.58 -21.74
C VAL B 482 11.61 10.78 -22.87
N VAL B 483 12.20 10.92 -24.06
CA VAL B 483 11.61 10.38 -25.27
C VAL B 483 12.72 9.86 -26.18
N ASN B 484 12.48 8.71 -26.77
CA ASN B 484 13.33 8.17 -27.83
C ASN B 484 12.47 7.93 -29.05
N HIS B 485 13.13 7.79 -30.19
CA HIS B 485 12.43 7.59 -31.45
C HIS B 485 12.92 6.29 -32.08
N ILE B 486 11.97 5.53 -32.62
CA ILE B 486 12.27 4.25 -33.28
C ILE B 486 11.83 4.41 -34.73
N PRO B 487 12.71 4.83 -35.64
CA PRO B 487 12.29 4.99 -37.04
C PRO B 487 11.86 3.66 -37.63
N LYS B 488 10.80 3.68 -38.44
CA LYS B 488 10.38 2.45 -39.12
C LYS B 488 11.49 1.93 -40.00
N VAL B 489 11.66 0.61 -40.01
CA VAL B 489 12.60 -0.03 -40.90
C VAL B 489 11.79 -0.94 -41.82
N ASN B 490 12.38 -1.29 -42.95
CA ASN B 490 11.68 -2.13 -43.91
C ASN B 490 12.67 -2.93 -44.75
N PRO B 491 13.26 -3.99 -44.22
CA PRO B 491 14.15 -4.79 -45.06
C PRO B 491 13.35 -5.46 -46.18
N LYS B 492 13.92 -5.48 -47.39
CA LYS B 492 13.22 -6.00 -48.56
C LYS B 492 13.93 -7.19 -49.19
N LYS B 493 13.16 -8.03 -49.86
CA LYS B 493 13.68 -9.13 -50.67
C LYS B 493 13.26 -8.90 -52.11
N ASP B 494 14.18 -9.14 -53.04
CA ASP B 494 13.86 -9.06 -54.45
C ASP B 494 14.50 -10.23 -55.19
N VAL B 495 14.29 -10.27 -56.50
CA VAL B 495 14.80 -11.33 -57.38
C VAL B 495 15.44 -10.65 -58.58
N VAL B 496 16.69 -11.01 -58.88
CA VAL B 496 17.40 -10.45 -60.03
C VAL B 496 18.14 -11.57 -60.77
N ILE B 497 18.36 -11.36 -62.08
CA ILE B 497 19.06 -12.37 -62.86
C ILE B 497 20.56 -12.32 -62.60
N LYS B 498 21.16 -11.12 -62.59
CA LYS B 498 22.57 -10.94 -62.29
C LYS B 498 22.72 -9.91 -61.19
N VAL B 499 23.73 -10.11 -60.33
CA VAL B 499 24.01 -9.19 -59.21
C VAL B 499 24.13 -7.79 -59.78
N GLY B 500 23.33 -6.86 -59.26
CA GLY B 500 23.38 -5.49 -59.70
C GLY B 500 22.36 -5.09 -60.77
N ASP B 501 21.55 -6.04 -61.26
CA ASP B 501 20.49 -5.67 -62.18
C ASP B 501 19.49 -4.72 -61.52
N LYS B 502 18.86 -3.92 -62.37
CA LYS B 502 17.79 -3.00 -61.98
C LYS B 502 16.40 -3.64 -62.03
N GLN B 503 16.18 -4.54 -62.99
CA GLN B 503 14.86 -5.11 -63.21
C GLN B 503 14.53 -6.17 -62.17
N SER B 504 13.49 -5.95 -61.38
CA SER B 504 13.00 -6.98 -60.48
C SER B 504 12.35 -8.13 -61.26
N GLN B 505 12.66 -9.36 -60.83
CA GLN B 505 11.96 -10.54 -61.33
C GLN B 505 10.90 -11.04 -60.37
N ASN B 506 10.56 -10.24 -59.35
CA ASN B 506 9.50 -10.62 -58.42
C ASN B 506 8.20 -10.82 -59.18
N GLY B 507 7.64 -12.03 -59.11
CA GLY B 507 6.46 -12.36 -59.87
C GLY B 507 6.70 -12.86 -61.28
N ALA B 508 7.96 -13.00 -61.69
CA ALA B 508 8.28 -13.35 -63.07
C ALA B 508 8.52 -14.84 -63.22
N THR B 509 8.73 -15.27 -64.46
CA THR B 509 9.00 -16.67 -64.76
C THR B 509 10.49 -16.94 -64.67
N ILE B 510 10.85 -18.04 -64.00
CA ILE B 510 12.22 -18.55 -63.96
C ILE B 510 12.20 -19.95 -64.55
N LYS B 511 12.98 -20.17 -65.61
CA LYS B 511 13.02 -21.45 -66.31
C LYS B 511 13.88 -22.46 -65.59
N LEU B 512 13.66 -23.74 -65.88
CA LEU B 512 14.49 -24.80 -65.33
C LEU B 512 15.95 -24.59 -65.73
N GLY B 513 16.87 -24.89 -64.80
CA GLY B 513 18.28 -24.70 -65.02
C GLY B 513 18.77 -23.26 -65.00
N GLU B 514 17.87 -22.29 -64.98
CA GLU B 514 18.27 -20.89 -64.93
C GLU B 514 18.87 -20.55 -63.58
N LYS B 515 19.97 -19.81 -63.59
CA LYS B 515 20.60 -19.28 -62.39
C LYS B 515 20.17 -17.84 -62.18
N PHE B 516 19.93 -17.47 -60.93
CA PHE B 516 19.54 -16.12 -60.58
C PHE B 516 19.99 -15.83 -59.16
N PHE B 517 19.59 -14.67 -58.64
CA PHE B 517 19.99 -14.23 -57.32
C PHE B 517 18.78 -13.75 -56.53
N TYR B 518 18.69 -14.17 -55.28
CA TYR B 518 17.83 -13.48 -54.32
C TYR B 518 18.63 -12.29 -53.82
N GLU B 519 18.01 -11.12 -53.85
CA GLU B 519 18.63 -9.87 -53.40
C GLU B 519 17.97 -9.41 -52.11
N PHE B 520 18.79 -8.97 -51.15
CA PHE B 520 18.30 -8.52 -49.86
C PHE B 520 18.80 -7.09 -49.62
N THR B 521 17.91 -6.23 -49.14
CA THR B 521 18.28 -4.87 -48.69
C THR B 521 18.01 -4.80 -47.19
N SER B 522 19.04 -4.46 -46.42
CA SER B 522 18.93 -4.51 -44.97
C SER B 522 18.07 -3.37 -44.44
N SER B 523 17.70 -3.49 -43.16
CA SER B 523 17.20 -2.36 -42.41
C SER B 523 18.22 -1.22 -42.45
N ASP B 524 17.70 0.02 -42.35
CA ASP B 524 18.51 1.22 -42.19
C ASP B 524 18.81 1.46 -40.72
N ILE B 525 20.08 1.73 -40.41
CA ILE B 525 20.37 2.43 -39.15
C ILE B 525 20.50 3.90 -39.49
N PRO B 526 19.79 4.78 -38.78
CA PRO B 526 19.75 6.20 -39.16
C PRO B 526 21.07 6.91 -38.90
N ALA B 527 21.22 8.06 -39.56
CA ALA B 527 22.27 8.99 -39.20
C ALA B 527 22.11 9.35 -37.73
N GLU B 528 23.25 9.48 -37.04
CA GLU B 528 23.30 9.77 -35.60
C GLU B 528 22.60 8.68 -34.77
N TYR B 529 22.63 7.45 -35.27
CA TYR B 529 22.09 6.31 -34.53
C TYR B 529 22.61 6.30 -33.10
N ALA B 530 21.69 6.23 -32.14
CA ALA B 530 22.05 6.31 -30.74
C ALA B 530 22.15 4.96 -30.04
N GLY B 531 21.76 3.87 -30.71
CA GLY B 531 21.89 2.55 -30.14
C GLY B 531 23.28 1.98 -30.36
N VAL B 532 23.37 0.65 -30.22
CA VAL B 532 24.60 -0.11 -30.47
C VAL B 532 24.19 -1.40 -31.16
N VAL B 533 24.67 -1.63 -32.38
CA VAL B 533 24.38 -2.88 -33.08
C VAL B 533 25.45 -3.87 -32.69
N GLU B 534 25.04 -5.00 -32.08
CA GLU B 534 25.94 -6.07 -31.70
C GLU B 534 25.70 -7.36 -32.45
N GLU B 535 24.69 -7.41 -33.31
CA GLU B 535 24.40 -8.58 -34.12
C GLU B 535 23.61 -8.13 -35.33
N TRP B 536 23.94 -8.68 -36.50
CA TRP B 536 23.23 -8.32 -37.73
C TRP B 536 23.42 -9.46 -38.72
N SER B 537 22.32 -10.11 -39.08
CA SER B 537 22.40 -11.28 -39.93
C SER B 537 21.11 -11.44 -40.71
N ILE B 538 21.16 -12.29 -41.75
CA ILE B 538 19.96 -12.71 -42.43
C ILE B 538 19.93 -14.22 -42.49
N SER B 539 18.73 -14.76 -42.41
CA SER B 539 18.50 -16.20 -42.58
C SER B 539 17.56 -16.38 -43.75
N ASP B 540 17.94 -17.25 -44.69
CA ASP B 540 17.08 -17.53 -45.84
C ASP B 540 16.87 -19.03 -45.91
N LYS B 541 15.65 -19.45 -45.57
CA LYS B 541 15.26 -20.86 -45.61
C LYS B 541 14.87 -21.16 -47.05
N LEU B 542 15.75 -21.86 -47.76
CA LEU B 542 15.51 -22.14 -49.17
C LEU B 542 14.60 -23.36 -49.32
N ASP B 543 13.74 -23.31 -50.34
CA ASP B 543 12.92 -24.44 -50.79
C ASP B 543 13.85 -25.33 -51.59
N VAL B 544 14.53 -26.25 -50.89
CA VAL B 544 15.62 -27.02 -51.46
C VAL B 544 15.18 -27.90 -52.63
N LYS B 545 13.89 -28.22 -52.73
CA LYS B 545 13.41 -28.99 -53.87
C LYS B 545 13.29 -28.15 -55.13
N HIS B 546 13.29 -26.82 -55.02
CA HIS B 546 13.14 -25.95 -56.17
C HIS B 546 14.31 -25.02 -56.40
N ASP B 547 15.00 -24.61 -55.34
CA ASP B 547 16.11 -23.66 -55.42
C ASP B 547 17.36 -24.35 -54.91
N LYS B 548 18.38 -24.46 -55.76
CA LYS B 548 19.63 -25.13 -55.40
C LYS B 548 20.71 -24.10 -55.12
N PHE B 549 21.20 -24.07 -53.88
CA PHE B 549 22.30 -23.20 -53.47
C PHE B 549 23.60 -23.97 -53.54
N SER B 550 24.56 -23.45 -54.32
CA SER B 550 25.87 -24.09 -54.45
C SER B 550 26.99 -23.24 -53.86
N GLY B 551 26.67 -22.36 -52.91
CA GLY B 551 27.67 -21.64 -52.17
C GLY B 551 27.99 -20.24 -52.63
N GLN B 552 27.22 -19.67 -53.56
CA GLN B 552 27.55 -18.38 -54.15
C GLN B 552 26.79 -17.26 -53.46
N TRP B 553 27.53 -16.29 -52.93
CA TRP B 553 26.92 -15.19 -52.21
C TRP B 553 27.87 -14.01 -52.24
N SER B 554 27.30 -12.81 -52.12
CA SER B 554 28.12 -11.60 -51.97
C SER B 554 27.34 -10.56 -51.16
N VAL B 555 28.08 -9.62 -50.58
CA VAL B 555 27.50 -8.52 -49.82
C VAL B 555 28.14 -7.22 -50.30
N PHE B 556 27.33 -6.18 -50.47
CA PHE B 556 27.78 -4.90 -51.00
C PHE B 556 27.40 -3.78 -50.05
N ALA B 557 28.30 -2.81 -49.90
CA ALA B 557 28.00 -1.61 -49.13
C ALA B 557 26.96 -0.78 -49.85
N ASN B 558 26.01 -0.26 -49.08
CA ASN B 558 25.00 0.68 -49.56
C ASN B 558 25.22 2.09 -48.99
N SER B 559 26.39 2.32 -48.39
CA SER B 559 26.76 3.59 -47.78
C SER B 559 28.28 3.67 -47.76
N ASN B 560 28.80 4.87 -47.50
CA ASN B 560 30.23 5.07 -47.29
C ASN B 560 30.53 5.00 -45.81
N PHE B 561 31.62 4.31 -45.44
CA PHE B 561 32.01 4.20 -44.04
C PHE B 561 33.47 3.75 -43.96
N VAL B 562 34.08 3.98 -42.79
CA VAL B 562 35.44 3.54 -42.54
C VAL B 562 35.42 2.41 -41.51
N LEU B 563 36.41 1.53 -41.60
CA LEU B 563 36.60 0.51 -40.58
C LEU B 563 37.39 1.11 -39.41
N ALA B 564 37.42 0.35 -38.30
CA ALA B 564 38.19 0.76 -37.14
C ALA B 564 39.66 0.97 -37.50
N ASP B 565 40.22 0.13 -38.37
CA ASP B 565 41.61 0.28 -38.79
C ASP B 565 41.80 1.31 -39.90
N GLY B 566 40.80 2.14 -40.16
CA GLY B 566 40.92 3.26 -41.09
C GLY B 566 40.52 2.98 -42.52
N THR B 567 40.57 1.73 -42.97
CA THR B 567 40.35 1.45 -44.38
C THR B 567 38.95 1.89 -44.80
N LYS B 568 38.90 2.68 -45.87
CA LYS B 568 37.66 3.27 -46.34
C LYS B 568 36.84 2.23 -47.10
N VAL B 569 35.51 2.41 -47.07
CA VAL B 569 34.58 1.60 -47.85
C VAL B 569 33.64 2.55 -48.56
N ASN B 570 33.48 2.37 -49.86
CA ASN B 570 32.64 3.23 -50.66
C ASN B 570 31.35 2.49 -51.02
N LYS B 571 30.26 3.24 -51.12
CA LYS B 571 28.99 2.68 -51.54
C LYS B 571 29.17 1.90 -52.85
N GLY B 572 28.62 0.69 -52.88
CA GLY B 572 28.75 -0.20 -54.03
C GLY B 572 29.92 -1.15 -53.94
N ASP B 573 30.86 -0.93 -53.01
CA ASP B 573 31.99 -1.84 -52.82
C ASP B 573 31.51 -3.22 -52.41
N ASP B 574 32.22 -4.23 -52.87
CA ASP B 574 32.03 -5.59 -52.40
C ASP B 574 32.64 -5.72 -51.00
N ILE B 575 31.82 -6.05 -50.01
CA ILE B 575 32.30 -6.21 -48.65
C ILE B 575 32.00 -7.61 -48.15
N SER B 576 31.97 -8.61 -49.06
CA SER B 576 31.75 -9.99 -48.62
C SER B 576 32.79 -10.42 -47.60
N LYS B 577 34.02 -9.91 -47.75
CA LYS B 577 35.10 -10.10 -46.78
C LYS B 577 34.71 -9.72 -45.35
N LEU B 578 33.72 -8.85 -45.20
CA LEU B 578 33.29 -8.41 -43.88
C LEU B 578 32.08 -9.18 -43.37
N PHE B 579 31.62 -10.18 -44.11
CA PHE B 579 30.49 -11.02 -43.72
C PHE B 579 30.93 -12.48 -43.78
N THR B 580 30.13 -13.37 -43.17
CA THR B 580 30.38 -14.79 -43.19
C THR B 580 29.10 -15.52 -43.60
N MET B 581 29.24 -16.75 -44.07
CA MET B 581 28.08 -17.50 -44.57
C MET B 581 28.18 -18.94 -44.14
N THR B 582 27.06 -19.47 -43.65
CA THR B 582 26.91 -20.88 -43.35
C THR B 582 25.71 -21.39 -44.12
N PHE B 583 25.75 -22.68 -44.42
CA PHE B 583 24.68 -23.34 -45.14
C PHE B 583 24.41 -24.64 -44.42
N ASP B 584 23.24 -24.76 -43.81
CA ASP B 584 22.96 -25.86 -42.90
C ASP B 584 21.45 -26.03 -42.82
N LYS B 585 20.99 -27.27 -43.00
CA LYS B 585 19.55 -27.59 -42.97
C LYS B 585 18.78 -26.74 -43.98
N GLY B 586 19.37 -26.52 -45.15
CA GLY B 586 18.71 -25.75 -46.19
C GLY B 586 18.57 -24.28 -45.89
N VAL B 587 19.31 -23.75 -44.91
CA VAL B 587 19.21 -22.35 -44.51
C VAL B 587 20.54 -21.67 -44.86
N VAL B 588 20.46 -20.60 -45.63
CA VAL B 588 21.61 -19.74 -45.89
C VAL B 588 21.59 -18.66 -44.82
N LYS B 589 22.66 -18.57 -44.01
CA LYS B 589 22.79 -17.52 -43.00
C LYS B 589 24.02 -16.69 -43.31
N ILE B 590 23.81 -15.40 -43.53
CA ILE B 590 24.87 -14.43 -43.80
C ILE B 590 24.90 -13.46 -42.63
N THR B 591 26.08 -13.32 -42.01
CA THR B 591 26.24 -12.67 -40.71
C THR B 591 27.33 -11.62 -40.81
N ALA B 592 27.06 -10.43 -40.29
CA ALA B 592 28.07 -9.38 -40.24
C ALA B 592 29.19 -9.77 -39.28
N SER B 593 30.42 -9.56 -39.71
CA SER B 593 31.57 -9.80 -38.84
C SER B 593 31.66 -8.72 -37.76
N GLN B 594 32.46 -9.01 -36.74
CA GLN B 594 32.69 -8.00 -35.71
C GLN B 594 33.35 -6.75 -36.30
N ALA B 595 34.18 -6.91 -37.35
CA ALA B 595 34.78 -5.77 -38.00
C ALA B 595 33.72 -4.85 -38.60
N PHE B 596 32.67 -5.43 -39.19
CA PHE B 596 31.60 -4.61 -39.75
C PHE B 596 30.77 -3.96 -38.64
N LEU B 597 30.44 -4.72 -37.59
CA LEU B 597 29.67 -4.16 -36.50
C LEU B 597 30.40 -2.98 -35.88
N ASP B 598 31.69 -3.17 -35.58
CA ASP B 598 32.49 -2.09 -35.01
C ASP B 598 32.45 -0.85 -35.90
N ALA B 599 32.51 -1.04 -37.22
CA ALA B 599 32.40 0.10 -38.12
C ALA B 599 31.04 0.78 -37.99
N MET B 600 29.95 0.01 -37.89
CA MET B 600 28.65 0.65 -37.79
C MET B 600 28.50 1.48 -36.50
N ASN B 601 29.27 1.16 -35.46
CA ASN B 601 29.16 1.86 -34.18
C ASN B 601 30.16 3.00 -34.02
N LEU B 602 31.09 3.20 -34.96
CA LEU B 602 32.07 4.27 -34.85
C LEU B 602 31.41 5.65 -34.96
N LYS B 603 31.78 6.57 -34.06
CA LYS B 603 31.22 7.92 -34.13
C LYS B 603 31.50 8.56 -35.48
N GLU B 604 32.67 8.26 -36.05
CA GLU B 604 33.06 8.78 -37.36
C GLU B 604 32.04 8.45 -38.45
N ASN B 605 31.32 7.35 -38.31
CA ASN B 605 30.35 6.95 -39.32
C ASN B 605 28.93 7.39 -39.02
N LYS B 606 28.72 8.17 -37.95
CA LYS B 606 27.37 8.51 -37.58
C LYS B 606 26.82 9.69 -38.36
N ASN B 607 27.62 10.29 -39.23
CA ASN B 607 27.15 11.39 -40.06
C ASN B 607 26.11 10.99 -41.11
N VAL B 608 25.99 9.69 -41.43
CA VAL B 608 25.07 9.23 -42.47
C VAL B 608 24.38 7.96 -41.98
N ALA B 609 23.29 7.61 -42.67
CA ALA B 609 22.62 6.32 -42.46
C ALA B 609 23.38 5.21 -43.17
N HIS B 610 23.16 3.98 -42.70
CA HIS B 610 23.89 2.82 -43.19
C HIS B 610 22.96 1.63 -43.43
N SER B 611 23.22 0.92 -44.52
CA SER B 611 22.51 -0.30 -44.88
C SER B 611 23.44 -1.11 -45.76
N TRP B 612 23.03 -2.33 -46.06
CA TRP B 612 23.83 -3.17 -46.93
C TRP B 612 22.91 -4.05 -47.77
N LYS B 613 23.47 -4.56 -48.87
CA LYS B 613 22.74 -5.41 -49.80
C LYS B 613 23.44 -6.75 -49.92
N ALA B 614 22.67 -7.83 -49.95
CA ALA B 614 23.23 -9.17 -50.05
C ALA B 614 22.61 -9.87 -51.25
N PHE B 615 23.38 -10.80 -51.82
CA PHE B 615 22.94 -11.58 -52.96
C PHE B 615 23.19 -13.04 -52.67
N ILE B 616 22.19 -13.88 -52.94
CA ILE B 616 22.28 -15.32 -52.73
C ILE B 616 22.02 -15.97 -54.08
N GLY B 617 23.01 -16.69 -54.59
CA GLY B 617 22.92 -17.31 -55.90
C GLY B 617 22.27 -18.67 -55.81
N VAL B 618 21.27 -18.90 -56.67
CA VAL B 618 20.57 -20.18 -56.71
C VAL B 618 20.31 -20.57 -58.15
N GLU B 619 19.99 -21.85 -58.34
CA GLU B 619 19.57 -22.40 -59.62
C GLU B 619 18.20 -23.03 -59.43
N ARG B 620 17.27 -22.68 -60.33
CA ARG B 620 15.93 -23.24 -60.32
C ARG B 620 16.02 -24.66 -60.87
N ILE B 621 15.67 -25.66 -60.05
CA ILE B 621 15.86 -27.06 -60.39
C ILE B 621 14.56 -27.83 -60.53
N ALA B 622 13.40 -27.20 -60.31
CA ALA B 622 12.13 -27.91 -60.50
C ALA B 622 11.05 -26.89 -60.85
N ALA B 623 9.93 -27.40 -61.34
CA ALA B 623 8.79 -26.58 -61.72
C ALA B 623 7.91 -26.25 -60.52
N GLY B 624 7.11 -25.21 -60.67
CA GLY B 624 6.13 -24.81 -59.68
C GLY B 624 6.32 -23.37 -59.22
N ASP B 625 5.45 -22.96 -58.30
CA ASP B 625 5.54 -21.66 -57.67
C ASP B 625 6.49 -21.74 -56.48
N VAL B 626 7.37 -20.73 -56.34
CA VAL B 626 8.41 -20.75 -55.32
C VAL B 626 8.36 -19.42 -54.57
N TYR B 627 8.07 -19.48 -53.27
CA TYR B 627 8.07 -18.29 -52.44
C TYR B 627 9.40 -18.16 -51.71
N ASN B 628 9.79 -16.92 -51.45
CA ASN B 628 10.96 -16.70 -50.61
C ASN B 628 10.73 -15.52 -49.70
N THR B 629 11.04 -15.73 -48.41
CA THR B 629 11.06 -14.70 -47.37
C THR B 629 12.37 -14.80 -46.62
N ILE B 630 12.93 -13.65 -46.25
CA ILE B 630 14.18 -13.57 -45.50
C ILE B 630 13.87 -13.05 -44.11
N GLU B 631 14.46 -13.67 -43.09
CA GLU B 631 14.38 -13.17 -41.73
C GLU B 631 15.67 -12.41 -41.42
N GLU B 632 15.54 -11.12 -41.14
CA GLU B 632 16.67 -10.27 -40.77
C GLU B 632 16.74 -10.16 -39.25
N SER B 633 17.91 -10.46 -38.70
CA SER B 633 18.15 -10.34 -37.27
C SER B 633 19.01 -9.11 -37.01
N PHE B 634 18.56 -8.25 -36.11
CA PHE B 634 19.29 -7.05 -35.71
C PHE B 634 19.23 -7.01 -34.20
N ASN B 635 20.39 -7.06 -33.53
CA ASN B 635 20.43 -7.16 -32.07
C ASN B 635 19.60 -8.34 -31.59
N ASN B 636 19.66 -9.42 -32.36
CA ASN B 636 19.03 -10.70 -32.05
C ASN B 636 17.51 -10.63 -32.09
N GLU B 637 16.95 -9.58 -32.67
CA GLU B 637 15.51 -9.42 -32.85
C GLU B 637 15.19 -9.61 -34.32
N LYS B 638 14.28 -10.54 -34.61
CA LYS B 638 14.00 -10.95 -35.99
C LYS B 638 12.76 -10.26 -36.53
N ILE B 639 12.84 -9.84 -37.80
CA ILE B 639 11.70 -9.37 -38.59
C ILE B 639 11.85 -9.92 -40.01
N LYS B 640 10.74 -9.98 -40.73
CA LYS B 640 10.71 -10.65 -42.03
C LYS B 640 10.61 -9.63 -43.16
N THR B 641 11.33 -9.88 -44.25
CA THR B 641 11.12 -9.13 -45.47
C THR B 641 9.72 -9.40 -46.01
N ASN B 642 9.38 -8.68 -47.07
CA ASN B 642 8.28 -9.09 -47.92
C ASN B 642 8.54 -10.50 -48.48
N THR B 643 7.48 -11.15 -48.93
CA THR B 643 7.58 -12.48 -49.53
C THR B 643 7.50 -12.34 -51.05
N VAL B 644 8.52 -12.83 -51.75
CA VAL B 644 8.54 -12.76 -53.19
C VAL B 644 8.07 -14.10 -53.75
N VAL B 645 7.75 -14.08 -55.05
CA VAL B 645 7.10 -15.18 -55.78
C VAL B 645 7.72 -15.25 -57.16
N THR B 646 8.14 -16.45 -57.57
CA THR B 646 8.53 -16.72 -58.95
C THR B 646 7.78 -17.95 -59.43
N HIS B 647 7.68 -18.09 -60.75
CA HIS B 647 6.87 -19.12 -61.37
C HIS B 647 7.71 -19.90 -62.36
N THR B 648 7.65 -21.22 -62.26
CA THR B 648 8.36 -22.12 -63.17
C THR B 648 7.32 -23.11 -63.70
N PRO B 649 6.69 -22.78 -64.83
CA PRO B 649 5.65 -23.67 -65.38
C PRO B 649 6.20 -25.03 -65.76
N GLU B 650 5.36 -26.04 -65.61
N GLU B 650 5.28 -25.99 -65.78
CA GLU B 650 5.70 -27.39 -66.06
CA GLU B 650 5.64 -27.39 -66.14
C GLU B 650 4.86 -27.75 -67.28
C GLU B 650 5.52 -27.56 -67.66
MG MG C . -11.50 1.92 15.34
MG MG D . 3.12 2.18 -18.91
#